data_4TYS
#
_entry.id   4TYS
#
_cell.length_a   140.690
_cell.length_b   140.570
_cell.length_c   199.020
_cell.angle_alpha   90.00
_cell.angle_beta   90.00
_cell.angle_gamma   90.00
#
_symmetry.space_group_name_H-M   'I 2 2 2'
#
loop_
_entity.id
_entity.type
_entity.pdbx_description
1 polymer Concanavalin-A
2 non-polymer 'bis{[(2R,3S,5R)-5-(6-amino-9H-purin-9-yl)-3-hydroxytetrahydrofuran-2-yl]methyl} hydrogen phosphate'
3 water water
#
_entity_poly.entity_id   1
_entity_poly.type   'polypeptide(L)'
_entity_poly.pdbx_seq_one_letter_code
;ADTIVAVELDTYPNTDIGDPSYPHIGIDIKSVRSKKTAKWNMQNGKVGTAHIIYNSVGKRLSAVVSYPNGDSATVSYDVD
LDNVLPEWVRVGLSASTGLYKETNTILSWSFTSKLKSNSTHETNALHFVFNQFSKDQKDLILQGDATTGTDGNLELTRVS
SNGSPQGSSVGRALFYAPVHIWESSAVVASFDATFTFLIKSSDSHPADGIAFFISNIDSSIPSGSTGRLLGLFPDAN
;
_entity_poly.pdbx_strand_id   A,B,C,D,E,F
#
loop_
_chem_comp.id
_chem_comp.type
_chem_comp.name
_chem_comp.formula
3XZ non-polymer 'bis{[(2R,3S,5R)-5-(6-amino-9H-purin-9-yl)-3-hydroxytetrahydrofuran-2-yl]methyl} hydrogen phosphate' 'C20 H25 N10 O8 P'
#
# COMPACT_ATOMS: atom_id res chain seq x y z
N ALA A 1 -24.87 -1.57 0.19
CA ALA A 1 -23.72 -0.94 -0.53
C ALA A 1 -22.42 -1.29 0.18
N ASP A 2 -21.73 -0.27 0.68
CA ASP A 2 -20.52 -0.49 1.44
C ASP A 2 -20.99 -0.69 2.88
N THR A 3 -20.03 -0.82 3.78
CA THR A 3 -20.22 -0.47 5.20
C THR A 3 -19.34 0.70 5.58
N ILE A 4 -19.95 1.76 6.09
CA ILE A 4 -19.19 2.98 6.23
C ILE A 4 -19.07 3.47 7.67
N VAL A 5 -17.82 3.77 8.03
CA VAL A 5 -17.50 4.64 9.15
C VAL A 5 -16.79 5.86 8.54
N ALA A 6 -17.27 7.07 8.88
CA ALA A 6 -16.75 8.29 8.27
C ALA A 6 -16.67 9.52 9.19
N VAL A 7 -15.81 10.47 8.82
CA VAL A 7 -15.72 11.77 9.50
C VAL A 7 -16.21 12.94 8.60
N GLU A 8 -17.41 13.46 8.90
CA GLU A 8 -18.10 14.46 8.03
C GLU A 8 -17.65 15.87 8.34
N LEU A 9 -17.26 16.62 7.32
CA LEU A 9 -17.13 18.09 7.46
C LEU A 9 -18.28 18.86 6.74
N ASP A 10 -19.51 18.59 7.18
CA ASP A 10 -20.79 19.12 6.66
C ASP A 10 -20.71 20.65 6.65
N THR A 11 -20.53 21.24 5.47
CA THR A 11 -20.56 22.71 5.35
C THR A 11 -21.98 23.23 5.18
N TYR A 12 -22.88 22.34 4.73
CA TYR A 12 -24.27 22.73 4.51
C TYR A 12 -25.23 22.07 5.49
N PRO A 13 -26.08 22.89 6.14
CA PRO A 13 -27.10 22.46 7.11
C PRO A 13 -28.34 21.74 6.49
N ASN A 14 -28.13 20.51 6.02
CA ASN A 14 -29.18 19.66 5.43
C ASN A 14 -30.18 19.17 6.51
N THR A 15 -31.13 20.01 6.94
CA THR A 15 -31.85 19.66 8.19
C THR A 15 -33.16 18.85 8.13
N ASP A 16 -33.71 18.64 6.93
CA ASP A 16 -34.86 17.74 6.86
C ASP A 16 -34.42 16.25 6.89
N ILE A 17 -33.10 15.92 6.76
CA ILE A 17 -32.67 14.53 6.79
C ILE A 17 -32.39 14.50 8.20
N GLY A 18 -31.44 15.35 8.57
CA GLY A 18 -31.09 15.65 9.95
C GLY A 18 -29.69 16.20 10.24
N ASP A 19 -29.47 17.51 10.04
CA ASP A 19 -28.22 18.15 10.52
C ASP A 19 -28.58 19.37 11.22
N PRO A 20 -27.99 19.54 12.39
CA PRO A 20 -28.24 20.85 13.06
C PRO A 20 -28.18 22.11 12.18
N SER A 21 -28.87 23.14 12.63
CA SER A 21 -29.08 24.39 11.88
C SER A 21 -27.82 25.12 11.37
N TYR A 22 -26.65 24.52 11.58
CA TYR A 22 -25.38 25.13 11.19
C TYR A 22 -24.44 24.14 10.56
N PRO A 23 -23.33 24.63 9.95
CA PRO A 23 -22.18 23.78 9.58
C PRO A 23 -21.55 23.09 10.80
N HIS A 24 -21.13 21.85 10.60
CA HIS A 24 -20.71 21.02 11.72
C HIS A 24 -19.69 19.98 11.31
N ILE A 25 -19.22 19.23 12.30
CA ILE A 25 -18.42 18.01 12.09
C ILE A 25 -19.04 16.82 12.82
N GLY A 26 -19.18 15.69 12.13
CA GLY A 26 -19.89 14.54 12.68
C GLY A 26 -19.19 13.20 12.59
N ILE A 27 -19.62 12.29 13.46
CA ILE A 27 -19.19 10.90 13.37
C ILE A 27 -20.37 10.08 12.82
N ASP A 28 -20.12 9.37 11.73
CA ASP A 28 -21.14 8.54 11.07
C ASP A 28 -20.81 7.06 11.18
N ILE A 29 -21.68 6.30 11.81
CA ILE A 29 -21.57 4.86 11.70
C ILE A 29 -22.77 4.38 10.86
N LYS A 30 -22.48 4.00 9.62
CA LYS A 30 -23.46 3.39 8.72
C LYS A 30 -24.66 4.28 8.34
N SER A 31 -24.55 5.59 8.57
CA SER A 31 -25.66 6.50 8.24
C SER A 31 -25.18 7.95 8.08
N VAL A 32 -25.77 8.67 7.11
CA VAL A 32 -25.60 10.13 6.96
C VAL A 32 -26.02 10.90 8.24
N ARG A 33 -26.86 10.28 9.08
CA ARG A 33 -27.27 10.83 10.39
C ARG A 33 -26.20 10.61 11.45
N SER A 34 -25.47 11.68 11.74
CA SER A 34 -24.32 11.62 12.61
C SER A 34 -24.72 11.13 13.99
N LYS A 35 -23.93 10.23 14.56
CA LYS A 35 -24.15 9.76 15.92
C LYS A 35 -23.75 10.82 16.96
N LYS A 36 -23.10 11.88 16.46
CA LYS A 36 -22.53 12.94 17.27
C LYS A 36 -22.07 14.09 16.36
N THR A 37 -22.51 15.32 16.67
CA THR A 37 -22.02 16.54 15.97
C THR A 37 -21.34 17.60 16.89
N ALA A 38 -20.56 18.48 16.27
CA ALA A 38 -20.00 19.62 16.97
C ALA A 38 -20.14 20.82 16.06
N LYS A 39 -20.43 21.98 16.64
CA LYS A 39 -20.52 23.20 15.85
C LYS A 39 -19.13 23.50 15.30
N TRP A 40 -19.07 23.80 14.01
CA TRP A 40 -17.81 24.15 13.39
C TRP A 40 -17.91 25.50 12.74
N ASN A 41 -16.81 26.21 12.74
CA ASN A 41 -16.77 27.60 12.33
C ASN A 41 -16.07 27.77 11.00
N MET A 42 -16.60 27.08 9.98
CA MET A 42 -16.02 27.02 8.64
C MET A 42 -15.40 28.38 8.23
N GLN A 43 -14.07 28.40 8.05
CA GLN A 43 -13.36 29.64 7.72
C GLN A 43 -12.96 29.67 6.23
N ASN A 44 -13.71 30.44 5.47
CA ASN A 44 -13.71 30.35 4.02
C ASN A 44 -12.46 30.88 3.35
N GLY A 45 -11.81 30.04 2.55
CA GLY A 45 -10.61 30.45 1.84
C GLY A 45 -9.31 30.10 2.54
N LYS A 46 -9.39 29.83 3.85
CA LYS A 46 -8.21 29.44 4.62
C LYS A 46 -7.95 27.94 4.51
N VAL A 47 -6.69 27.56 4.70
CA VAL A 47 -6.35 26.15 4.81
C VAL A 47 -6.55 25.67 6.25
N GLY A 48 -7.32 24.60 6.38
CA GLY A 48 -7.51 23.93 7.66
C GLY A 48 -6.92 22.52 7.67
N THR A 49 -6.65 22.02 8.86
CA THR A 49 -6.08 20.70 9.03
C THR A 49 -6.99 19.83 9.87
N ALA A 50 -7.14 18.57 9.49
CA ALA A 50 -7.98 17.67 10.25
C ALA A 50 -7.16 16.49 10.73
N HIS A 51 -7.46 16.05 11.95
CA HIS A 51 -6.86 14.87 12.57
C HIS A 51 -7.94 13.94 13.04
N ILE A 52 -7.81 12.66 12.74
CA ILE A 52 -8.70 11.64 13.30
C ILE A 52 -7.87 10.58 13.98
N ILE A 53 -8.29 10.13 15.16
CA ILE A 53 -7.51 9.18 15.97
C ILE A 53 -8.44 8.13 16.52
N TYR A 54 -8.01 6.87 16.50
CA TYR A 54 -8.69 5.79 17.23
C TYR A 54 -7.77 4.66 17.63
N ASN A 55 -7.84 4.30 18.91
CA ASN A 55 -7.25 3.06 19.43
C ASN A 55 -8.34 2.14 19.95
N SER A 56 -8.10 0.84 19.86
CA SER A 56 -9.11 -0.12 20.22
C SER A 56 -9.04 -0.47 21.70
N VAL A 57 -8.15 0.20 22.41
CA VAL A 57 -8.03 -0.01 23.85
C VAL A 57 -8.92 0.97 24.62
N GLY A 58 -8.83 2.25 24.26
CA GLY A 58 -9.66 3.32 24.80
C GLY A 58 -11.02 3.41 24.15
N LYS A 59 -11.15 2.86 22.95
CA LYS A 59 -12.45 2.66 22.26
C LYS A 59 -13.22 3.92 21.87
N ARG A 60 -12.53 5.05 21.77
CA ARG A 60 -13.21 6.31 21.57
C ARG A 60 -12.70 6.95 20.28
N LEU A 61 -13.37 6.71 19.15
CA LEU A 61 -13.02 7.33 17.86
C LEU A 61 -13.25 8.83 17.91
N SER A 62 -12.19 9.62 17.70
CA SER A 62 -12.21 11.09 17.86
C SER A 62 -11.91 11.88 16.59
N ALA A 63 -12.19 13.19 16.60
CA ALA A 63 -11.87 14.08 15.46
C ALA A 63 -11.64 15.57 15.82
N VAL A 64 -10.66 16.20 15.16
CA VAL A 64 -10.35 17.65 15.33
C VAL A 64 -10.21 18.42 14.01
N VAL A 65 -10.97 19.49 13.85
CA VAL A 65 -10.76 20.40 12.71
C VAL A 65 -10.34 21.75 13.23
N SER A 66 -9.25 22.30 12.67
CA SER A 66 -8.75 23.63 13.06
C SER A 66 -8.20 24.47 11.92
N TYR A 67 -7.95 25.72 12.23
CA TYR A 67 -7.40 26.69 11.30
C TYR A 67 -6.22 27.39 11.98
N PRO A 68 -5.36 28.10 11.21
CA PRO A 68 -4.19 28.74 11.84
C PRO A 68 -4.54 29.91 12.79
N ASN A 69 -5.74 30.48 12.66
CA ASN A 69 -6.24 31.44 13.65
C ASN A 69 -6.45 30.77 15.02
N GLY A 70 -6.76 29.47 15.00
CA GLY A 70 -6.81 28.69 16.22
C GLY A 70 -8.15 28.05 16.51
N ASP A 71 -9.18 28.45 15.76
CA ASP A 71 -10.53 27.95 15.98
C ASP A 71 -10.53 26.43 15.82
N SER A 72 -11.09 25.74 16.80
CA SER A 72 -11.03 24.26 16.84
C SER A 72 -12.39 23.61 17.07
N ALA A 73 -12.74 22.63 16.25
CA ALA A 73 -13.94 21.84 16.49
C ALA A 73 -13.59 20.38 16.84
N THR A 74 -14.32 19.82 17.80
CA THR A 74 -13.98 18.52 18.38
C THR A 74 -15.22 17.67 18.64
N VAL A 75 -15.10 16.37 18.39
CA VAL A 75 -16.20 15.42 18.65
C VAL A 75 -15.63 14.05 19.05
N SER A 76 -16.34 13.32 19.90
CA SER A 76 -15.93 11.94 20.24
C SER A 76 -17.03 10.93 20.01
N TYR A 77 -16.66 9.66 19.85
CA TYR A 77 -17.64 8.59 19.89
C TYR A 77 -17.06 7.27 20.41
N ASP A 78 -17.50 6.89 21.63
CA ASP A 78 -17.21 5.58 22.21
C ASP A 78 -17.75 4.52 21.23
N VAL A 79 -16.90 3.59 20.77
CA VAL A 79 -17.32 2.45 19.91
C VAL A 79 -16.27 1.33 19.69
N ASP A 80 -16.73 0.06 19.68
CA ASP A 80 -15.89 -1.09 19.28
C ASP A 80 -16.06 -1.28 17.79
N LEU A 81 -15.33 -0.49 16.99
CA LEU A 81 -15.36 -0.53 15.51
C LEU A 81 -15.15 -1.91 14.99
N ASP A 82 -14.41 -2.35 16.12
CA ASP A 82 -14.42 -3.80 16.07
C ASP A 82 -15.72 -4.43 15.54
N ASN A 83 -16.94 -4.06 15.55
CA ASN A 83 -18.25 -4.63 15.40
C ASN A 83 -18.95 -4.08 14.15
N VAL A 84 -18.22 -3.10 13.53
CA VAL A 84 -18.89 -2.53 12.36
C VAL A 84 -18.13 -2.78 11.04
N LEU A 85 -16.80 -2.83 11.09
CA LEU A 85 -15.95 -3.02 9.92
C LEU A 85 -15.41 -4.44 9.84
N PRO A 86 -15.18 -4.96 8.61
CA PRO A 86 -14.53 -6.27 8.39
C PRO A 86 -13.04 -6.29 8.73
N GLU A 87 -12.47 -7.49 8.86
CA GLU A 87 -11.02 -7.64 9.12
C GLU A 87 -10.22 -6.83 8.05
N TRP A 88 -10.73 -6.74 6.81
CA TRP A 88 -10.14 -5.92 5.70
C TRP A 88 -11.03 -4.83 5.10
N VAL A 89 -10.44 -3.63 5.03
CA VAL A 89 -11.09 -2.39 4.53
C VAL A 89 -10.16 -1.62 3.61
N ARG A 90 -10.69 -0.59 2.97
CA ARG A 90 -9.87 0.42 2.34
C ARG A 90 -10.03 1.79 3.01
N VAL A 91 -9.07 2.69 2.77
CA VAL A 91 -9.16 4.05 3.30
C VAL A 91 -9.20 5.08 2.15
N GLY A 92 -10.01 6.12 2.32
CA GLY A 92 -10.18 7.14 1.26
C GLY A 92 -10.73 8.49 1.67
N LEU A 93 -10.75 9.41 0.72
CA LEU A 93 -11.28 10.76 0.93
C LEU A 93 -12.48 11.04 0.01
N SER A 94 -13.52 11.68 0.55
CA SER A 94 -14.74 11.97 -0.21
C SER A 94 -15.17 13.41 -0.08
N ALA A 95 -15.75 13.95 -1.15
CA ALA A 95 -16.30 15.30 -1.17
C ALA A 95 -17.31 15.50 -2.31
N SER A 96 -18.41 16.18 -2.01
CA SER A 96 -19.45 16.46 -3.01
C SER A 96 -19.90 17.92 -3.04
N THR A 97 -20.69 18.24 -4.07
CA THR A 97 -21.45 19.48 -4.17
C THR A 97 -22.82 19.18 -4.77
N GLY A 98 -23.67 20.22 -4.82
CA GLY A 98 -24.99 20.19 -5.48
C GLY A 98 -25.40 21.54 -6.07
N LEU A 99 -26.58 22.01 -5.69
CA LEU A 99 -27.03 23.38 -5.97
C LEU A 99 -26.01 24.41 -5.53
N TYR A 100 -25.71 24.40 -4.23
CA TYR A 100 -24.64 25.21 -3.70
C TYR A 100 -23.37 24.40 -3.80
N LYS A 101 -22.22 25.07 -3.77
CA LYS A 101 -20.98 24.45 -4.18
C LYS A 101 -19.76 25.05 -3.47
N GLU A 102 -18.61 24.40 -3.66
CA GLU A 102 -17.33 24.83 -3.11
C GLU A 102 -16.21 24.06 -3.80
N THR A 103 -14.98 24.50 -3.58
CA THR A 103 -13.82 23.71 -3.94
C THR A 103 -13.62 22.71 -2.83
N ASN A 104 -13.03 21.57 -3.17
CA ASN A 104 -12.61 20.57 -2.21
C ASN A 104 -11.18 20.14 -2.54
N THR A 105 -10.22 20.97 -2.11
CA THR A 105 -8.80 20.83 -2.45
C THR A 105 -7.95 20.29 -1.28
N ILE A 106 -7.54 19.02 -1.37
CA ILE A 106 -6.72 18.38 -0.35
C ILE A 106 -5.25 18.61 -0.68
N LEU A 107 -4.53 19.28 0.22
CA LEU A 107 -3.14 19.62 -0.02
C LEU A 107 -2.14 18.55 0.47
N SER A 108 -2.57 17.77 1.46
CA SER A 108 -1.78 16.64 1.93
C SER A 108 -2.70 15.63 2.63
N TRP A 109 -2.26 14.38 2.75
CA TRP A 109 -3.05 13.34 3.43
C TRP A 109 -2.14 12.25 3.94
N SER A 110 -2.08 12.11 5.25
CA SER A 110 -1.21 11.11 5.90
C SER A 110 -2.00 10.24 6.88
N PHE A 111 -1.76 8.93 6.78
CA PHE A 111 -2.48 7.92 7.53
C PHE A 111 -1.46 6.91 8.08
N THR A 112 -1.71 6.40 9.29
CA THR A 112 -0.89 5.34 9.90
C THR A 112 -1.78 4.32 10.69
N SER A 113 -1.40 3.03 10.65
CA SER A 113 -2.12 1.96 11.38
C SER A 113 -1.19 0.83 11.82
N LYS A 114 -1.34 0.38 13.07
CA LYS A 114 -0.55 -0.75 13.63
C LYS A 114 -1.45 -1.81 14.28
N LEU A 115 -0.94 -3.05 14.36
CA LEU A 115 -1.58 -4.12 15.16
C LEU A 115 -0.56 -4.71 16.17
N LYS A 116 -0.43 -3.99 17.30
CA LYS A 116 0.53 -4.28 18.40
C LYS A 116 -0.10 -5.58 18.97
N SER A 117 0.48 -6.74 18.61
CA SER A 117 -0.07 -8.09 18.91
C SER A 117 0.51 -8.65 20.20
N THR A 123 4.53 -6.70 15.46
CA THR A 123 3.48 -5.81 14.95
C THR A 123 3.31 -5.92 13.45
N ASN A 124 2.16 -5.45 12.95
CA ASN A 124 1.98 -5.14 11.52
C ASN A 124 1.46 -3.71 11.35
N ALA A 125 2.08 -2.96 10.44
CA ALA A 125 1.85 -1.50 10.36
C ALA A 125 1.98 -0.89 8.98
N LEU A 126 1.13 0.11 8.73
CA LEU A 126 1.18 0.86 7.48
C LEU A 126 1.32 2.34 7.76
N HIS A 127 2.17 3.03 6.99
CA HIS A 127 2.37 4.49 7.14
C HIS A 127 2.67 5.13 5.82
N PHE A 128 1.63 5.69 5.22
CA PHE A 128 1.76 6.44 3.98
C PHE A 128 1.37 7.88 4.22
N VAL A 129 2.02 8.76 3.48
CA VAL A 129 1.86 10.19 3.66
C VAL A 129 2.05 10.89 2.32
N PHE A 130 1.01 11.60 1.91
CA PHE A 130 0.97 12.33 0.64
C PHE A 130 1.06 13.82 0.87
N ASN A 131 2.21 14.43 0.57
CA ASN A 131 2.41 15.86 0.76
C ASN A 131 2.21 16.67 -0.53
N GLN A 132 2.48 16.02 -1.66
CA GLN A 132 2.21 16.60 -2.98
C GLN A 132 1.76 15.46 -3.90
N PHE A 133 0.69 15.70 -4.65
CA PHE A 133 0.09 14.69 -5.53
C PHE A 133 0.49 14.86 -7.00
N SER A 134 0.63 13.74 -7.70
CA SER A 134 1.10 13.73 -9.08
C SER A 134 -0.07 13.82 -10.05
N LYS A 135 0.23 14.18 -11.29
CA LYS A 135 -0.73 14.14 -12.39
C LYS A 135 -1.32 12.74 -12.56
N ASP A 136 -0.45 11.74 -12.66
CA ASP A 136 -0.84 10.33 -12.59
C ASP A 136 -0.28 9.74 -11.29
N GLN A 137 -1.20 9.48 -10.36
CA GLN A 137 -0.87 8.91 -9.05
C GLN A 137 -1.21 7.43 -9.02
N LYS A 138 -0.24 6.59 -9.36
CA LYS A 138 -0.43 5.15 -9.50
C LYS A 138 -0.92 4.39 -8.24
N ASP A 139 -0.84 5.03 -7.09
CA ASP A 139 -1.22 4.40 -5.81
C ASP A 139 -2.49 5.00 -5.19
N LEU A 140 -3.28 5.69 -6.01
CA LEU A 140 -4.59 6.17 -5.59
C LEU A 140 -5.68 5.75 -6.57
N ILE A 141 -6.56 4.85 -6.15
CA ILE A 141 -7.82 4.65 -6.86
C ILE A 141 -8.57 5.99 -6.82
N LEU A 142 -9.05 6.43 -7.98
CA LEU A 142 -9.80 7.67 -8.07
C LEU A 142 -11.15 7.38 -8.65
N GLN A 143 -12.20 7.82 -7.97
CA GLN A 143 -13.56 7.68 -8.50
C GLN A 143 -14.23 9.05 -8.55
N GLY A 144 -15.24 9.17 -9.40
CA GLY A 144 -15.99 10.41 -9.50
C GLY A 144 -15.12 11.50 -10.08
N ASP A 145 -15.48 12.75 -9.81
CA ASP A 145 -14.82 13.90 -10.45
C ASP A 145 -13.43 14.18 -9.85
N ALA A 146 -12.94 13.24 -9.03
CA ALA A 146 -11.62 13.38 -8.41
C ALA A 146 -10.46 13.20 -9.42
N THR A 147 -9.51 14.13 -9.37
CA THR A 147 -8.46 14.22 -10.39
C THR A 147 -7.34 15.09 -9.81
N THR A 148 -6.09 14.77 -10.14
CA THR A 148 -4.92 15.37 -9.46
C THR A 148 -3.89 16.07 -10.37
N GLY A 149 -2.93 16.74 -9.72
CA GLY A 149 -1.68 17.12 -10.36
C GLY A 149 -1.52 18.53 -10.87
N THR A 150 -0.30 18.72 -11.18
CA THR A 150 0.21 19.99 -11.72
C THR A 150 0.28 21.24 -10.77
N ASP A 151 -0.86 21.52 -10.26
CA ASP A 151 -0.72 22.44 -9.11
C ASP A 151 -0.36 21.62 -7.85
N GLY A 152 -0.27 20.31 -8.02
CA GLY A 152 0.30 19.38 -7.04
C GLY A 152 -0.74 18.84 -6.09
N ASN A 153 -1.97 19.31 -6.28
CA ASN A 153 -3.03 19.08 -5.33
C ASN A 153 -4.05 18.06 -5.82
N LEU A 154 -4.67 17.40 -4.85
CA LEU A 154 -5.73 16.46 -5.11
C LEU A 154 -7.05 17.27 -5.23
N GLU A 155 -7.71 17.22 -6.40
CA GLU A 155 -9.02 17.91 -6.57
C GLU A 155 -10.20 16.95 -6.59
N LEU A 156 -10.87 16.85 -5.43
CA LEU A 156 -11.88 15.83 -5.17
C LEU A 156 -13.15 16.08 -5.96
N THR A 157 -13.51 17.35 -6.07
CA THR A 157 -14.66 17.77 -6.84
C THR A 157 -14.24 18.61 -8.02
N ARG A 158 -15.05 18.50 -9.06
CA ARG A 158 -14.83 19.19 -10.31
C ARG A 158 -14.56 20.66 -10.04
N VAL A 159 -13.46 21.14 -10.60
CA VAL A 159 -13.21 22.57 -10.68
C VAL A 159 -12.84 22.92 -12.11
N SER A 160 -13.55 23.90 -12.68
CA SER A 160 -13.30 24.32 -14.05
C SER A 160 -11.99 25.10 -14.14
N SER A 161 -11.75 25.65 -15.32
CA SER A 161 -10.56 26.45 -15.59
C SER A 161 -10.41 27.70 -14.68
N ASN A 162 -11.44 28.56 -14.65
CA ASN A 162 -11.33 29.85 -13.97
C ASN A 162 -11.52 29.78 -12.45
N GLY A 163 -10.83 28.84 -11.81
CA GLY A 163 -10.91 28.64 -10.36
C GLY A 163 -12.34 28.56 -9.83
N SER A 164 -13.24 28.00 -10.65
CA SER A 164 -14.66 27.95 -10.32
C SER A 164 -15.13 26.52 -10.05
N PRO A 165 -15.48 26.25 -8.77
CA PRO A 165 -16.16 25.04 -8.33
C PRO A 165 -17.44 24.77 -9.12
N GLN A 166 -17.70 23.49 -9.37
CA GLN A 166 -18.92 23.03 -10.05
C GLN A 166 -20.06 22.71 -9.09
N GLY A 167 -21.29 23.00 -9.54
CA GLY A 167 -22.47 22.51 -8.86
C GLY A 167 -22.63 21.05 -9.23
N SER A 168 -23.14 20.27 -8.28
CA SER A 168 -23.37 18.83 -8.49
C SER A 168 -22.13 18.08 -8.96
N SER A 169 -21.15 17.97 -8.07
CA SER A 169 -19.93 17.21 -8.27
C SER A 169 -19.78 16.20 -7.14
N VAL A 170 -19.04 15.13 -7.39
CA VAL A 170 -18.70 14.17 -6.34
C VAL A 170 -17.38 13.44 -6.71
N GLY A 171 -16.51 13.22 -5.73
CA GLY A 171 -15.25 12.52 -5.95
C GLY A 171 -14.65 11.78 -4.77
N ARG A 172 -13.86 10.75 -5.06
CA ARG A 172 -13.20 9.94 -4.03
C ARG A 172 -11.78 9.53 -4.48
N ALA A 173 -10.87 9.46 -3.50
CA ALA A 173 -9.51 8.95 -3.73
C ALA A 173 -9.15 7.94 -2.63
N LEU A 174 -8.67 6.77 -3.02
CA LEU A 174 -8.41 5.70 -2.03
C LEU A 174 -7.07 5.06 -2.28
N PHE A 175 -6.31 4.87 -1.20
CA PHE A 175 -5.02 4.20 -1.25
C PHE A 175 -5.12 2.82 -1.89
N TYR A 176 -4.10 2.44 -2.64
CA TYR A 176 -4.16 1.26 -3.50
C TYR A 176 -4.26 -0.03 -2.73
N ALA A 177 -3.70 -0.05 -1.53
CA ALA A 177 -3.56 -1.31 -0.79
C ALA A 177 -4.59 -1.44 0.32
N PRO A 178 -5.38 -2.55 0.29
CA PRO A 178 -6.37 -2.87 1.32
C PRO A 178 -5.73 -2.88 2.71
N VAL A 179 -6.36 -2.21 3.66
CA VAL A 179 -5.75 -1.96 4.97
C VAL A 179 -6.31 -2.90 6.04
N HIS A 180 -5.49 -3.80 6.53
CA HIS A 180 -5.85 -4.61 7.69
C HIS A 180 -6.02 -3.63 8.84
N ILE A 181 -7.18 -3.69 9.50
CA ILE A 181 -7.49 -2.67 10.49
C ILE A 181 -7.81 -3.23 11.86
N TRP A 182 -8.36 -4.44 11.90
CA TRP A 182 -8.42 -5.25 13.14
C TRP A 182 -8.20 -6.72 12.84
N GLU A 183 -7.72 -7.47 13.84
CA GLU A 183 -7.71 -8.95 13.79
C GLU A 183 -8.09 -9.53 15.14
N SER A 184 -8.34 -10.83 15.13
CA SER A 184 -8.58 -11.60 16.35
C SER A 184 -7.29 -11.67 17.16
N SER A 185 -6.15 -11.73 16.46
CA SER A 185 -4.77 -11.68 17.02
C SER A 185 -4.38 -10.34 17.67
N ALA A 186 -4.82 -9.25 17.05
CA ALA A 186 -4.48 -7.92 17.50
C ALA A 186 -4.85 -7.73 18.96
N VAL A 187 -3.85 -7.34 19.76
CA VAL A 187 -4.09 -6.91 21.13
C VAL A 187 -4.38 -5.41 21.12
N VAL A 188 -3.85 -4.72 20.11
CA VAL A 188 -4.13 -3.27 19.89
C VAL A 188 -4.34 -2.94 18.39
N ALA A 189 -5.58 -2.63 18.03
CA ALA A 189 -5.91 -2.23 16.68
C ALA A 189 -6.13 -0.72 16.65
N SER A 190 -5.11 0.01 16.20
CA SER A 190 -5.14 1.47 16.30
C SER A 190 -4.79 2.19 15.00
N PHE A 191 -5.50 3.29 14.73
CA PHE A 191 -5.20 4.10 13.55
C PHE A 191 -5.21 5.61 13.78
N ASP A 192 -4.40 6.33 13.00
CA ASP A 192 -4.51 7.79 12.90
C ASP A 192 -4.44 8.25 11.44
N ALA A 193 -4.90 9.48 11.19
CA ALA A 193 -5.06 10.00 9.83
C ALA A 193 -5.28 11.51 9.85
N THR A 194 -4.64 12.21 8.91
CA THR A 194 -4.62 13.68 8.89
C THR A 194 -4.80 14.22 7.49
N PHE A 195 -5.49 15.36 7.35
CA PHE A 195 -5.51 16.05 6.06
C PHE A 195 -5.68 17.58 6.08
N THR A 196 -4.94 18.25 5.21
CA THR A 196 -4.98 19.72 5.05
C THR A 196 -5.76 20.14 3.77
N PHE A 197 -6.90 20.79 3.99
CA PHE A 197 -7.90 21.09 2.95
C PHE A 197 -8.02 22.59 2.68
N LEU A 198 -8.65 22.92 1.56
CA LEU A 198 -9.00 24.30 1.20
C LEU A 198 -10.42 24.44 0.62
N ILE A 199 -11.37 24.69 1.51
CA ILE A 199 -12.74 25.01 1.11
C ILE A 199 -12.95 26.53 0.95
N LYS A 200 -13.30 26.93 -0.28
CA LYS A 200 -13.57 28.31 -0.60
C LYS A 200 -14.64 28.35 -1.69
N SER A 201 -15.68 29.16 -1.47
CA SER A 201 -16.83 29.25 -2.37
C SER A 201 -17.20 30.70 -2.63
N SER A 202 -18.46 30.95 -2.98
CA SER A 202 -18.98 32.34 -3.07
C SER A 202 -20.51 32.43 -2.89
N ASP A 203 -21.13 31.35 -2.43
CA ASP A 203 -22.60 31.24 -2.27
C ASP A 203 -23.14 31.92 -1.01
N SER A 204 -24.35 31.55 -0.60
CA SER A 204 -24.89 31.97 0.69
C SER A 204 -24.19 31.17 1.79
N HIS A 205 -24.34 29.85 1.75
CA HIS A 205 -23.50 28.93 2.48
C HIS A 205 -22.97 28.03 1.40
N PRO A 206 -21.70 27.59 1.52
CA PRO A 206 -21.11 26.62 0.59
C PRO A 206 -21.66 25.24 0.84
N ALA A 207 -21.29 24.28 -0.01
CA ALA A 207 -21.84 22.92 0.02
C ALA A 207 -20.99 21.99 -0.84
N ASP A 208 -20.87 20.70 -0.47
CA ASP A 208 -21.51 20.11 0.70
C ASP A 208 -20.58 19.75 1.87
N GLY A 209 -19.39 19.25 1.56
CA GLY A 209 -18.40 18.95 2.62
C GLY A 209 -17.26 18.04 2.18
N ILE A 210 -16.44 17.66 3.17
CA ILE A 210 -15.35 16.69 2.97
C ILE A 210 -15.38 15.61 4.05
N ALA A 211 -15.17 14.38 3.62
CA ALA A 211 -15.13 13.26 4.56
C ALA A 211 -13.91 12.36 4.37
N PHE A 212 -13.31 11.94 5.49
CA PHE A 212 -12.39 10.80 5.54
C PHE A 212 -13.30 9.60 5.75
N PHE A 213 -13.03 8.51 5.02
CA PHE A 213 -13.85 7.29 5.15
C PHE A 213 -13.07 5.96 5.26
N ILE A 214 -13.75 4.95 5.83
CA ILE A 214 -13.23 3.60 5.93
C ILE A 214 -14.34 2.68 5.40
N SER A 215 -13.99 1.64 4.64
CA SER A 215 -14.97 0.61 4.22
C SER A 215 -14.34 -0.56 3.46
N ASN A 216 -15.16 -1.56 3.14
CA ASN A 216 -14.77 -2.73 2.33
C ASN A 216 -13.90 -2.45 1.10
N ILE A 217 -12.96 -3.37 0.81
CA ILE A 217 -11.91 -3.17 -0.23
C ILE A 217 -12.46 -2.69 -1.57
N ASP A 218 -13.68 -3.13 -1.90
CA ASP A 218 -14.28 -2.85 -3.19
C ASP A 218 -15.32 -1.71 -3.21
N SER A 219 -15.19 -0.74 -2.32
CA SER A 219 -16.19 0.37 -2.25
C SER A 219 -16.13 1.32 -3.41
N SER A 220 -17.24 1.44 -4.12
CA SER A 220 -17.39 2.45 -5.18
C SER A 220 -18.34 3.57 -4.73
N ILE A 221 -18.67 4.49 -5.63
CA ILE A 221 -19.66 5.50 -5.28
C ILE A 221 -21.08 4.95 -5.35
N PRO A 222 -21.86 5.10 -4.27
CA PRO A 222 -23.26 4.71 -4.35
C PRO A 222 -24.04 5.77 -5.12
N SER A 223 -24.26 5.49 -6.41
CA SER A 223 -24.94 6.39 -7.37
C SER A 223 -26.08 7.19 -6.76
N GLY A 224 -26.17 8.45 -7.19
CA GLY A 224 -27.08 9.40 -6.57
C GLY A 224 -26.65 9.63 -5.12
N SER A 225 -25.49 10.26 -4.97
CA SER A 225 -24.99 10.64 -3.66
C SER A 225 -24.26 11.97 -3.79
N THR A 226 -24.71 12.81 -4.73
CA THR A 226 -24.14 14.14 -4.87
C THR A 226 -24.77 14.96 -3.77
N GLY A 227 -24.27 16.18 -3.59
CA GLY A 227 -24.77 17.07 -2.55
C GLY A 227 -24.74 16.46 -1.16
N ARG A 228 -25.88 16.55 -0.46
CA ARG A 228 -26.03 16.22 0.97
C ARG A 228 -25.65 14.81 1.45
N LEU A 229 -25.12 13.96 0.54
CA LEU A 229 -24.75 12.58 0.90
C LEU A 229 -23.26 12.26 0.82
N LEU A 230 -22.49 13.26 0.40
CA LEU A 230 -21.01 13.26 0.44
C LEU A 230 -20.35 12.12 -0.32
N GLY A 231 -21.09 11.53 -1.25
CA GLY A 231 -20.61 10.43 -2.06
C GLY A 231 -20.31 9.20 -1.26
N LEU A 232 -21.04 9.02 -0.16
CA LEU A 232 -20.78 7.94 0.81
C LEU A 232 -21.92 6.94 0.96
N PHE A 233 -23.16 7.43 1.04
CA PHE A 233 -24.36 6.60 1.28
C PHE A 233 -25.29 6.55 0.05
N PRO A 234 -26.00 5.42 -0.17
CA PRO A 234 -26.98 5.33 -1.27
C PRO A 234 -28.37 5.85 -0.92
N ASP A 235 -28.64 6.03 0.38
CA ASP A 235 -29.83 6.78 0.88
C ASP A 235 -29.57 7.56 2.20
N ALA A 236 -30.53 8.40 2.58
CA ALA A 236 -30.45 9.20 3.82
C ALA A 236 -31.24 8.58 4.98
N ASN A 237 -31.42 7.24 4.94
CA ASN A 237 -32.13 6.51 5.99
C ASN A 237 -31.44 6.53 7.36
N ALA B 1 -35.24 -5.73 -3.55
CA ALA B 1 -34.65 -5.14 -4.78
C ALA B 1 -34.64 -3.60 -4.74
N ASP B 2 -35.80 -2.99 -4.99
CA ASP B 2 -35.90 -1.54 -5.18
C ASP B 2 -36.19 -0.73 -3.89
N THR B 3 -36.57 0.54 -4.06
CA THR B 3 -37.08 1.41 -2.96
C THR B 3 -38.53 1.80 -3.20
N ILE B 4 -39.43 1.08 -2.55
CA ILE B 4 -40.82 1.22 -2.87
C ILE B 4 -41.46 2.33 -2.04
N VAL B 5 -42.22 3.17 -2.73
CA VAL B 5 -43.25 4.01 -2.12
C VAL B 5 -44.54 3.69 -2.88
N ALA B 6 -45.51 3.10 -2.18
CA ALA B 6 -46.71 2.50 -2.82
C ALA B 6 -48.07 2.74 -2.13
N VAL B 7 -49.13 2.52 -2.91
CA VAL B 7 -50.52 2.59 -2.45
C VAL B 7 -51.19 1.24 -2.80
N GLU B 8 -51.56 0.47 -1.79
CA GLU B 8 -52.16 -0.86 -1.98
C GLU B 8 -53.69 -0.84 -2.05
N LEU B 9 -54.25 -1.61 -3.01
CA LEU B 9 -55.65 -2.07 -2.93
C LEU B 9 -55.74 -3.55 -2.48
N ASP B 10 -55.39 -3.77 -1.21
CA ASP B 10 -55.17 -5.09 -0.57
C ASP B 10 -56.49 -5.83 -0.42
N THR B 11 -56.75 -6.77 -1.33
CA THR B 11 -58.03 -7.48 -1.35
C THR B 11 -57.97 -8.77 -0.55
N TYR B 12 -56.78 -9.21 -0.19
CA TYR B 12 -56.68 -10.37 0.69
C TYR B 12 -56.11 -10.00 2.06
N PRO B 13 -56.89 -10.33 3.12
CA PRO B 13 -56.50 -10.16 4.52
C PRO B 13 -55.43 -11.16 4.99
N ASN B 14 -54.17 -10.87 4.64
CA ASN B 14 -53.00 -11.67 5.05
C ASN B 14 -52.56 -11.25 6.46
N THR B 15 -53.40 -11.50 7.46
CA THR B 15 -53.18 -10.85 8.77
C THR B 15 -52.01 -11.40 9.56
N ASP B 16 -51.43 -12.50 9.07
CA ASP B 16 -50.23 -13.06 9.70
C ASP B 16 -48.93 -12.40 9.16
N ILE B 17 -49.11 -11.33 8.36
CA ILE B 17 -48.01 -10.40 8.04
C ILE B 17 -48.32 -8.90 8.18
N GLY B 18 -49.41 -8.55 8.84
CA GLY B 18 -49.63 -7.14 9.15
C GLY B 18 -50.95 -6.53 8.73
N ASP B 19 -51.39 -6.82 7.49
CA ASP B 19 -52.73 -6.36 7.02
C ASP B 19 -53.78 -6.54 8.13
N PRO B 20 -54.76 -5.63 8.20
CA PRO B 20 -55.84 -5.81 9.19
C PRO B 20 -56.89 -6.83 8.71
N SER B 21 -57.84 -7.15 9.57
CA SER B 21 -58.76 -8.27 9.33
C SER B 21 -59.89 -8.08 8.29
N TYR B 22 -59.68 -7.23 7.28
CA TYR B 22 -60.66 -6.99 6.18
C TYR B 22 -59.97 -6.38 4.95
N PRO B 23 -60.60 -6.52 3.77
CA PRO B 23 -60.07 -5.85 2.58
C PRO B 23 -59.92 -4.35 2.85
N HIS B 24 -58.72 -3.85 2.60
CA HIS B 24 -58.34 -2.51 3.01
C HIS B 24 -57.63 -1.77 1.90
N ILE B 25 -57.57 -0.42 2.00
CA ILE B 25 -56.57 0.36 1.25
C ILE B 25 -55.55 1.05 2.16
N GLY B 26 -54.26 0.91 1.81
CA GLY B 26 -53.13 1.34 2.65
C GLY B 26 -52.02 2.10 1.92
N ILE B 27 -51.22 2.82 2.68
CA ILE B 27 -50.04 3.54 2.18
C ILE B 27 -48.82 2.76 2.69
N ASP B 28 -47.92 2.41 1.77
CA ASP B 28 -46.85 1.47 2.04
C ASP B 28 -45.49 2.09 1.80
N ILE B 29 -44.95 2.81 2.78
CA ILE B 29 -43.59 3.30 2.64
C ILE B 29 -42.61 2.16 2.90
N LYS B 30 -41.75 1.90 1.91
CA LYS B 30 -40.61 0.96 2.00
C LYS B 30 -40.89 -0.37 2.68
N SER B 31 -42.14 -0.78 2.77
CA SER B 31 -42.52 -2.02 3.44
C SER B 31 -43.94 -2.39 3.12
N VAL B 32 -44.16 -3.70 2.94
CA VAL B 32 -45.50 -4.30 2.81
C VAL B 32 -46.30 -4.16 4.11
N ARG B 33 -45.72 -3.48 5.10
CA ARG B 33 -46.41 -3.10 6.33
C ARG B 33 -46.98 -1.69 6.19
N SER B 34 -48.31 -1.63 6.08
CA SER B 34 -49.02 -0.40 5.78
C SER B 34 -48.87 0.58 6.93
N LYS B 35 -48.22 1.70 6.65
CA LYS B 35 -48.00 2.75 7.63
C LYS B 35 -49.32 3.42 8.05
N LYS B 36 -50.37 3.13 7.28
CA LYS B 36 -51.71 3.66 7.49
C LYS B 36 -52.71 2.88 6.62
N THR B 37 -53.79 2.35 7.23
CA THR B 37 -54.84 1.59 6.51
C THR B 37 -56.27 2.14 6.73
N ALA B 38 -57.15 1.89 5.78
CA ALA B 38 -58.56 2.20 5.93
C ALA B 38 -59.44 1.09 5.33
N LYS B 39 -60.54 0.78 6.00
CA LYS B 39 -61.45 -0.30 5.55
C LYS B 39 -62.06 0.04 4.19
N TRP B 40 -61.96 -0.91 3.27
CA TRP B 40 -62.50 -0.71 1.94
C TRP B 40 -63.59 -1.69 1.65
N ASN B 41 -64.62 -1.20 1.00
CA ASN B 41 -65.71 -2.03 0.55
C ASN B 41 -65.53 -2.38 -0.94
N MET B 42 -64.80 -3.46 -1.19
CA MET B 42 -64.53 -3.96 -2.54
C MET B 42 -65.83 -4.37 -3.25
N GLN B 43 -66.04 -3.87 -4.47
CA GLN B 43 -67.25 -4.18 -5.26
C GLN B 43 -66.92 -5.00 -6.49
N ASN B 44 -67.11 -6.31 -6.36
CA ASN B 44 -66.68 -7.30 -7.36
C ASN B 44 -67.22 -7.09 -8.78
N GLY B 45 -66.32 -7.10 -9.76
CA GLY B 45 -66.71 -6.99 -11.16
C GLY B 45 -67.22 -5.62 -11.52
N LYS B 46 -66.93 -4.64 -10.67
CA LYS B 46 -67.32 -3.25 -10.88
C LYS B 46 -66.10 -2.41 -11.18
N VAL B 47 -66.30 -1.40 -12.01
CA VAL B 47 -65.29 -0.38 -12.30
C VAL B 47 -65.23 0.68 -11.19
N GLY B 48 -64.09 0.69 -10.50
CA GLY B 48 -63.76 1.79 -9.58
C GLY B 48 -62.61 2.63 -10.11
N THR B 49 -62.30 3.71 -9.41
CA THR B 49 -61.15 4.56 -9.75
C THR B 49 -60.34 4.81 -8.51
N ALA B 50 -59.07 5.15 -8.69
CA ALA B 50 -58.28 5.60 -7.58
C ALA B 50 -57.52 6.87 -7.95
N HIS B 51 -57.47 7.80 -6.99
CA HIS B 51 -56.67 9.02 -7.08
C HIS B 51 -55.74 9.04 -5.93
N ILE B 52 -54.44 9.15 -6.21
CA ILE B 52 -53.43 9.46 -5.19
C ILE B 52 -52.96 10.89 -5.44
N ILE B 53 -52.78 11.66 -4.38
CA ILE B 53 -52.35 13.04 -4.54
C ILE B 53 -51.23 13.28 -3.53
N TYR B 54 -50.20 14.02 -3.93
CA TYR B 54 -49.20 14.55 -2.99
C TYR B 54 -48.58 15.84 -3.47
N ASN B 55 -48.86 16.91 -2.74
CA ASN B 55 -48.11 18.17 -2.83
C ASN B 55 -47.08 18.14 -1.72
N SER B 56 -45.87 18.59 -2.04
CA SER B 56 -44.77 18.53 -1.08
C SER B 56 -44.77 19.71 -0.14
N VAL B 57 -45.87 20.48 -0.14
CA VAL B 57 -45.95 21.57 0.79
C VAL B 57 -46.58 21.12 2.10
N GLY B 58 -47.85 20.72 2.04
CA GLY B 58 -48.54 20.14 3.20
C GLY B 58 -47.99 18.79 3.63
N LYS B 59 -47.18 18.18 2.75
CA LYS B 59 -46.45 16.95 3.02
C LYS B 59 -47.34 15.74 3.36
N ARG B 60 -48.56 15.72 2.82
CA ARG B 60 -49.49 14.66 3.06
C ARG B 60 -49.72 13.85 1.80
N LEU B 61 -49.55 12.53 1.87
CA LEU B 61 -49.86 11.64 0.77
C LEU B 61 -51.30 11.14 0.93
N SER B 62 -52.12 11.33 -0.10
CA SER B 62 -53.54 11.00 -0.04
C SER B 62 -53.96 9.98 -1.10
N ALA B 63 -54.90 9.11 -0.75
CA ALA B 63 -55.45 8.12 -1.70
C ALA B 63 -56.94 7.88 -1.51
N VAL B 64 -57.68 7.81 -2.62
CA VAL B 64 -59.10 7.51 -2.60
C VAL B 64 -59.45 6.39 -3.57
N VAL B 65 -60.21 5.39 -3.10
CA VAL B 65 -60.89 4.47 -4.00
C VAL B 65 -62.38 4.60 -3.77
N SER B 66 -63.09 4.73 -4.88
CA SER B 66 -64.55 4.83 -4.87
C SER B 66 -65.11 4.15 -6.10
N TYR B 67 -66.37 3.75 -5.96
CA TYR B 67 -67.10 3.09 -7.02
C TYR B 67 -68.17 4.03 -7.57
N PRO B 68 -68.90 3.61 -8.64
CA PRO B 68 -69.88 4.56 -9.17
C PRO B 68 -71.04 4.77 -8.19
N ASN B 69 -71.41 3.72 -7.46
CA ASN B 69 -72.41 3.81 -6.39
C ASN B 69 -72.19 4.95 -5.41
N GLY B 70 -70.94 5.40 -5.28
CA GLY B 70 -70.62 6.52 -4.42
C GLY B 70 -69.78 6.17 -3.22
N ASP B 71 -69.69 4.88 -2.91
CA ASP B 71 -68.98 4.40 -1.72
C ASP B 71 -67.48 4.65 -1.84
N SER B 72 -66.90 5.22 -0.80
CA SER B 72 -65.50 5.67 -0.79
C SER B 72 -64.61 4.89 0.18
N ALA B 73 -63.30 5.03 0.02
CA ALA B 73 -62.37 4.72 1.08
C ALA B 73 -61.28 5.76 1.04
N THR B 74 -60.80 6.19 2.22
CA THR B 74 -59.80 7.27 2.27
C THR B 74 -58.80 7.08 3.41
N VAL B 75 -57.55 7.50 3.17
CA VAL B 75 -56.45 7.34 4.12
C VAL B 75 -55.35 8.33 3.79
N SER B 76 -54.69 8.87 4.81
CA SER B 76 -53.66 9.87 4.55
C SER B 76 -52.38 9.61 5.32
N TYR B 77 -51.24 10.00 4.73
CA TYR B 77 -49.96 9.91 5.44
C TYR B 77 -48.96 11.07 5.22
N ASP B 78 -48.80 11.88 6.28
CA ASP B 78 -47.83 12.98 6.37
C ASP B 78 -46.38 12.47 6.21
N VAL B 79 -45.69 12.88 5.12
CA VAL B 79 -44.26 12.50 4.90
C VAL B 79 -43.45 13.31 3.85
N ASP B 80 -42.21 13.64 4.22
CA ASP B 80 -41.22 14.23 3.27
C ASP B 80 -40.80 13.06 2.46
N LEU B 81 -41.35 12.92 1.26
CA LEU B 81 -40.96 11.84 0.33
C LEU B 81 -39.55 12.09 -0.22
N ASP B 82 -39.24 13.40 -0.35
CA ASP B 82 -37.92 13.83 0.08
C ASP B 82 -37.68 12.88 1.24
N ASN B 83 -36.42 12.32 1.37
CA ASN B 83 -36.15 11.41 2.52
C ASN B 83 -36.50 9.94 2.32
N VAL B 84 -37.04 9.60 1.16
CA VAL B 84 -37.35 8.19 0.93
C VAL B 84 -37.16 7.80 -0.54
N LEU B 85 -37.35 8.76 -1.44
CA LEU B 85 -37.11 8.52 -2.87
C LEU B 85 -35.93 9.36 -3.36
N PRO B 86 -35.15 8.82 -4.31
CA PRO B 86 -34.10 9.60 -4.94
C PRO B 86 -34.68 10.71 -5.80
N GLU B 87 -33.85 11.71 -6.07
CA GLU B 87 -34.15 12.76 -7.05
C GLU B 87 -34.80 12.14 -8.33
N TRP B 88 -34.29 11.01 -8.83
CA TRP B 88 -34.85 10.28 -10.02
C TRP B 88 -35.49 8.94 -9.73
N VAL B 89 -36.72 8.78 -10.20
CA VAL B 89 -37.51 7.55 -9.96
C VAL B 89 -38.08 6.94 -11.24
N ARG B 90 -38.83 5.85 -11.08
CA ARG B 90 -39.82 5.46 -12.05
C ARG B 90 -41.22 5.34 -11.42
N VAL B 91 -42.24 5.30 -12.28
CA VAL B 91 -43.64 5.12 -11.87
C VAL B 91 -44.31 3.97 -12.66
N GLY B 92 -45.38 3.41 -12.09
CA GLY B 92 -46.06 2.27 -12.71
C GLY B 92 -47.13 1.63 -11.86
N LEU B 93 -47.63 0.49 -12.33
CA LEU B 93 -48.68 -0.25 -11.62
C LEU B 93 -48.29 -1.73 -11.41
N SER B 94 -48.73 -2.31 -10.31
CA SER B 94 -48.39 -3.69 -9.99
C SER B 94 -49.57 -4.42 -9.34
N ALA B 95 -49.81 -5.68 -9.78
CA ALA B 95 -50.87 -6.55 -9.23
C ALA B 95 -50.43 -8.00 -9.20
N SER B 96 -51.12 -8.81 -8.40
CA SER B 96 -50.77 -10.22 -8.26
C SER B 96 -51.93 -11.13 -7.87
N THR B 97 -51.67 -12.44 -7.89
CA THR B 97 -52.59 -13.47 -7.37
C THR B 97 -51.82 -14.61 -6.72
N GLY B 98 -52.45 -15.22 -5.59
CA GLY B 98 -51.82 -16.53 -5.34
C GLY B 98 -52.62 -17.83 -5.15
N LEU B 99 -53.50 -18.03 -3.95
CA LEU B 99 -53.97 -19.40 -3.68
C LEU B 99 -55.22 -19.05 -4.47
N TYR B 100 -55.83 -17.93 -4.07
CA TYR B 100 -56.95 -17.37 -4.76
C TYR B 100 -56.57 -16.39 -5.89
N LYS B 101 -57.58 -15.74 -6.48
CA LYS B 101 -57.40 -15.03 -7.76
C LYS B 101 -58.39 -13.89 -7.98
N GLU B 102 -58.14 -13.11 -9.04
CA GLU B 102 -59.01 -12.03 -9.50
C GLU B 102 -58.50 -11.47 -10.84
N THR B 103 -59.42 -10.99 -11.67
CA THR B 103 -59.06 -10.21 -12.86
C THR B 103 -58.44 -8.93 -12.35
N ASN B 104 -57.28 -8.58 -12.87
CA ASN B 104 -56.58 -7.37 -12.48
C ASN B 104 -56.44 -6.45 -13.68
N THR B 105 -57.54 -5.75 -13.97
CA THR B 105 -57.75 -5.07 -15.26
C THR B 105 -57.80 -3.53 -15.17
N ILE B 106 -56.67 -2.89 -15.44
CA ILE B 106 -56.60 -1.43 -15.58
C ILE B 106 -57.23 -0.95 -16.90
N LEU B 107 -58.30 -0.16 -16.80
CA LEU B 107 -58.97 0.42 -17.97
C LEU B 107 -58.31 1.71 -18.45
N SER B 108 -57.71 2.46 -17.51
CA SER B 108 -56.97 3.67 -17.85
C SER B 108 -56.02 4.06 -16.74
N TRP B 109 -54.92 4.70 -17.10
CA TRP B 109 -53.98 5.20 -16.12
C TRP B 109 -53.42 6.52 -16.53
N SER B 110 -53.52 7.48 -15.62
CA SER B 110 -53.10 8.87 -15.87
C SER B 110 -52.23 9.39 -14.71
N PHE B 111 -51.10 10.02 -15.07
CA PHE B 111 -50.13 10.56 -14.12
C PHE B 111 -49.59 11.91 -14.58
N THR B 112 -49.29 12.78 -13.61
CA THR B 112 -48.82 14.14 -13.84
C THR B 112 -47.91 14.62 -12.69
N SER B 113 -46.89 15.43 -13.03
CA SER B 113 -46.00 16.00 -12.02
C SER B 113 -45.36 17.31 -12.49
N LYS B 114 -45.27 18.29 -11.59
CA LYS B 114 -44.60 19.56 -11.84
C LYS B 114 -43.48 19.79 -10.80
N LEU B 115 -42.55 20.70 -11.09
CA LEU B 115 -41.57 21.15 -10.08
C LEU B 115 -41.48 22.68 -10.07
N LYS B 116 -42.60 23.33 -9.66
CA LYS B 116 -42.74 24.80 -9.55
C LYS B 116 -41.37 25.09 -8.90
N SER B 117 -40.66 26.12 -9.42
CA SER B 117 -39.22 26.29 -9.11
C SER B 117 -39.02 27.71 -8.60
N THR B 123 -40.37 25.93 -14.19
CA THR B 123 -41.09 24.70 -13.88
C THR B 123 -40.70 23.55 -14.83
N ASN B 124 -40.58 22.34 -14.29
CA ASN B 124 -40.47 21.12 -15.09
C ASN B 124 -41.65 20.22 -14.83
N ALA B 125 -42.21 19.64 -15.89
CA ALA B 125 -43.42 18.85 -15.72
C ALA B 125 -43.58 17.71 -16.71
N LEU B 126 -44.20 16.63 -16.23
CA LEU B 126 -44.58 15.47 -17.03
C LEU B 126 -46.09 15.18 -16.83
N HIS B 127 -46.82 14.88 -17.92
CA HIS B 127 -48.28 14.53 -17.88
C HIS B 127 -48.59 13.51 -18.95
N PHE B 128 -48.81 12.28 -18.53
CA PHE B 128 -49.21 11.24 -19.47
C PHE B 128 -50.53 10.66 -19.06
N VAL B 129 -51.28 10.20 -20.06
CA VAL B 129 -52.63 9.70 -19.85
C VAL B 129 -52.98 8.61 -20.89
N PHE B 130 -53.33 7.43 -20.37
CA PHE B 130 -53.63 6.22 -21.15
C PHE B 130 -55.12 5.87 -21.07
N ASN B 131 -55.90 6.26 -22.07
CA ASN B 131 -57.34 5.91 -22.12
C ASN B 131 -57.64 4.64 -22.91
N GLN B 132 -56.76 4.32 -23.87
CA GLN B 132 -56.67 2.97 -24.44
C GLN B 132 -55.19 2.60 -24.45
N PHE B 133 -54.87 1.35 -24.13
CA PHE B 133 -53.53 0.84 -24.29
C PHE B 133 -53.49 -0.06 -25.52
N SER B 134 -52.55 0.24 -26.42
CA SER B 134 -52.36 -0.46 -27.71
C SER B 134 -51.66 -1.82 -27.58
N LYS B 135 -51.93 -2.68 -28.56
CA LYS B 135 -51.35 -4.03 -28.59
C LYS B 135 -49.81 -4.07 -28.60
N ASP B 136 -49.14 -3.06 -29.17
CA ASP B 136 -47.73 -2.79 -28.86
C ASP B 136 -47.58 -1.39 -28.32
N GLN B 137 -47.37 -1.32 -27.02
CA GLN B 137 -47.18 -0.04 -26.33
C GLN B 137 -45.70 0.23 -26.15
N LYS B 138 -45.07 0.82 -27.15
CA LYS B 138 -43.64 1.10 -27.06
C LYS B 138 -43.24 2.05 -25.92
N ASP B 139 -44.21 2.68 -25.25
CA ASP B 139 -43.86 3.61 -24.17
C ASP B 139 -44.09 3.08 -22.76
N LEU B 140 -44.67 1.89 -22.64
CA LEU B 140 -44.74 1.19 -21.37
C LEU B 140 -43.63 0.14 -21.24
N ILE B 141 -43.09 -0.06 -20.05
CA ILE B 141 -42.22 -1.21 -19.77
C ILE B 141 -43.06 -2.27 -19.04
N LEU B 142 -43.25 -3.44 -19.66
CA LEU B 142 -44.10 -4.50 -19.07
C LEU B 142 -43.29 -5.53 -18.31
N GLN B 143 -43.82 -6.04 -17.21
CA GLN B 143 -43.07 -7.02 -16.39
C GLN B 143 -43.94 -8.17 -15.92
N GLY B 144 -43.44 -9.39 -16.04
CA GLY B 144 -44.18 -10.58 -15.64
C GLY B 144 -45.40 -10.81 -16.51
N ASP B 145 -46.52 -11.24 -15.91
CA ASP B 145 -47.69 -11.71 -16.66
C ASP B 145 -48.48 -10.57 -17.27
N ALA B 146 -47.92 -9.37 -17.25
CA ALA B 146 -48.64 -8.20 -17.74
C ALA B 146 -48.74 -8.16 -19.24
N THR B 147 -49.86 -7.69 -19.73
CA THR B 147 -50.08 -7.55 -21.18
C THR B 147 -51.04 -6.38 -21.52
N THR B 148 -51.04 -5.93 -22.77
CA THR B 148 -51.99 -4.93 -23.28
C THR B 148 -52.59 -5.59 -24.50
N GLY B 149 -53.61 -4.98 -25.11
CA GLY B 149 -54.08 -5.53 -26.37
C GLY B 149 -55.53 -5.32 -26.78
N THR B 150 -55.89 -6.03 -27.87
CA THR B 150 -57.06 -5.76 -28.77
C THR B 150 -58.36 -5.15 -28.12
N ASP B 151 -58.71 -5.54 -26.89
CA ASP B 151 -59.81 -4.88 -26.15
C ASP B 151 -59.46 -3.51 -25.52
N GLY B 152 -58.20 -3.11 -25.64
CA GLY B 152 -57.73 -1.78 -25.23
C GLY B 152 -57.34 -1.70 -23.78
N ASN B 153 -57.27 -2.86 -23.13
CA ASN B 153 -57.01 -2.91 -21.69
C ASN B 153 -55.66 -3.54 -21.30
N LEU B 154 -55.06 -2.97 -20.25
CA LEU B 154 -53.81 -3.46 -19.68
C LEU B 154 -54.13 -4.53 -18.63
N GLU B 155 -53.61 -5.75 -18.86
CA GLU B 155 -53.92 -6.94 -18.05
C GLU B 155 -52.76 -7.39 -17.19
N LEU B 156 -52.76 -6.94 -15.95
CA LEU B 156 -51.60 -7.09 -15.06
C LEU B 156 -51.39 -8.53 -14.68
N THR B 157 -52.42 -9.17 -14.13
CA THR B 157 -52.31 -10.62 -13.92
C THR B 157 -52.79 -11.35 -15.15
N ARG B 158 -52.59 -12.66 -15.11
CA ARG B 158 -52.86 -13.47 -16.25
C ARG B 158 -54.29 -13.91 -16.18
N VAL B 159 -55.00 -13.59 -17.26
CA VAL B 159 -56.31 -14.11 -17.55
C VAL B 159 -56.12 -14.97 -18.78
N SER B 160 -56.82 -16.10 -18.82
CA SER B 160 -56.75 -17.00 -19.96
C SER B 160 -57.56 -16.46 -21.15
N SER B 161 -57.72 -17.31 -22.15
CA SER B 161 -58.52 -16.99 -23.34
C SER B 161 -60.01 -16.86 -23.00
N ASN B 162 -60.49 -17.82 -22.21
CA ASN B 162 -61.80 -17.68 -21.58
C ASN B 162 -61.70 -16.61 -20.50
N GLY B 163 -62.76 -16.44 -19.72
CA GLY B 163 -62.77 -15.37 -18.74
C GLY B 163 -62.03 -15.61 -17.44
N SER B 164 -61.27 -16.69 -17.34
CA SER B 164 -60.71 -17.08 -16.06
C SER B 164 -59.29 -16.62 -15.79
N PRO B 165 -59.08 -15.96 -14.62
CA PRO B 165 -57.76 -15.56 -14.15
C PRO B 165 -57.04 -16.74 -13.52
N GLN B 166 -55.71 -16.69 -13.47
CA GLN B 166 -54.91 -17.77 -12.85
C GLN B 166 -54.36 -17.34 -11.49
N GLY B 167 -54.23 -18.31 -10.58
CA GLY B 167 -53.51 -18.09 -9.33
C GLY B 167 -52.03 -17.98 -9.64
N SER B 168 -51.26 -17.49 -8.67
CA SER B 168 -49.80 -17.33 -8.83
C SER B 168 -49.42 -16.54 -10.08
N SER B 169 -49.92 -15.31 -10.14
CA SER B 169 -49.65 -14.37 -11.22
C SER B 169 -49.13 -13.06 -10.62
N VAL B 170 -48.11 -12.48 -11.25
CA VAL B 170 -47.62 -11.17 -10.84
C VAL B 170 -47.25 -10.34 -12.06
N GLY B 171 -47.83 -9.14 -12.14
CA GLY B 171 -47.59 -8.24 -13.27
C GLY B 171 -47.23 -6.80 -12.92
N ARG B 172 -46.60 -6.11 -13.87
CA ARG B 172 -46.16 -4.71 -13.71
C ARG B 172 -46.08 -3.97 -15.06
N ALA B 173 -46.50 -2.70 -15.01
CA ALA B 173 -46.31 -1.73 -16.10
C ALA B 173 -45.55 -0.51 -15.57
N LEU B 174 -44.60 -0.02 -16.35
CA LEU B 174 -43.80 1.12 -15.95
C LEU B 174 -43.81 2.09 -17.10
N PHE B 175 -44.11 3.35 -16.84
CA PHE B 175 -43.97 4.38 -17.86
C PHE B 175 -42.49 4.43 -18.21
N TYR B 176 -42.19 4.53 -19.51
CA TYR B 176 -40.83 4.42 -20.01
C TYR B 176 -39.85 5.40 -19.36
N ALA B 177 -40.05 6.69 -19.54
CA ALA B 177 -39.10 7.68 -19.03
C ALA B 177 -39.08 7.69 -17.50
N PRO B 178 -37.89 7.94 -16.92
CA PRO B 178 -37.81 8.15 -15.48
C PRO B 178 -38.23 9.58 -15.14
N VAL B 179 -38.95 9.74 -14.04
CA VAL B 179 -39.55 11.02 -13.70
C VAL B 179 -38.70 11.79 -12.70
N HIS B 180 -38.35 13.03 -13.04
CA HIS B 180 -37.78 13.91 -12.04
C HIS B 180 -38.86 14.21 -11.02
N ILE B 181 -38.68 13.67 -9.83
CA ILE B 181 -39.75 13.73 -8.86
C ILE B 181 -39.53 14.82 -7.79
N TRP B 182 -38.28 15.12 -7.47
CA TRP B 182 -37.93 16.24 -6.57
C TRP B 182 -36.52 16.74 -6.78
N GLU B 183 -36.34 18.07 -6.77
CA GLU B 183 -35.01 18.70 -6.69
C GLU B 183 -34.84 19.50 -5.39
N SER B 184 -33.57 19.70 -4.99
CA SER B 184 -33.23 20.60 -3.88
C SER B 184 -33.63 22.02 -4.26
N SER B 185 -33.62 22.31 -5.56
CA SER B 185 -33.94 23.62 -6.15
C SER B 185 -35.44 23.92 -6.30
N ALA B 186 -36.24 22.87 -6.39
CA ALA B 186 -37.67 22.99 -6.59
C ALA B 186 -38.36 23.52 -5.32
N VAL B 187 -39.14 24.59 -5.49
CA VAL B 187 -39.85 25.24 -4.38
C VAL B 187 -41.20 24.56 -4.05
N VAL B 188 -41.75 23.82 -5.02
CA VAL B 188 -42.94 22.94 -4.85
C VAL B 188 -42.83 21.66 -5.72
N ALA B 189 -43.06 20.48 -5.12
CA ALA B 189 -42.83 19.20 -5.81
C ALA B 189 -43.93 18.15 -5.61
N SER B 190 -44.81 17.99 -6.62
CA SER B 190 -45.86 16.92 -6.69
C SER B 190 -45.66 16.41 -8.11
N PHE B 191 -45.98 15.10 -8.28
CA PHE B 191 -47.20 14.23 -8.54
C PHE B 191 -48.48 13.86 -7.76
N ASP B 192 -49.60 13.92 -8.45
CA ASP B 192 -50.82 13.10 -8.62
C ASP B 192 -51.04 12.01 -9.70
N ALA B 193 -51.95 11.06 -9.42
CA ALA B 193 -52.16 9.85 -10.26
C ALA B 193 -53.61 9.28 -10.20
N THR B 194 -54.02 8.61 -11.29
CA THR B 194 -55.40 8.11 -11.42
C THR B 194 -55.48 6.82 -12.26
N PHE B 195 -56.35 5.88 -11.86
CA PHE B 195 -56.56 4.64 -12.65
C PHE B 195 -57.86 3.86 -12.43
N THR B 196 -58.64 3.71 -13.50
CA THR B 196 -59.83 2.86 -13.47
C THR B 196 -59.45 1.40 -13.68
N PHE B 197 -60.04 0.53 -12.86
CA PHE B 197 -59.73 -0.90 -12.81
C PHE B 197 -61.02 -1.75 -12.75
N LEU B 198 -60.87 -3.01 -13.16
CA LEU B 198 -61.89 -4.05 -12.98
C LEU B 198 -61.33 -5.30 -12.26
N ILE B 199 -61.72 -5.42 -10.99
CA ILE B 199 -61.45 -6.57 -10.15
C ILE B 199 -62.75 -7.38 -9.97
N LYS B 200 -62.72 -8.60 -10.50
CA LYS B 200 -63.83 -9.57 -10.46
C LYS B 200 -63.28 -10.98 -10.22
N SER B 201 -63.99 -11.78 -9.41
CA SER B 201 -63.61 -13.17 -9.09
C SER B 201 -64.68 -13.85 -8.25
N SER B 202 -64.94 -15.13 -8.49
CA SER B 202 -65.73 -15.95 -7.54
C SER B 202 -64.87 -16.96 -6.77
N ASP B 203 -64.10 -16.44 -5.81
CA ASP B 203 -63.30 -17.24 -4.85
C ASP B 203 -63.59 -16.82 -3.41
N SER B 204 -63.35 -17.75 -2.46
CA SER B 204 -63.68 -17.57 -1.01
C SER B 204 -63.40 -16.18 -0.45
N HIS B 205 -62.46 -15.51 -1.10
CA HIS B 205 -62.26 -14.05 -1.11
C HIS B 205 -61.36 -13.99 -2.34
N PRO B 206 -61.18 -12.81 -2.94
CA PRO B 206 -60.24 -12.83 -4.06
C PRO B 206 -58.81 -12.77 -3.52
N ALA B 207 -57.86 -12.37 -4.36
CA ALA B 207 -56.45 -12.20 -3.99
C ALA B 207 -55.76 -11.67 -5.24
N ASP B 208 -54.81 -10.71 -5.13
CA ASP B 208 -54.44 -10.01 -3.89
C ASP B 208 -54.73 -8.51 -3.95
N GLY B 209 -54.72 -7.96 -5.16
CA GLY B 209 -55.01 -6.54 -5.39
C GLY B 209 -54.07 -5.83 -6.36
N ILE B 210 -54.24 -4.53 -6.45
CA ILE B 210 -53.49 -3.69 -7.37
C ILE B 210 -52.77 -2.61 -6.57
N ALA B 211 -51.64 -2.14 -7.10
CA ALA B 211 -50.95 -1.02 -6.48
C ALA B 211 -50.45 0.03 -7.48
N PHE B 212 -50.34 1.26 -7.00
CA PHE B 212 -49.51 2.24 -7.70
C PHE B 212 -48.21 2.31 -6.92
N PHE B 213 -47.08 2.36 -7.63
CA PHE B 213 -45.78 2.45 -6.96
C PHE B 213 -44.81 3.49 -7.53
N ILE B 214 -43.93 3.98 -6.66
CA ILE B 214 -42.77 4.79 -7.05
C ILE B 214 -41.47 4.12 -6.56
N SER B 215 -40.50 4.01 -7.46
CA SER B 215 -39.25 3.34 -7.17
C SER B 215 -38.18 3.78 -8.13
N ASN B 216 -36.92 3.43 -7.82
CA ASN B 216 -35.77 3.85 -8.65
C ASN B 216 -35.79 3.32 -10.08
N ILE B 217 -35.16 4.04 -11.02
CA ILE B 217 -35.31 3.77 -12.47
C ILE B 217 -35.16 2.29 -12.82
N ASP B 218 -34.23 1.62 -12.15
CA ASP B 218 -33.84 0.27 -12.52
C ASP B 218 -34.68 -0.85 -11.90
N SER B 219 -35.75 -0.52 -11.20
CA SER B 219 -36.63 -1.51 -10.51
C SER B 219 -37.29 -2.57 -11.39
N SER B 220 -37.41 -3.78 -10.85
CA SER B 220 -38.08 -4.90 -11.53
C SER B 220 -38.58 -5.91 -10.52
N ILE B 221 -39.56 -6.70 -10.92
CA ILE B 221 -40.24 -7.59 -9.98
C ILE B 221 -39.24 -8.31 -9.08
N PRO B 222 -39.30 -8.06 -7.76
CA PRO B 222 -38.51 -8.84 -6.82
C PRO B 222 -39.06 -10.25 -6.80
N SER B 223 -38.18 -11.25 -6.73
CA SER B 223 -38.58 -12.67 -6.81
C SER B 223 -39.11 -13.16 -5.49
N GLY B 224 -39.95 -14.19 -5.55
CA GLY B 224 -40.76 -14.58 -4.42
C GLY B 224 -41.64 -13.39 -4.01
N SER B 225 -42.36 -12.82 -4.97
CA SER B 225 -43.20 -11.66 -4.71
C SER B 225 -44.59 -11.75 -5.33
N THR B 226 -45.04 -12.96 -5.63
CA THR B 226 -46.44 -13.12 -6.09
C THR B 226 -47.35 -13.10 -4.84
N GLY B 227 -48.67 -13.17 -5.05
CA GLY B 227 -49.60 -13.17 -3.95
C GLY B 227 -49.47 -11.97 -3.03
N ARG B 228 -49.57 -12.24 -1.72
CA ARG B 228 -49.70 -11.25 -0.63
C ARG B 228 -48.71 -10.09 -0.59
N LEU B 229 -47.65 -10.15 -1.41
CA LEU B 229 -46.62 -9.11 -1.43
C LEU B 229 -46.69 -8.20 -2.66
N LEU B 230 -47.69 -8.42 -3.49
CA LEU B 230 -48.07 -7.49 -4.57
C LEU B 230 -47.01 -7.20 -5.64
N GLY B 231 -45.95 -7.99 -5.66
CA GLY B 231 -44.87 -7.80 -6.62
C GLY B 231 -44.25 -6.44 -6.44
N LEU B 232 -44.06 -6.08 -5.17
CA LEU B 232 -43.45 -4.80 -4.80
C LEU B 232 -42.26 -5.00 -3.85
N PHE B 233 -42.42 -5.90 -2.89
CA PHE B 233 -41.42 -6.16 -1.85
C PHE B 233 -40.75 -7.53 -1.95
N PRO B 234 -39.42 -7.58 -1.75
CA PRO B 234 -38.74 -8.87 -1.66
C PRO B 234 -39.09 -9.62 -0.37
N ASP B 235 -39.28 -8.91 0.75
CA ASP B 235 -39.78 -9.56 1.98
C ASP B 235 -40.99 -8.88 2.65
N ALA B 236 -41.45 -9.49 3.75
CA ALA B 236 -42.58 -9.01 4.55
C ALA B 236 -42.13 -8.31 5.85
N ASN B 237 -40.90 -7.81 5.87
CA ASN B 237 -40.36 -7.14 7.06
C ASN B 237 -41.05 -5.81 7.37
N ALA C 1 41.27 18.33 22.66
CA ALA C 1 39.88 18.86 22.57
C ALA C 1 38.86 17.78 22.17
N ASP C 2 37.88 18.18 21.39
CA ASP C 2 36.74 17.36 21.07
C ASP C 2 37.08 16.29 20.02
N THR C 3 36.06 15.56 19.56
CA THR C 3 36.07 14.96 18.22
C THR C 3 35.05 15.75 17.46
N ILE C 4 35.36 16.16 16.24
CA ILE C 4 34.30 16.67 15.41
C ILE C 4 34.20 15.81 14.17
N VAL C 5 32.95 15.48 13.82
CA VAL C 5 32.56 15.11 12.46
C VAL C 5 31.34 15.99 12.03
N ALA C 6 31.53 16.82 11.00
CA ALA C 6 30.51 17.80 10.58
C ALA C 6 30.30 17.94 9.06
N VAL C 7 29.27 18.70 8.70
CA VAL C 7 29.06 19.14 7.32
C VAL C 7 28.88 20.65 7.30
N GLU C 8 29.81 21.34 6.64
CA GLU C 8 29.82 22.81 6.56
C GLU C 8 29.00 23.35 5.40
N LEU C 9 28.22 24.41 5.68
CA LEU C 9 27.71 25.28 4.61
C LEU C 9 28.57 26.53 4.58
N ASP C 10 29.72 26.41 3.88
CA ASP C 10 30.87 27.34 3.97
C ASP C 10 30.65 28.49 3.02
N THR C 11 30.04 29.56 3.54
CA THR C 11 29.65 30.65 2.66
C THR C 11 30.86 31.50 2.31
N TYR C 12 31.72 31.82 3.28
CA TYR C 12 32.89 32.66 3.01
C TYR C 12 34.11 31.85 2.55
N PRO C 13 34.68 32.23 1.40
CA PRO C 13 35.85 31.54 0.85
C PRO C 13 37.15 31.83 1.62
N ASN C 14 37.29 31.16 2.76
CA ASN C 14 38.49 31.22 3.60
C ASN C 14 39.63 30.44 2.90
N THR C 15 40.50 31.13 2.16
CA THR C 15 41.45 30.41 1.28
C THR C 15 42.94 30.46 1.63
N ASP C 16 43.37 31.35 2.54
CA ASP C 16 44.76 31.26 2.98
C ASP C 16 44.88 30.08 3.98
N ILE C 17 43.72 29.41 4.19
CA ILE C 17 43.58 28.18 5.01
C ILE C 17 42.96 26.99 4.26
N GLY C 18 42.48 27.20 3.03
CA GLY C 18 42.17 26.06 2.14
C GLY C 18 40.73 25.58 1.96
N ASP C 19 39.78 26.52 1.91
CA ASP C 19 38.49 26.29 1.21
C ASP C 19 38.84 26.53 -0.28
N PRO C 20 37.89 26.34 -1.21
CA PRO C 20 38.25 26.91 -2.51
C PRO C 20 37.71 28.34 -2.64
N SER C 21 37.87 28.92 -3.84
CA SER C 21 37.50 30.31 -4.08
C SER C 21 35.98 30.61 -4.24
N TYR C 22 35.12 29.82 -3.60
CA TYR C 22 33.66 30.01 -3.70
C TYR C 22 32.91 29.36 -2.54
N PRO C 23 31.64 29.75 -2.33
CA PRO C 23 30.82 29.10 -1.32
C PRO C 23 30.65 27.62 -1.65
N HIS C 24 31.09 26.80 -0.71
CA HIS C 24 31.10 25.37 -0.92
C HIS C 24 30.38 24.68 0.17
N ILE C 25 30.19 23.37 0.00
CA ILE C 25 29.79 22.48 1.08
C ILE C 25 30.81 21.36 1.21
N GLY C 26 31.20 21.04 2.44
CA GLY C 26 32.28 20.09 2.71
C GLY C 26 32.04 19.11 3.85
N ILE C 27 32.68 17.95 3.72
CA ILE C 27 32.73 16.96 4.78
C ILE C 27 34.03 17.25 5.52
N ASP C 28 33.91 17.49 6.81
CA ASP C 28 35.07 17.81 7.65
C ASP C 28 35.30 16.70 8.64
N ILE C 29 36.33 15.90 8.46
CA ILE C 29 36.66 14.99 9.52
C ILE C 29 37.76 15.64 10.34
N LYS C 30 37.39 16.06 11.54
CA LYS C 30 38.33 16.55 12.54
C LYS C 30 39.22 17.69 12.09
N SER C 31 38.89 18.31 10.96
CA SER C 31 39.71 19.37 10.40
C SER C 31 38.75 20.33 9.72
N VAL C 32 38.98 21.63 9.91
CA VAL C 32 38.30 22.67 9.11
C VAL C 32 38.71 22.59 7.65
N ARG C 33 39.82 21.91 7.38
CA ARG C 33 40.17 21.38 6.04
C ARG C 33 39.29 20.16 5.66
N SER C 34 38.38 20.42 4.73
CA SER C 34 37.39 19.45 4.32
C SER C 34 38.03 18.35 3.50
N LYS C 35 37.68 17.11 3.77
CA LYS C 35 38.23 15.98 3.02
C LYS C 35 37.60 15.86 1.61
N LYS C 36 36.52 16.60 1.40
CA LYS C 36 35.79 16.59 0.12
C LYS C 36 34.93 17.86 0.05
N THR C 37 35.08 18.64 -1.03
CA THR C 37 34.27 19.85 -1.25
C THR C 37 33.46 19.81 -2.55
N ALA C 38 32.41 20.61 -2.63
CA ALA C 38 31.62 20.72 -3.84
C ALA C 38 31.02 22.10 -3.88
N LYS C 39 31.03 22.71 -5.07
CA LYS C 39 30.55 24.09 -5.26
C LYS C 39 29.10 24.29 -4.85
N TRP C 40 28.85 25.33 -4.08
CA TRP C 40 27.50 25.63 -3.69
C TRP C 40 27.20 27.03 -4.05
N ASN C 41 25.97 27.23 -4.48
CA ASN C 41 25.59 28.44 -5.12
C ASN C 41 24.63 29.23 -4.24
N MET C 42 25.21 30.00 -3.32
CA MET C 42 24.46 30.66 -2.25
C MET C 42 23.32 31.53 -2.82
N GLN C 43 22.08 31.28 -2.38
CA GLN C 43 20.89 32.02 -2.86
C GLN C 43 20.32 32.93 -1.79
N ASN C 44 21.08 33.97 -1.47
CA ASN C 44 20.87 34.88 -0.33
C ASN C 44 19.41 35.24 -0.01
N GLY C 45 18.99 34.89 1.20
CA GLY C 45 17.74 35.39 1.73
C GLY C 45 16.56 34.51 1.37
N LYS C 46 16.86 33.27 0.96
CA LYS C 46 15.83 32.24 0.74
C LYS C 46 16.03 31.08 1.70
N VAL C 47 14.95 30.36 2.01
CA VAL C 47 15.04 29.15 2.83
C VAL C 47 15.55 27.93 2.02
N GLY C 48 16.69 27.40 2.43
CA GLY C 48 17.24 26.20 1.82
C GLY C 48 17.14 25.03 2.78
N THR C 49 17.45 23.83 2.29
CA THR C 49 17.33 22.60 3.06
C THR C 49 18.50 21.69 2.87
N ALA C 50 19.00 21.14 3.99
CA ALA C 50 20.08 20.16 3.93
C ALA C 50 19.67 18.81 4.48
N HIS C 51 20.13 17.75 3.80
CA HIS C 51 20.02 16.35 4.25
C HIS C 51 21.40 15.79 4.41
N ILE C 52 21.65 15.08 5.52
CA ILE C 52 22.95 14.42 5.77
C ILE C 52 22.78 12.94 6.11
N ILE C 53 23.19 12.09 5.19
CA ILE C 53 22.85 10.69 5.24
C ILE C 53 24.12 9.87 5.39
N TYR C 54 24.11 8.94 6.33
CA TYR C 54 25.18 7.95 6.48
C TYR C 54 24.62 6.58 6.85
N ASN C 55 25.02 5.55 6.11
CA ASN C 55 24.81 4.17 6.55
C ASN C 55 26.13 3.45 6.79
N SER C 56 26.17 2.61 7.83
CA SER C 56 27.40 1.91 8.19
C SER C 56 27.77 0.75 7.24
N VAL C 57 26.83 0.33 6.42
CA VAL C 57 27.10 -0.75 5.48
C VAL C 57 27.86 -0.23 4.26
N GLY C 58 27.29 0.77 3.60
CA GLY C 58 27.94 1.44 2.46
C GLY C 58 29.22 2.16 2.83
N LYS C 59 29.27 2.69 4.05
CA LYS C 59 30.41 3.47 4.56
C LYS C 59 30.70 4.73 3.73
N ARG C 60 29.64 5.33 3.18
CA ARG C 60 29.77 6.55 2.44
C ARG C 60 28.85 7.58 3.10
N LEU C 61 29.40 8.73 3.48
CA LEU C 61 28.67 9.80 4.14
C LEU C 61 28.34 10.87 3.11
N SER C 62 27.05 11.23 3.00
CA SER C 62 26.57 12.11 1.93
C SER C 62 25.99 13.46 2.40
N ALA C 63 26.01 14.47 1.52
CA ALA C 63 25.36 15.78 1.81
C ALA C 63 24.68 16.43 0.60
N VAL C 64 23.44 16.89 0.81
CA VAL C 64 22.69 17.66 -0.18
C VAL C 64 22.16 18.98 0.40
N VAL C 65 22.37 20.09 -0.33
CA VAL C 65 21.79 21.40 0.02
C VAL C 65 21.14 22.01 -1.24
N SER C 66 19.85 22.27 -1.12
CA SER C 66 19.02 22.73 -2.22
C SER C 66 18.18 23.91 -1.80
N TYR C 67 17.66 24.62 -2.80
CA TYR C 67 16.69 25.70 -2.61
C TYR C 67 15.38 25.34 -3.33
N PRO C 68 14.28 26.05 -3.02
CA PRO C 68 12.99 25.85 -3.66
C PRO C 68 13.06 25.81 -5.20
N ASN C 69 13.75 26.77 -5.81
CA ASN C 69 13.94 26.75 -7.26
C ASN C 69 14.77 25.55 -7.77
N GLY C 70 14.94 24.54 -6.92
CA GLY C 70 15.54 23.26 -7.30
C GLY C 70 17.04 23.25 -7.53
N ASP C 71 17.73 24.33 -7.13
CA ASP C 71 19.20 24.43 -7.31
C ASP C 71 19.94 23.57 -6.28
N SER C 72 20.73 22.63 -6.76
CA SER C 72 21.27 21.57 -5.91
C SER C 72 22.75 21.72 -5.57
N ALA C 73 23.20 20.91 -4.61
CA ALA C 73 24.60 20.76 -4.27
C ALA C 73 24.79 19.37 -3.66
N THR C 74 25.79 18.62 -4.14
CA THR C 74 26.07 17.29 -3.60
C THR C 74 27.55 17.05 -3.37
N VAL C 75 27.86 16.43 -2.23
CA VAL C 75 29.21 15.93 -1.96
C VAL C 75 29.07 14.64 -1.14
N SER C 76 29.94 13.67 -1.41
CA SER C 76 29.95 12.43 -0.64
C SER C 76 31.36 12.11 -0.13
N TYR C 77 31.46 11.17 0.81
CA TYR C 77 32.74 10.71 1.34
C TYR C 77 32.77 9.31 1.96
N ASP C 78 33.49 8.39 1.29
CA ASP C 78 33.69 7.03 1.82
C ASP C 78 34.51 7.07 3.14
N VAL C 79 33.90 6.63 4.25
CA VAL C 79 34.55 6.57 5.59
C VAL C 79 33.85 5.62 6.61
N ASP C 80 34.66 5.02 7.49
CA ASP C 80 34.16 4.18 8.60
C ASP C 80 34.22 5.05 9.86
N LEU C 81 33.10 5.66 10.22
CA LEU C 81 33.00 6.54 11.41
C LEU C 81 33.25 5.78 12.76
N ASP C 82 32.79 4.31 12.69
CA ASP C 82 33.43 3.16 13.35
C ASP C 82 34.82 3.70 13.16
N ASN C 83 35.60 3.89 14.36
CA ASN C 83 36.98 4.40 14.18
C ASN C 83 37.30 5.91 13.93
N VAL C 84 36.41 6.80 14.33
CA VAL C 84 36.73 8.23 14.47
C VAL C 84 35.97 8.61 15.73
N LEU C 85 34.64 8.58 15.65
CA LEU C 85 33.76 8.84 16.79
C LEU C 85 33.69 7.71 17.81
N PRO C 86 33.45 8.06 19.10
CA PRO C 86 33.26 6.97 20.06
C PRO C 86 31.83 6.43 20.07
N GLU C 87 31.63 5.31 20.79
CA GLU C 87 30.33 4.65 20.93
C GLU C 87 29.21 5.71 21.29
N TRP C 88 29.54 6.74 22.10
CA TRP C 88 28.59 7.80 22.56
C TRP C 88 28.94 9.23 22.20
N VAL C 89 28.01 9.95 21.57
CA VAL C 89 28.22 11.36 21.15
C VAL C 89 27.05 12.30 21.41
N ARG C 90 27.26 13.59 21.15
CA ARG C 90 26.16 14.54 21.04
C ARG C 90 26.06 15.06 19.61
N VAL C 91 24.84 15.46 19.21
CA VAL C 91 24.58 16.02 17.87
C VAL C 91 23.91 17.40 17.94
N GLY C 92 24.28 18.28 17.01
CA GLY C 92 23.84 19.68 17.10
C GLY C 92 23.99 20.52 15.85
N LEU C 93 23.84 21.83 16.01
CA LEU C 93 23.95 22.82 14.93
C LEU C 93 24.88 23.99 15.35
N SER C 94 25.71 24.45 14.43
CA SER C 94 26.67 25.50 14.72
C SER C 94 26.73 26.51 13.59
N ALA C 95 26.94 27.77 13.96
CA ALA C 95 27.10 28.87 12.99
C ALA C 95 27.99 29.97 13.56
N SER C 96 28.51 30.81 12.68
CA SER C 96 29.39 31.90 13.08
C SER C 96 29.39 33.07 12.10
N THR C 97 29.91 34.22 12.56
CA THR C 97 30.17 35.40 11.72
C THR C 97 31.49 36.08 12.11
N GLY C 98 31.79 37.19 11.43
CA GLY C 98 33.05 37.92 11.64
C GLY C 98 33.08 39.30 11.02
N LEU C 99 34.14 39.59 10.28
CA LEU C 99 34.27 40.83 9.51
C LEU C 99 33.13 40.96 8.50
N TYR C 100 32.50 39.84 8.20
CA TYR C 100 31.26 39.86 7.48
C TYR C 100 30.21 39.07 8.26
N LYS C 101 28.95 39.14 7.85
CA LYS C 101 27.86 38.61 8.69
C LYS C 101 26.66 38.10 7.90
N GLU C 102 25.74 37.45 8.61
CA GLU C 102 24.53 36.88 8.05
C GLU C 102 23.57 36.49 9.17
N THR C 103 22.30 36.30 8.81
CA THR C 103 21.34 35.62 9.66
C THR C 103 21.68 34.15 9.60
N ASN C 104 21.73 33.50 10.76
CA ASN C 104 21.79 32.07 10.80
C ASN C 104 20.54 31.57 11.47
N THR C 105 19.49 31.55 10.63
CA THR C 105 18.12 31.23 11.05
C THR C 105 17.73 29.81 10.61
N ILE C 106 17.67 28.92 11.58
CA ILE C 106 17.26 27.55 11.37
C ILE C 106 15.78 27.50 11.68
N LEU C 107 15.00 26.99 10.73
CA LEU C 107 13.54 26.92 10.85
C LEU C 107 12.98 25.58 11.34
N SER C 108 13.66 24.49 10.98
CA SER C 108 13.28 23.14 11.43
C SER C 108 14.52 22.28 11.44
N TRP C 109 14.64 21.42 12.45
CA TRP C 109 15.78 20.52 12.55
C TRP C 109 15.33 19.14 12.94
N SER C 110 15.86 18.13 12.26
CA SER C 110 15.41 16.73 12.46
C SER C 110 16.53 15.71 12.23
N PHE C 111 16.49 14.63 13.01
CA PHE C 111 17.60 13.68 13.08
C PHE C 111 17.03 12.31 13.46
N THR C 112 17.53 11.24 12.79
CA THR C 112 17.17 9.85 13.13
C THR C 112 18.35 8.86 13.09
N SER C 113 18.45 8.05 14.15
CA SER C 113 19.55 7.10 14.31
C SER C 113 19.06 5.73 14.74
N LYS C 114 19.69 4.68 14.19
CA LYS C 114 19.31 3.27 14.38
C LYS C 114 20.52 2.34 14.46
N LEU C 115 20.46 1.38 15.38
CA LEU C 115 21.43 0.28 15.44
C LEU C 115 20.71 -1.07 15.24
N LYS C 116 20.50 -1.42 13.97
CA LYS C 116 19.85 -2.68 13.54
C LYS C 116 20.79 -3.83 13.92
N SER C 117 20.62 -4.36 15.13
CA SER C 117 21.53 -5.33 15.74
C SER C 117 21.51 -6.72 15.15
N GLU C 122 14.69 -5.31 15.27
CA GLU C 122 14.73 -5.00 16.71
C GLU C 122 16.03 -4.23 17.00
N THR C 123 15.85 -2.99 17.46
CA THR C 123 16.84 -1.94 17.22
C THR C 123 16.90 -1.02 18.45
N ASN C 124 17.99 -0.26 18.61
CA ASN C 124 17.97 0.96 19.43
C ASN C 124 17.89 2.18 18.51
N ALA C 125 16.88 3.04 18.71
CA ALA C 125 16.58 4.10 17.73
C ALA C 125 16.12 5.38 18.38
N LEU C 126 16.57 6.50 17.83
CA LEU C 126 16.17 7.84 18.29
C LEU C 126 15.72 8.72 17.10
N HIS C 127 14.53 9.32 17.22
CA HIS C 127 13.89 10.18 16.18
C HIS C 127 13.34 11.40 16.88
N PHE C 128 13.92 12.55 16.59
CA PHE C 128 13.37 13.83 17.04
C PHE C 128 13.17 14.78 15.86
N VAL C 129 12.20 15.66 15.99
CA VAL C 129 11.87 16.61 14.93
C VAL C 129 11.46 17.95 15.54
N PHE C 130 12.09 19.03 15.06
CA PHE C 130 11.81 20.38 15.55
C PHE C 130 11.18 21.27 14.48
N ASN C 131 9.84 21.29 14.42
CA ASN C 131 9.10 22.17 13.50
C ASN C 131 8.75 23.54 14.09
N GLN C 132 8.66 23.60 15.42
CA GLN C 132 8.71 24.87 16.15
C GLN C 132 9.83 24.81 17.20
N PHE C 133 10.47 25.95 17.43
CA PHE C 133 11.32 26.11 18.60
C PHE C 133 10.63 27.09 19.54
N SER C 134 10.97 27.04 20.83
CA SER C 134 10.20 27.83 21.79
C SER C 134 11.02 28.72 22.72
N LYS C 135 10.37 29.74 23.27
CA LYS C 135 10.99 30.71 24.17
C LYS C 135 11.71 30.06 25.34
N ASP C 136 11.49 28.76 25.51
CA ASP C 136 12.33 27.91 26.31
C ASP C 136 12.22 26.58 25.59
N GLN C 137 13.33 25.86 25.49
CA GLN C 137 13.34 24.56 24.84
C GLN C 137 14.22 23.67 25.72
N LYS C 138 13.62 23.09 26.76
CA LYS C 138 14.38 22.35 27.76
C LYS C 138 15.21 21.17 27.24
N ASP C 139 15.12 20.89 25.93
CA ASP C 139 15.83 19.75 25.32
C ASP C 139 16.89 20.17 24.26
N LEU C 140 17.28 21.44 24.30
CA LEU C 140 18.31 21.95 23.41
C LEU C 140 19.43 22.71 24.15
N ILE C 141 20.46 21.98 24.58
CA ILE C 141 21.70 22.64 25.04
C ILE C 141 22.04 23.84 24.11
N LEU C 142 21.98 25.06 24.66
CA LEU C 142 22.25 26.26 23.86
C LEU C 142 23.57 26.90 24.23
N GLN C 143 24.50 26.95 23.28
CA GLN C 143 25.82 27.56 23.52
C GLN C 143 26.06 28.85 22.76
N GLY C 144 26.82 29.76 23.37
CA GLY C 144 27.24 31.02 22.73
C GLY C 144 26.12 32.01 22.54
N ASP C 145 26.02 32.61 21.35
CA ASP C 145 24.99 33.63 21.03
C ASP C 145 23.70 32.98 20.55
N ALA C 146 23.50 31.70 20.84
CA ALA C 146 22.31 30.98 20.37
C ALA C 146 21.07 31.25 21.23
N THR C 147 19.91 31.32 20.57
CA THR C 147 18.64 31.60 21.24
C THR C 147 17.43 31.13 20.42
N THR C 148 16.51 30.40 21.04
CA THR C 148 15.28 30.01 20.40
C THR C 148 14.25 31.08 20.70
N GLY C 149 13.21 30.76 20.19
CA GLY C 149 12.05 31.45 20.70
C GLY C 149 11.50 32.47 19.77
N THR C 150 10.23 33.34 19.84
CA THR C 150 9.80 34.64 19.39
C THR C 150 9.37 34.98 17.95
N ASP C 151 9.83 33.92 17.15
CA ASP C 151 9.49 34.35 15.78
C ASP C 151 9.29 32.92 15.34
N GLY C 152 9.79 32.08 16.47
CA GLY C 152 9.56 30.63 16.32
C GLY C 152 10.86 29.93 16.03
N ASN C 153 11.87 30.73 15.76
CA ASN C 153 13.12 30.28 15.18
C ASN C 153 14.32 30.11 16.13
N LEU C 154 15.08 29.03 15.89
CA LEU C 154 16.40 28.90 16.46
C LEU C 154 17.32 29.98 15.83
N GLU C 155 17.91 30.85 16.66
CA GLU C 155 18.80 31.91 16.18
C GLU C 155 20.24 31.69 16.60
N LEU C 156 21.01 31.07 15.70
CA LEU C 156 22.35 30.56 16.00
C LEU C 156 23.40 31.65 16.14
N THR C 157 23.29 32.72 15.35
CA THR C 157 24.17 33.89 15.51
C THR C 157 23.38 35.10 15.89
N ARG C 158 24.07 36.01 16.59
CA ARG C 158 23.43 37.20 17.11
C ARG C 158 22.78 37.93 15.96
N VAL C 159 21.48 38.16 16.13
CA VAL C 159 20.72 39.15 15.37
C VAL C 159 20.21 40.18 16.38
N SER C 160 19.88 41.38 15.90
CA SER C 160 19.38 42.40 16.81
C SER C 160 17.90 42.66 16.62
N SER C 161 17.41 43.75 17.21
CA SER C 161 16.03 44.15 17.10
C SER C 161 15.72 44.56 15.68
N ASN C 162 16.47 45.54 15.16
CA ASN C 162 16.45 45.77 13.72
C ASN C 162 17.01 44.48 13.13
N GLY C 163 16.32 43.94 12.12
CA GLY C 163 16.68 42.63 11.54
C GLY C 163 18.18 42.40 11.35
N SER C 164 18.92 43.51 11.37
CA SER C 164 20.36 43.55 11.14
C SER C 164 21.21 42.59 12.02
N PRO C 165 21.75 41.51 11.40
CA PRO C 165 22.56 40.53 12.12
C PRO C 165 23.94 41.08 12.47
N GLN C 166 24.56 40.50 13.48
CA GLN C 166 25.81 41.00 14.08
C GLN C 166 27.04 40.27 13.56
N GLY C 167 28.06 41.03 13.21
CA GLY C 167 29.35 40.45 12.81
C GLY C 167 30.07 39.89 14.02
N SER C 168 30.87 38.86 13.79
CA SER C 168 31.69 38.27 14.85
C SER C 168 30.84 37.66 15.96
N SER C 169 29.94 36.78 15.53
CA SER C 169 29.05 36.08 16.42
C SER C 169 29.34 34.58 16.28
N VAL C 170 28.95 33.79 17.29
CA VAL C 170 29.14 32.32 17.29
C VAL C 170 28.08 31.63 18.19
N GLY C 171 27.43 30.58 17.67
CA GLY C 171 26.42 29.86 18.43
C GLY C 171 26.33 28.37 18.13
N ARG C 172 25.86 27.61 19.10
CA ARG C 172 25.69 26.17 18.97
C ARG C 172 24.41 25.70 19.67
N ALA C 173 23.76 24.71 19.04
CA ALA C 173 22.55 24.07 19.57
C ALA C 173 22.71 22.55 19.53
N LEU C 174 22.46 21.88 20.66
CA LEU C 174 22.71 20.45 20.78
C LEU C 174 21.53 19.78 21.45
N PHE C 175 21.15 18.60 20.96
CA PHE C 175 20.09 17.83 21.61
C PHE C 175 20.55 17.40 23.02
N TYR C 176 19.61 17.31 23.96
CA TYR C 176 19.97 17.15 25.38
C TYR C 176 20.52 15.78 25.78
N ALA C 177 20.12 14.73 25.07
CA ALA C 177 20.63 13.40 25.40
C ALA C 177 21.85 13.02 24.55
N PRO C 178 22.76 12.19 25.09
CA PRO C 178 23.78 11.53 24.25
C PRO C 178 23.13 10.58 23.26
N VAL C 179 23.81 10.34 22.16
CA VAL C 179 23.31 9.41 21.15
C VAL C 179 24.32 8.28 20.94
N HIS C 180 23.91 7.06 21.25
CA HIS C 180 24.62 5.86 20.82
C HIS C 180 24.74 5.93 19.31
N ILE C 181 25.92 6.26 18.80
CA ILE C 181 26.04 6.48 17.36
C ILE C 181 26.43 5.17 16.64
N TRP C 182 27.30 4.38 17.24
CA TRP C 182 27.64 3.03 16.75
C TRP C 182 27.93 2.08 17.89
N GLU C 183 27.52 0.83 17.76
CA GLU C 183 27.88 -0.22 18.73
C GLU C 183 28.63 -1.37 18.04
N SER C 184 29.34 -2.19 18.83
CA SER C 184 29.98 -3.40 18.33
C SER C 184 28.97 -4.51 18.00
N SER C 185 27.73 -4.35 18.48
CA SER C 185 26.61 -5.28 18.25
C SER C 185 25.91 -5.00 16.91
N ALA C 186 25.97 -3.74 16.52
CA ALA C 186 25.21 -3.22 15.40
C ALA C 186 25.73 -3.70 14.04
N VAL C 187 24.83 -4.32 13.28
CA VAL C 187 25.10 -4.71 11.90
C VAL C 187 24.96 -3.48 11.03
N VAL C 188 23.88 -2.72 11.26
CA VAL C 188 23.79 -1.37 10.68
C VAL C 188 23.79 -0.28 11.77
N ALA C 189 24.66 0.70 11.62
CA ALA C 189 24.74 1.84 12.50
C ALA C 189 24.57 3.04 11.59
N SER C 190 23.38 3.63 11.59
CA SER C 190 23.09 4.61 10.55
C SER C 190 22.36 5.83 11.05
N PHE C 191 22.81 7.00 10.57
CA PHE C 191 22.07 8.21 10.84
C PHE C 191 21.56 8.94 9.59
N ASP C 192 20.60 9.84 9.81
CA ASP C 192 20.29 10.88 8.85
C ASP C 192 19.82 12.12 9.62
N ALA C 193 20.03 13.29 9.02
CA ALA C 193 19.78 14.59 9.66
C ALA C 193 19.35 15.67 8.65
N THR C 194 18.26 16.36 8.94
CA THR C 194 17.73 17.39 8.06
C THR C 194 17.56 18.73 8.76
N PHE C 195 17.84 19.81 8.05
CA PHE C 195 17.48 21.14 8.50
C PHE C 195 17.09 22.13 7.39
N THR C 196 16.31 23.15 7.78
CA THR C 196 15.96 24.26 6.89
C THR C 196 16.36 25.61 7.52
N PHE C 197 16.88 26.50 6.67
CA PHE C 197 17.66 27.65 7.12
C PHE C 197 17.46 28.89 6.23
N LEU C 198 17.67 30.06 6.82
CA LEU C 198 17.57 31.34 6.11
C LEU C 198 18.76 32.27 6.36
N ILE C 199 19.61 32.35 5.34
CA ILE C 199 20.81 33.16 5.37
C ILE C 199 20.65 34.38 4.47
N LYS C 200 20.60 35.55 5.13
CA LYS C 200 20.48 36.85 4.48
C LYS C 200 21.58 37.81 4.93
N SER C 201 22.15 38.54 3.98
CA SER C 201 23.18 39.55 4.26
C SER C 201 23.19 40.72 3.26
N SER C 202 24.15 41.62 3.48
CA SER C 202 24.68 42.53 2.45
C SER C 202 25.99 43.08 3.04
N ASP C 203 27.10 42.69 2.42
CA ASP C 203 28.48 42.90 2.84
C ASP C 203 29.01 42.56 1.46
N SER C 204 30.34 42.44 1.27
CA SER C 204 30.93 42.19 -0.06
C SER C 204 30.57 40.72 -0.32
N HIS C 205 31.02 39.82 0.57
CA HIS C 205 30.44 38.47 0.72
C HIS C 205 29.83 38.48 2.11
N PRO C 206 28.93 37.53 2.41
CA PRO C 206 28.58 37.34 3.81
C PRO C 206 29.57 36.35 4.43
N ALA C 207 29.30 35.93 5.67
CA ALA C 207 30.15 34.99 6.41
C ALA C 207 29.48 34.63 7.74
N ASP C 208 29.73 33.43 8.27
CA ASP C 208 30.65 32.44 7.66
C ASP C 208 29.94 31.16 7.27
N GLY C 209 28.87 30.81 7.96
CA GLY C 209 28.04 29.67 7.55
C GLY C 209 27.34 28.84 8.61
N ILE C 210 26.78 27.72 8.19
CA ILE C 210 26.10 26.82 9.10
C ILE C 210 26.67 25.43 8.97
N ALA C 211 26.69 24.70 10.08
CA ALA C 211 27.24 23.36 10.07
C ALA C 211 26.45 22.39 10.95
N PHE C 212 26.32 21.15 10.48
CA PHE C 212 25.83 20.04 11.32
C PHE C 212 27.05 19.23 11.78
N PHE C 213 27.09 18.90 13.08
CA PHE C 213 28.26 18.22 13.68
C PHE C 213 27.94 17.06 14.64
N ILE C 214 28.91 16.17 14.80
CA ILE C 214 28.88 15.10 15.83
C ILE C 214 30.19 15.16 16.64
N SER C 215 30.03 15.08 17.96
CA SER C 215 31.18 15.11 18.87
C SER C 215 30.86 14.51 20.24
N ASN C 216 31.90 14.30 21.05
CA ASN C 216 31.77 13.84 22.46
C ASN C 216 30.64 14.51 23.28
N ILE C 217 30.00 13.75 24.17
CA ILE C 217 28.86 14.27 24.95
C ILE C 217 29.19 15.61 25.61
N ASP C 218 30.46 15.82 25.96
CA ASP C 218 30.87 17.01 26.71
C ASP C 218 31.37 18.19 25.85
N SER C 219 31.21 18.10 24.53
CA SER C 219 31.67 19.13 23.55
C SER C 219 31.25 20.57 23.88
N SER C 220 32.12 21.52 23.63
CA SER C 220 31.85 22.92 23.95
C SER C 220 32.68 23.84 23.07
N ILE C 221 32.06 24.96 22.67
CA ILE C 221 32.68 25.88 21.74
C ILE C 221 34.14 26.15 22.10
N PRO C 222 35.06 25.70 21.24
CA PRO C 222 36.46 26.05 21.43
C PRO C 222 36.63 27.57 21.40
N SER C 223 37.47 28.09 22.30
CA SER C 223 37.73 29.53 22.41
C SER C 223 38.27 30.09 21.09
N GLY C 224 37.78 31.28 20.73
CA GLY C 224 38.16 31.91 19.45
C GLY C 224 37.95 30.96 18.27
N SER C 225 36.74 30.45 18.14
CA SER C 225 36.34 29.69 16.96
C SER C 225 35.26 30.50 16.24
N THR C 226 35.34 31.82 16.39
CA THR C 226 34.43 32.73 15.72
C THR C 226 35.03 32.92 14.33
N GLY C 227 34.19 33.32 13.37
CA GLY C 227 34.62 33.55 11.99
C GLY C 227 34.76 32.30 11.12
N ARG C 228 35.95 32.09 10.56
CA ARG C 228 36.20 31.06 9.55
C ARG C 228 36.23 29.64 10.06
N LEU C 229 36.03 29.46 11.36
CA LEU C 229 36.15 28.15 12.01
C LEU C 229 34.84 27.64 12.60
N LEU C 230 33.76 28.38 12.32
CA LEU C 230 32.38 27.90 12.49
C LEU C 230 31.98 27.45 13.91
N GLY C 231 32.71 27.91 14.91
CA GLY C 231 32.51 27.47 16.29
C GLY C 231 32.70 25.98 16.40
N LEU C 232 33.70 25.47 15.66
CA LEU C 232 33.97 24.03 15.54
C LEU C 232 35.39 23.56 15.91
N PHE C 233 36.40 24.37 15.61
CA PHE C 233 37.81 23.95 15.74
C PHE C 233 38.66 25.00 16.45
N PRO C 234 39.53 24.58 17.37
CA PRO C 234 40.47 25.50 18.05
C PRO C 234 41.63 25.98 17.19
N ASP C 235 41.94 25.25 16.10
CA ASP C 235 42.94 25.70 15.10
C ASP C 235 42.56 25.49 13.61
N ALA C 236 43.22 26.27 12.75
CA ALA C 236 43.10 26.18 11.29
C ALA C 236 43.95 25.03 10.72
N ASN C 237 44.63 24.29 11.61
CA ASN C 237 45.43 23.12 11.23
C ASN C 237 44.79 22.31 10.12
N ALA D 1 10.65 -10.92 -20.51
CA ALA D 1 9.87 -10.55 -19.30
C ALA D 1 10.24 -9.16 -18.75
N ASP D 2 9.89 -8.95 -17.47
CA ASP D 2 9.94 -7.66 -16.75
C ASP D 2 11.35 -7.08 -16.50
N THR D 3 11.43 -5.85 -15.99
CA THR D 3 12.70 -5.28 -15.51
C THR D 3 12.96 -5.60 -14.04
N ILE D 4 14.22 -5.84 -13.70
CA ILE D 4 14.57 -6.21 -12.34
C ILE D 4 15.78 -5.44 -11.85
N VAL D 5 15.70 -5.02 -10.59
CA VAL D 5 16.87 -4.72 -9.75
C VAL D 5 16.69 -5.57 -8.47
N ALA D 6 17.69 -6.41 -8.12
CA ALA D 6 17.51 -7.38 -7.02
C ALA D 6 18.73 -7.62 -6.12
N VAL D 7 18.50 -8.36 -5.02
CA VAL D 7 19.57 -8.78 -4.10
C VAL D 7 19.51 -10.30 -3.87
N GLU D 8 20.46 -11.03 -4.45
CA GLU D 8 20.50 -12.50 -4.34
C GLU D 8 21.23 -13.00 -3.10
N LEU D 9 20.64 -13.99 -2.44
CA LEU D 9 21.39 -14.87 -1.51
C LEU D 9 21.59 -16.23 -2.21
N ASP D 10 22.44 -16.20 -3.25
CA ASP D 10 22.73 -17.29 -4.21
C ASP D 10 23.44 -18.42 -3.46
N THR D 11 22.74 -19.54 -3.22
CA THR D 11 23.32 -20.62 -2.42
C THR D 11 24.03 -21.63 -3.30
N TYR D 12 23.31 -22.20 -4.28
CA TYR D 12 23.92 -23.16 -5.22
C TYR D 12 24.81 -22.46 -6.25
N PRO D 13 26.12 -22.84 -6.28
CA PRO D 13 27.18 -22.31 -7.17
C PRO D 13 27.07 -22.72 -8.67
N ASN D 14 26.09 -22.17 -9.36
CA ASN D 14 25.89 -22.40 -10.79
C ASN D 14 26.99 -21.65 -11.57
N THR D 15 28.17 -22.27 -11.74
CA THR D 15 29.31 -21.56 -12.37
C THR D 15 29.38 -21.60 -13.89
N ASP D 16 28.57 -22.44 -14.55
CA ASP D 16 28.56 -22.34 -16.01
C ASP D 16 27.73 -21.10 -16.48
N ILE D 17 27.28 -20.28 -15.50
CA ILE D 17 26.66 -18.97 -15.74
C ILE D 17 27.27 -17.79 -14.95
N GLY D 18 28.31 -18.04 -14.17
CA GLY D 18 29.05 -16.92 -13.60
C GLY D 18 29.03 -16.74 -12.10
N ASP D 19 28.20 -17.50 -11.36
CA ASP D 19 28.28 -17.58 -9.89
C ASP D 19 29.75 -17.88 -9.50
N PRO D 20 30.20 -17.44 -8.31
CA PRO D 20 31.49 -17.95 -7.87
C PRO D 20 31.34 -19.41 -7.43
N SER D 21 32.47 -20.09 -7.30
CA SER D 21 32.48 -21.47 -6.88
C SER D 21 32.18 -21.59 -5.37
N TYR D 22 31.11 -20.91 -4.90
CA TYR D 22 30.68 -20.96 -3.48
C TYR D 22 29.41 -20.14 -3.18
N PRO D 23 28.75 -20.42 -2.02
CA PRO D 23 27.62 -19.61 -1.54
C PRO D 23 28.03 -18.14 -1.40
N HIS D 24 27.13 -17.26 -1.81
CA HIS D 24 27.50 -15.86 -1.98
C HIS D 24 26.30 -14.97 -1.87
N ILE D 25 26.55 -13.70 -1.57
CA ILE D 25 25.54 -12.64 -1.73
C ILE D 25 25.98 -11.63 -2.81
N GLY D 26 25.01 -11.18 -3.62
CA GLY D 26 25.32 -10.38 -4.79
C GLY D 26 24.22 -9.48 -5.32
N ILE D 27 24.64 -8.37 -5.93
CA ILE D 27 23.75 -7.33 -6.44
C ILE D 27 23.62 -7.55 -7.94
N ASP D 28 22.39 -7.81 -8.39
CA ASP D 28 22.13 -8.04 -9.82
C ASP D 28 21.38 -6.87 -10.39
N ILE D 29 21.87 -6.30 -11.48
CA ILE D 29 21.07 -5.32 -12.20
C ILE D 29 20.72 -5.90 -13.56
N LYS D 30 19.44 -6.03 -13.83
CA LYS D 30 18.97 -6.46 -15.14
C LYS D 30 19.61 -7.79 -15.61
N SER D 31 20.20 -8.55 -14.70
CA SER D 31 20.84 -9.83 -15.08
C SER D 31 21.09 -10.77 -13.90
N VAL D 32 20.86 -12.08 -14.12
CA VAL D 32 21.23 -13.15 -13.17
C VAL D 32 22.73 -13.19 -12.92
N ARG D 33 23.49 -12.41 -13.71
CA ARG D 33 24.94 -12.23 -13.55
C ARG D 33 25.29 -11.01 -12.65
N SER D 34 25.70 -11.32 -11.42
CA SER D 34 25.87 -10.34 -10.36
C SER D 34 27.01 -9.37 -10.68
N LYS D 35 26.71 -8.08 -10.62
CA LYS D 35 27.72 -7.04 -10.87
C LYS D 35 28.73 -6.95 -9.74
N LYS D 36 28.35 -7.50 -8.58
CA LYS D 36 29.25 -7.63 -7.42
C LYS D 36 28.78 -8.81 -6.55
N THR D 37 29.69 -9.73 -6.23
CA THR D 37 29.39 -10.85 -5.29
C THR D 37 30.31 -10.83 -4.07
N ALA D 38 29.86 -11.48 -3.01
CA ALA D 38 30.66 -11.65 -1.81
C ALA D 38 30.50 -13.03 -1.20
N LYS D 39 31.57 -13.51 -0.57
CA LYS D 39 31.56 -14.82 0.09
C LYS D 39 30.57 -14.80 1.26
N TRP D 40 29.48 -15.53 1.09
CA TRP D 40 28.57 -15.77 2.17
C TRP D 40 28.87 -17.11 2.75
N ASN D 41 28.84 -17.18 4.07
CA ASN D 41 28.99 -18.44 4.74
C ASN D 41 27.64 -18.87 5.29
N MET D 42 26.88 -19.56 4.44
CA MET D 42 25.53 -20.04 4.80
C MET D 42 25.57 -20.79 6.14
N GLN D 43 24.52 -20.66 6.94
CA GLN D 43 24.41 -21.41 8.22
C GLN D 43 23.11 -22.19 8.35
N ASN D 44 23.11 -23.42 7.81
CA ASN D 44 21.86 -24.17 7.56
C ASN D 44 21.00 -24.46 8.78
N GLY D 45 19.70 -24.18 8.66
CA GLY D 45 18.75 -24.38 9.75
C GLY D 45 18.59 -23.18 10.67
N LYS D 46 19.44 -22.16 10.50
CA LYS D 46 19.44 -20.97 11.36
C LYS D 46 18.61 -19.80 10.79
N VAL D 47 18.25 -18.85 11.67
CA VAL D 47 17.49 -17.65 11.26
C VAL D 47 18.38 -16.43 11.05
N GLY D 48 18.52 -16.06 9.79
CA GLY D 48 19.31 -14.89 9.43
C GLY D 48 18.46 -13.71 9.06
N THR D 49 19.13 -12.57 8.85
CA THR D 49 18.51 -11.30 8.50
C THR D 49 19.26 -10.59 7.38
N ALA D 50 18.52 -10.15 6.36
CA ALA D 50 19.10 -9.33 5.32
C ALA D 50 18.57 -7.91 5.41
N HIS D 51 19.49 -6.94 5.27
CA HIS D 51 19.14 -5.54 5.10
C HIS D 51 19.65 -5.11 3.77
N ILE D 52 18.83 -4.35 3.05
CA ILE D 52 19.26 -3.72 1.81
C ILE D 52 19.05 -2.22 2.00
N ILE D 53 20.07 -1.43 1.72
CA ILE D 53 19.98 0.03 1.88
C ILE D 53 20.41 0.69 0.58
N TYR D 54 19.63 1.67 0.15
CA TYR D 54 20.02 2.55 -0.97
C TYR D 54 19.52 3.96 -0.77
N ASN D 55 20.45 4.89 -0.84
CA ASN D 55 20.18 6.33 -0.79
C ASN D 55 20.64 6.99 -2.11
N SER D 56 19.77 7.81 -2.72
CA SER D 56 20.02 8.24 -4.10
C SER D 56 20.99 9.41 -4.24
N VAL D 57 21.54 9.87 -3.11
CA VAL D 57 22.49 10.98 -3.14
C VAL D 57 23.90 10.43 -3.36
N GLY D 58 24.35 9.60 -2.41
CA GLY D 58 25.62 8.89 -2.54
C GLY D 58 25.54 7.75 -3.54
N LYS D 59 24.32 7.35 -3.90
CA LYS D 59 24.08 6.43 -5.00
C LYS D 59 24.76 5.06 -4.85
N ARG D 60 24.91 4.60 -3.61
CA ARG D 60 25.53 3.31 -3.37
C ARG D 60 24.50 2.28 -2.90
N LEU D 61 24.31 1.21 -3.69
CA LEU D 61 23.35 0.16 -3.32
C LEU D 61 24.04 -0.84 -2.40
N SER D 62 23.51 -1.02 -1.19
CA SER D 62 24.17 -1.81 -0.14
C SER D 62 23.39 -3.03 0.34
N ALA D 63 24.13 -4.10 0.69
CA ALA D 63 23.52 -5.35 1.25
C ALA D 63 24.33 -6.06 2.37
N VAL D 64 23.62 -6.46 3.43
CA VAL D 64 24.21 -7.20 4.54
C VAL D 64 23.37 -8.46 4.85
N VAL D 65 24.03 -9.62 5.06
CA VAL D 65 23.34 -10.82 5.57
C VAL D 65 24.11 -11.36 6.74
N SER D 66 23.40 -11.50 7.86
CA SER D 66 24.00 -11.81 9.15
C SER D 66 23.27 -12.93 9.85
N TYR D 67 24.04 -13.70 10.63
CA TYR D 67 23.45 -14.69 11.53
C TYR D 67 23.61 -14.23 12.99
N PRO D 68 22.80 -14.79 13.91
CA PRO D 68 22.87 -14.39 15.32
C PRO D 68 24.24 -14.62 15.95
N ASN D 69 24.94 -15.66 15.50
CA ASN D 69 26.31 -15.92 15.95
C ASN D 69 27.19 -14.66 15.93
N GLY D 70 27.11 -13.90 14.83
CA GLY D 70 27.90 -12.67 14.62
C GLY D 70 28.53 -12.56 13.22
N ASP D 71 28.33 -13.60 12.41
CA ASP D 71 28.94 -13.72 11.07
C ASP D 71 28.17 -12.88 10.06
N SER D 72 28.87 -12.00 9.33
CA SER D 72 28.23 -11.07 8.36
C SER D 72 28.87 -11.00 6.96
N ALA D 73 28.04 -11.08 5.92
CA ALA D 73 28.51 -10.80 4.54
C ALA D 73 28.00 -9.44 4.01
N THR D 74 28.83 -8.77 3.19
CA THR D 74 28.58 -7.39 2.71
C THR D 74 28.97 -7.20 1.25
N VAL D 75 28.20 -6.37 0.53
CA VAL D 75 28.42 -6.16 -0.90
C VAL D 75 27.88 -4.80 -1.36
N SER D 76 28.71 -4.03 -2.05
CA SER D 76 28.26 -2.70 -2.51
C SER D 76 28.27 -2.55 -4.02
N TYR D 77 27.43 -1.64 -4.53
CA TYR D 77 27.44 -1.26 -5.94
C TYR D 77 26.89 0.14 -6.17
N ASP D 78 27.80 1.09 -6.44
CA ASP D 78 27.45 2.48 -6.77
C ASP D 78 26.67 2.51 -8.09
N VAL D 79 25.49 3.17 -8.10
CA VAL D 79 24.65 3.28 -9.31
C VAL D 79 23.44 4.24 -9.20
N ASP D 80 23.20 5.04 -10.25
CA ASP D 80 22.04 5.93 -10.36
C ASP D 80 20.90 5.10 -10.90
N LEU D 81 20.11 4.50 -10.00
CA LEU D 81 18.99 3.61 -10.38
C LEU D 81 18.03 4.35 -11.25
N ASP D 82 18.30 5.64 -11.15
CA ASP D 82 17.83 6.58 -12.14
C ASP D 82 17.71 5.99 -13.54
N ASN D 83 18.61 5.06 -14.08
CA ASN D 83 18.70 4.58 -15.44
C ASN D 83 18.22 3.17 -15.74
N VAL D 84 17.71 2.60 -14.55
CA VAL D 84 17.37 1.21 -14.71
C VAL D 84 15.94 0.94 -14.21
N LEU D 85 15.42 1.80 -13.33
CA LEU D 85 14.02 1.64 -12.85
C LEU D 85 13.10 2.71 -13.43
N PRO D 86 11.80 2.37 -13.65
CA PRO D 86 10.80 3.39 -14.03
C PRO D 86 10.34 4.20 -12.81
N GLU D 87 9.69 5.35 -13.04
CA GLU D 87 9.16 6.16 -11.95
C GLU D 87 8.39 5.22 -10.97
N TRP D 88 7.53 4.32 -11.50
CA TRP D 88 6.71 3.40 -10.67
C TRP D 88 7.06 1.94 -10.78
N VAL D 89 7.27 1.30 -9.63
CA VAL D 89 7.63 -0.14 -9.54
C VAL D 89 6.71 -0.93 -8.60
N ARG D 90 6.93 -2.24 -8.54
CA ARG D 90 6.43 -3.02 -7.41
C ARG D 90 7.58 -3.62 -6.65
N VAL D 91 7.33 -3.99 -5.40
CA VAL D 91 8.36 -4.64 -4.57
C VAL D 91 7.85 -5.96 -4.01
N GLY D 92 8.77 -6.90 -3.80
CA GLY D 92 8.44 -8.25 -3.31
C GLY D 92 9.63 -9.14 -3.01
N LEU D 93 9.34 -10.43 -2.83
CA LEU D 93 10.38 -11.44 -2.53
C LEU D 93 10.24 -12.64 -3.48
N SER D 94 11.34 -13.35 -3.70
CA SER D 94 11.39 -14.51 -4.61
C SER D 94 12.35 -15.61 -4.13
N ALA D 95 11.90 -16.85 -4.18
CA ALA D 95 12.74 -18.01 -3.88
C ALA D 95 12.45 -19.19 -4.81
N SER D 96 13.42 -20.07 -4.97
CA SER D 96 13.28 -21.20 -5.90
C SER D 96 14.17 -22.40 -5.56
N THR D 97 13.71 -23.56 -5.99
CA THR D 97 14.49 -24.78 -5.86
C THR D 97 14.47 -25.48 -7.22
N GLY D 98 15.32 -26.41 -7.49
CA GLY D 98 15.45 -27.25 -8.70
C GLY D 98 15.64 -28.79 -8.59
N LEU D 99 16.91 -29.34 -8.33
CA LEU D 99 17.26 -30.76 -8.13
C LEU D 99 17.53 -30.82 -6.62
N TYR D 100 18.39 -29.92 -6.15
CA TYR D 100 18.61 -29.76 -4.72
C TYR D 100 17.65 -28.70 -4.21
N LYS D 101 17.19 -28.87 -2.97
CA LYS D 101 16.10 -28.08 -2.44
C LYS D 101 16.44 -27.51 -1.06
N GLU D 102 15.62 -26.57 -0.60
CA GLU D 102 15.71 -26.00 0.76
C GLU D 102 14.37 -25.38 1.17
N THR D 103 14.22 -25.09 2.46
CA THR D 103 13.09 -24.30 2.90
C THR D 103 13.37 -22.84 2.57
N ASN D 104 12.34 -22.14 2.14
CA ASN D 104 12.44 -20.72 1.99
C ASN D 104 11.29 -20.08 2.75
N THR D 105 11.56 -19.78 4.02
CA THR D 105 10.54 -19.32 4.95
C THR D 105 10.83 -17.92 5.51
N ILE D 106 10.10 -16.91 5.04
CA ILE D 106 10.28 -15.55 5.52
C ILE D 106 9.48 -15.41 6.79
N LEU D 107 10.14 -14.99 7.88
CA LEU D 107 9.47 -14.74 9.15
C LEU D 107 8.97 -13.30 9.32
N SER D 108 9.79 -12.32 8.94
CA SER D 108 9.33 -10.93 8.93
C SER D 108 9.71 -10.25 7.61
N TRP D 109 8.90 -9.29 7.17
CA TRP D 109 9.29 -8.45 6.05
C TRP D 109 8.81 -7.02 6.21
N SER D 110 9.77 -6.08 6.12
CA SER D 110 9.50 -4.62 6.18
C SER D 110 10.28 -3.82 5.10
N PHE D 111 9.77 -2.63 4.78
CA PHE D 111 10.30 -1.80 3.68
C PHE D 111 9.82 -0.36 3.91
N THR D 112 10.72 0.59 3.70
CA THR D 112 10.38 2.01 3.74
C THR D 112 10.90 2.70 2.48
N SER D 113 10.14 3.66 1.98
CA SER D 113 10.60 4.51 0.89
C SER D 113 10.13 5.95 1.06
N LYS D 114 11.02 6.90 0.77
CA LYS D 114 10.70 8.33 0.86
C LYS D 114 11.19 9.12 -0.35
N LEU D 115 10.44 10.18 -0.69
CA LEU D 115 10.85 11.22 -1.65
C LEU D 115 10.89 12.59 -0.96
N LYS D 116 12.03 12.90 -0.32
CA LYS D 116 12.30 14.21 0.29
C LYS D 116 12.46 15.26 -0.84
N SER D 117 11.39 15.97 -1.21
CA SER D 117 11.33 16.78 -2.44
C SER D 117 12.01 18.15 -2.37
N THR D 123 7.11 15.79 1.78
CA THR D 123 7.71 14.49 1.52
C THR D 123 6.66 13.43 1.21
N ASN D 124 7.03 12.45 0.38
CA ASN D 124 6.24 11.24 0.19
C ASN D 124 6.94 10.03 0.80
N ALA D 125 6.16 9.12 1.40
CA ALA D 125 6.72 7.96 2.08
C ALA D 125 5.73 6.80 2.20
N LEU D 126 6.19 5.60 1.87
CA LEU D 126 5.49 4.35 2.18
C LEU D 126 6.31 3.53 3.17
N HIS D 127 5.66 3.00 4.21
CA HIS D 127 6.34 2.10 5.16
C HIS D 127 5.46 0.99 5.66
N PHE D 128 5.76 -0.23 5.20
CA PHE D 128 5.06 -1.40 5.69
C PHE D 128 6.00 -2.33 6.43
N VAL D 129 5.42 -3.13 7.32
CA VAL D 129 6.16 -4.08 8.14
C VAL D 129 5.26 -5.26 8.53
N PHE D 130 5.66 -6.45 8.10
CA PHE D 130 4.96 -7.71 8.42
C PHE D 130 5.80 -8.48 9.41
N ASN D 131 5.34 -8.57 10.65
CA ASN D 131 5.99 -9.43 11.65
C ASN D 131 5.30 -10.79 11.78
N GLN D 132 4.04 -10.86 11.34
CA GLN D 132 3.34 -12.13 11.11
C GLN D 132 2.66 -12.04 9.77
N PHE D 133 2.50 -13.18 9.13
CA PHE D 133 1.78 -13.27 7.86
C PHE D 133 0.41 -13.91 8.06
N SER D 134 -0.64 -13.12 7.84
CA SER D 134 -2.01 -13.56 7.99
C SER D 134 -2.40 -14.62 6.94
N LYS D 135 -3.27 -15.55 7.34
CA LYS D 135 -3.65 -16.70 6.50
C LYS D 135 -4.03 -16.24 5.10
N ASP D 136 -5.18 -15.61 4.98
CA ASP D 136 -5.59 -14.95 3.75
C ASP D 136 -5.14 -13.49 3.87
N GLN D 137 -3.92 -13.23 3.39
CA GLN D 137 -3.24 -11.93 3.57
C GLN D 137 -3.45 -10.99 2.38
N LYS D 138 -4.62 -10.36 2.35
CA LYS D 138 -5.07 -9.58 1.21
C LYS D 138 -4.10 -8.53 0.62
N ASP D 139 -3.09 -8.11 1.37
CA ASP D 139 -2.20 -7.08 0.84
C ASP D 139 -0.89 -7.66 0.27
N LEU D 140 -0.91 -8.95 -0.03
CA LEU D 140 0.21 -9.59 -0.74
C LEU D 140 -0.21 -10.19 -2.07
N ILE D 141 0.52 -9.89 -3.14
CA ILE D 141 0.32 -10.57 -4.43
C ILE D 141 1.25 -11.81 -4.55
N LEU D 142 0.83 -12.94 -3.96
CA LEU D 142 1.60 -14.19 -4.03
C LEU D 142 1.50 -14.82 -5.40
N GLN D 143 2.61 -15.32 -5.91
CA GLN D 143 2.64 -15.97 -7.21
C GLN D 143 3.43 -17.26 -7.12
N GLY D 144 2.99 -18.28 -7.88
CA GLY D 144 3.61 -19.60 -7.87
C GLY D 144 3.31 -20.35 -6.58
N ASP D 145 4.22 -21.23 -6.17
CA ASP D 145 4.00 -22.08 -5.00
C ASP D 145 4.09 -21.32 -3.64
N ALA D 146 4.05 -19.99 -3.70
CA ALA D 146 4.13 -19.16 -2.48
C ALA D 146 2.79 -19.05 -1.73
N THR D 147 2.80 -19.40 -0.44
CA THR D 147 1.58 -19.40 0.39
C THR D 147 1.86 -19.17 1.86
N THR D 148 1.01 -18.39 2.52
CA THR D 148 1.14 -18.04 3.92
C THR D 148 0.32 -18.99 4.80
N GLY D 149 0.49 -18.72 5.97
CA GLY D 149 -0.52 -19.29 6.87
C GLY D 149 -0.13 -20.32 7.93
N THR D 150 -0.82 -20.59 8.97
CA THR D 150 -0.80 -21.55 10.02
C THR D 150 0.34 -21.57 11.09
N ASP D 151 1.57 -21.79 10.75
CA ASP D 151 2.80 -21.34 11.43
C ASP D 151 3.18 -19.93 11.72
N GLY D 152 2.45 -19.00 10.81
CA GLY D 152 2.63 -17.56 10.95
C GLY D 152 3.44 -17.00 9.80
N ASN D 153 3.88 -17.90 8.93
CA ASN D 153 4.94 -17.59 7.98
C ASN D 153 4.60 -17.71 6.49
N LEU D 154 5.32 -16.92 5.69
CA LEU D 154 5.22 -16.93 4.25
C LEU D 154 6.10 -18.07 3.70
N GLU D 155 5.48 -19.16 3.21
CA GLU D 155 6.23 -20.25 2.58
C GLU D 155 6.41 -20.02 1.08
N LEU D 156 7.57 -19.45 0.73
CA LEU D 156 7.86 -19.03 -0.65
C LEU D 156 7.93 -20.20 -1.62
N THR D 157 8.65 -21.26 -1.25
CA THR D 157 8.66 -22.52 -2.05
C THR D 157 7.81 -23.57 -1.39
N ARG D 158 7.34 -24.50 -2.22
CA ARG D 158 6.41 -25.50 -1.78
C ARG D 158 7.10 -26.37 -0.75
N VAL D 159 6.41 -26.63 0.37
CA VAL D 159 6.86 -27.61 1.38
C VAL D 159 5.77 -28.65 1.63
N SER D 160 6.13 -29.92 1.78
CA SER D 160 5.14 -30.93 2.09
C SER D 160 4.66 -30.85 3.54
N SER D 161 3.88 -31.84 3.96
CA SER D 161 3.21 -31.82 5.25
C SER D 161 4.16 -32.16 6.40
N ASN D 162 4.98 -33.18 6.19
CA ASN D 162 5.98 -33.59 7.19
C ASN D 162 7.20 -32.67 7.20
N GLY D 163 7.04 -31.48 6.64
CA GLY D 163 8.06 -30.45 6.64
C GLY D 163 9.13 -30.61 5.56
N SER D 164 9.00 -31.66 4.75
CA SER D 164 9.98 -31.94 3.71
C SER D 164 9.79 -31.03 2.48
N PRO D 165 10.77 -30.14 2.23
CA PRO D 165 10.67 -29.20 1.11
C PRO D 165 10.61 -29.90 -0.23
N GLN D 166 10.24 -29.15 -1.27
CA GLN D 166 10.11 -29.69 -2.63
C GLN D 166 11.14 -29.10 -3.58
N GLY D 167 11.57 -29.93 -4.53
CA GLY D 167 12.45 -29.49 -5.61
C GLY D 167 11.66 -29.02 -6.82
N SER D 168 12.29 -28.19 -7.64
CA SER D 168 11.63 -27.56 -8.80
C SER D 168 10.35 -26.96 -8.36
N SER D 169 10.49 -25.82 -7.67
CA SER D 169 9.40 -25.07 -7.11
C SER D 169 9.90 -23.63 -7.10
N VAL D 170 9.12 -22.74 -7.71
CA VAL D 170 9.42 -21.31 -7.66
C VAL D 170 8.28 -20.57 -6.92
N GLY D 171 8.64 -19.57 -6.10
CA GLY D 171 7.66 -18.78 -5.34
C GLY D 171 7.98 -17.29 -5.29
N ARG D 172 6.94 -16.46 -5.14
CA ARG D 172 7.08 -15.00 -5.18
C ARG D 172 6.01 -14.33 -4.34
N ALA D 173 6.38 -13.26 -3.64
CA ALA D 173 5.43 -12.44 -2.82
C ALA D 173 5.54 -10.90 -3.01
N LEU D 174 4.60 -10.31 -3.73
CA LEU D 174 4.64 -8.87 -4.03
C LEU D 174 3.72 -8.09 -3.14
N PHE D 175 4.27 -7.13 -2.41
CA PHE D 175 3.46 -6.18 -1.65
C PHE D 175 2.48 -5.55 -2.61
N TYR D 176 1.29 -5.20 -2.12
CA TYR D 176 0.17 -4.87 -2.99
C TYR D 176 0.37 -3.64 -3.85
N ALA D 177 0.80 -2.55 -3.23
CA ALA D 177 0.81 -1.25 -3.88
C ALA D 177 1.97 -1.03 -4.84
N PRO D 178 1.75 -0.21 -5.89
CA PRO D 178 2.85 0.47 -6.54
C PRO D 178 3.59 1.34 -5.53
N VAL D 179 4.88 1.57 -5.78
CA VAL D 179 5.69 2.32 -4.84
C VAL D 179 6.51 3.32 -5.62
N HIS D 180 6.09 4.59 -5.56
CA HIS D 180 6.85 5.68 -6.12
C HIS D 180 8.28 5.52 -5.62
N ILE D 181 9.19 5.12 -6.51
CA ILE D 181 10.55 4.84 -6.08
C ILE D 181 11.49 5.99 -6.37
N TRP D 182 11.36 6.59 -7.55
CA TRP D 182 12.09 7.82 -7.85
C TRP D 182 11.25 8.83 -8.57
N GLU D 183 11.47 10.10 -8.25
CA GLU D 183 10.76 11.22 -8.88
C GLU D 183 11.70 12.20 -9.58
N SER D 184 11.21 12.74 -10.69
CA SER D 184 11.79 13.91 -11.33
C SER D 184 11.92 15.04 -10.28
N SER D 185 10.86 15.20 -9.47
CA SER D 185 10.66 16.28 -8.47
C SER D 185 11.46 16.19 -7.14
N ALA D 186 11.62 14.97 -6.63
CA ALA D 186 12.24 14.75 -5.32
C ALA D 186 13.76 14.97 -5.34
N VAL D 187 14.24 15.62 -4.27
CA VAL D 187 15.68 15.91 -4.07
C VAL D 187 16.44 14.66 -3.58
N VAL D 188 15.78 13.84 -2.76
CA VAL D 188 16.34 12.57 -2.26
C VAL D 188 15.33 11.40 -2.43
N ALA D 189 15.67 10.46 -3.29
CA ALA D 189 14.86 9.28 -3.49
C ALA D 189 15.58 8.14 -2.80
N SER D 190 14.88 7.40 -1.96
CA SER D 190 15.58 6.35 -1.19
C SER D 190 14.70 5.20 -0.72
N PHE D 191 15.37 4.12 -0.30
CA PHE D 191 14.67 2.99 0.30
C PHE D 191 15.53 2.16 1.26
N ASP D 192 14.85 1.36 2.08
CA ASP D 192 15.47 0.30 2.84
C ASP D 192 14.50 -0.88 2.86
N ALA D 193 15.03 -2.08 3.09
CA ALA D 193 14.28 -3.34 3.01
C ALA D 193 14.94 -4.39 3.91
N THR D 194 14.14 -4.97 4.80
CA THR D 194 14.62 -5.91 5.80
C THR D 194 13.79 -7.20 5.80
N PHE D 195 14.44 -8.35 5.99
CA PHE D 195 13.70 -9.60 6.19
C PHE D 195 14.44 -10.70 6.92
N THR D 196 13.67 -11.51 7.65
CA THR D 196 14.22 -12.67 8.33
C THR D 196 13.80 -13.99 7.64
N PHE D 197 14.74 -14.94 7.57
CA PHE D 197 14.55 -16.21 6.85
C PHE D 197 15.04 -17.44 7.63
N LEU D 198 14.41 -18.58 7.35
CA LEU D 198 14.94 -19.90 7.73
C LEU D 198 15.11 -20.79 6.50
N ILE D 199 16.37 -21.08 6.22
CA ILE D 199 16.73 -21.97 5.14
C ILE D 199 17.33 -23.24 5.73
N LYS D 200 16.64 -24.35 5.49
CA LYS D 200 17.05 -25.63 6.02
C LYS D 200 16.88 -26.70 4.96
N SER D 201 17.90 -27.56 4.88
CA SER D 201 17.96 -28.72 3.98
C SER D 201 19.07 -29.62 4.49
N SER D 202 19.08 -30.88 4.06
CA SER D 202 20.24 -31.75 4.26
C SER D 202 20.61 -32.49 2.98
N ASP D 203 20.96 -31.53 2.11
CA ASP D 203 21.50 -31.99 0.84
C ASP D 203 23.03 -31.84 0.85
N SER D 204 23.66 -31.90 -0.31
CA SER D 204 25.11 -31.64 -0.38
C SER D 204 25.38 -30.13 -0.21
N HIS D 205 24.89 -29.35 -1.18
CA HIS D 205 24.64 -27.93 -1.02
C HIS D 205 23.15 -27.92 -1.30
N PRO D 206 22.36 -27.15 -0.51
CA PRO D 206 20.96 -26.84 -0.85
C PRO D 206 20.89 -25.86 -2.01
N ALA D 207 19.68 -25.61 -2.52
CA ALA D 207 19.48 -24.74 -3.70
C ALA D 207 18.02 -24.29 -3.77
N ASP D 208 17.73 -23.09 -4.27
CA ASP D 208 18.72 -22.23 -4.95
C ASP D 208 19.07 -20.90 -4.27
N GLY D 209 18.16 -20.37 -3.46
CA GLY D 209 18.43 -19.13 -2.71
C GLY D 209 17.27 -18.14 -2.69
N ILE D 210 17.44 -17.06 -1.94
CA ILE D 210 16.38 -16.08 -1.75
C ILE D 210 16.77 -14.72 -2.33
N ALA D 211 15.74 -13.96 -2.73
CA ALA D 211 15.92 -12.66 -3.34
C ALA D 211 14.91 -11.62 -2.82
N PHE D 212 15.35 -10.38 -2.59
CA PHE D 212 14.43 -9.25 -2.54
C PHE D 212 14.53 -8.65 -3.94
N PHE D 213 13.40 -8.20 -4.49
CA PHE D 213 13.44 -7.62 -5.85
C PHE D 213 12.63 -6.32 -6.08
N ILE D 214 13.04 -5.56 -7.09
CA ILE D 214 12.29 -4.39 -7.55
C ILE D 214 12.06 -4.54 -9.05
N SER D 215 10.81 -4.31 -9.48
CA SER D 215 10.45 -4.48 -10.88
C SER D 215 9.18 -3.73 -11.21
N ASN D 216 8.87 -3.63 -12.51
CA ASN D 216 7.71 -2.87 -13.02
C ASN D 216 6.37 -3.37 -12.48
N ILE D 217 5.48 -2.43 -12.15
CA ILE D 217 4.24 -2.73 -11.39
C ILE D 217 3.57 -4.08 -11.70
N ASP D 218 3.39 -4.36 -12.98
CA ASP D 218 2.62 -5.51 -13.47
C ASP D 218 3.39 -6.85 -13.61
N SER D 219 4.36 -7.11 -12.71
CA SER D 219 5.35 -8.21 -12.86
C SER D 219 4.95 -9.67 -12.50
N SER D 220 5.35 -10.60 -13.36
CA SER D 220 4.94 -12.01 -13.25
C SER D 220 6.12 -12.96 -13.43
N ILE D 221 6.02 -14.16 -12.86
CA ILE D 221 7.14 -15.11 -12.89
C ILE D 221 7.44 -15.54 -14.32
N PRO D 222 8.66 -15.23 -14.81
CA PRO D 222 9.06 -15.75 -16.12
C PRO D 222 9.05 -17.26 -16.11
N SER D 223 8.49 -17.85 -17.16
CA SER D 223 8.30 -19.31 -17.23
C SER D 223 9.63 -20.05 -17.40
N GLY D 224 9.83 -21.08 -16.58
CA GLY D 224 11.12 -21.75 -16.54
C GLY D 224 12.15 -20.97 -15.75
N SER D 225 11.70 -20.20 -14.78
CA SER D 225 12.65 -19.51 -13.92
C SER D 225 12.81 -20.19 -12.56
N THR D 226 12.53 -21.50 -12.51
CA THR D 226 12.78 -22.25 -11.27
C THR D 226 14.28 -22.48 -11.15
N GLY D 227 14.71 -22.88 -9.95
CA GLY D 227 16.13 -23.12 -9.68
C GLY D 227 17.03 -21.89 -9.77
N ARG D 228 18.10 -22.02 -10.56
CA ARG D 228 19.22 -21.06 -10.66
C ARG D 228 18.88 -19.62 -11.11
N LEU D 229 17.67 -19.42 -11.63
CA LEU D 229 17.25 -18.11 -12.12
C LEU D 229 16.36 -17.38 -11.12
N LEU D 230 16.04 -18.09 -10.04
CA LEU D 230 15.53 -17.49 -8.80
C LEU D 230 14.16 -16.81 -8.95
N GLY D 231 13.46 -17.19 -10.00
CA GLY D 231 12.11 -16.66 -10.27
C GLY D 231 12.17 -15.18 -10.58
N LEU D 232 13.28 -14.78 -11.20
CA LEU D 232 13.59 -13.38 -11.47
C LEU D 232 13.89 -13.06 -12.94
N PHE D 233 14.53 -14.00 -13.65
CA PHE D 233 14.96 -13.80 -15.06
C PHE D 233 14.52 -14.92 -16.01
N PRO D 234 14.19 -14.55 -17.28
CA PRO D 234 13.86 -15.57 -18.26
C PRO D 234 15.00 -16.08 -19.12
N ASP D 235 16.18 -15.46 -19.07
CA ASP D 235 17.36 -16.02 -19.79
C ASP D 235 18.49 -15.99 -18.75
N ALA D 236 19.65 -16.54 -19.12
CA ALA D 236 20.82 -16.55 -18.25
C ALA D 236 21.83 -15.54 -18.79
N ASN D 237 21.43 -14.79 -19.82
CA ASN D 237 22.30 -13.76 -20.44
C ASN D 237 23.05 -12.87 -19.44
N ALA E 1 7.03 14.71 47.74
CA ALA E 1 7.88 14.81 46.53
C ALA E 1 7.24 15.66 45.40
N ASP E 2 7.28 15.17 44.17
CA ASP E 2 7.30 16.01 42.96
C ASP E 2 5.97 16.26 42.21
N THR E 3 5.57 15.29 41.38
CA THR E 3 4.25 15.18 40.69
C THR E 3 4.30 13.87 39.90
N ILE E 4 3.24 13.08 40.00
CA ILE E 4 3.21 11.81 39.28
C ILE E 4 1.90 11.64 38.54
N VAL E 5 1.97 10.98 37.38
CA VAL E 5 0.85 10.27 36.74
C VAL E 5 1.43 8.92 36.30
N ALA E 6 0.77 7.80 36.65
CA ALA E 6 1.32 6.46 36.33
C ALA E 6 0.35 5.30 36.08
N VAL E 7 0.93 4.21 35.58
CA VAL E 7 0.23 2.98 35.33
C VAL E 7 0.89 1.91 36.18
N GLU E 8 0.13 1.44 37.18
CA GLU E 8 0.58 0.41 38.16
C GLU E 8 0.31 -1.04 37.72
N LEU E 9 1.34 -1.88 37.78
CA LEU E 9 1.17 -3.34 37.69
C LEU E 9 1.28 -3.98 39.09
N ASP E 10 0.29 -3.65 39.93
CA ASP E 10 0.23 -3.96 41.39
C ASP E 10 0.10 -5.45 41.57
N THR E 11 1.17 -6.07 42.08
CA THR E 11 1.22 -7.53 42.21
C THR E 11 0.78 -8.00 43.59
N TYR E 12 0.86 -7.09 44.57
CA TYR E 12 0.47 -7.38 45.95
C TYR E 12 -0.82 -6.67 46.34
N PRO E 13 -1.82 -7.44 46.84
CA PRO E 13 -3.11 -6.88 47.29
C PRO E 13 -3.04 -6.06 48.60
N ASN E 14 -2.36 -4.90 48.57
CA ASN E 14 -2.29 -3.98 49.73
C ASN E 14 -3.66 -3.30 50.02
N THR E 15 -4.40 -3.75 51.04
CA THR E 15 -5.79 -3.26 51.24
C THR E 15 -6.06 -2.29 52.41
N ASP E 16 -5.17 -2.17 53.40
CA ASP E 16 -5.37 -1.06 54.37
C ASP E 16 -4.94 0.30 53.78
N ILE E 17 -4.48 0.27 52.51
CA ILE E 17 -4.27 1.47 51.67
C ILE E 17 -5.15 1.57 50.41
N GLY E 18 -5.90 0.53 50.07
CA GLY E 18 -6.87 0.66 49.00
C GLY E 18 -6.96 -0.44 47.95
N ASP E 19 -5.80 -0.90 47.44
CA ASP E 19 -5.72 -1.88 46.33
C ASP E 19 -6.87 -2.88 46.44
N PRO E 20 -7.55 -3.21 45.32
CA PRO E 20 -8.54 -4.30 45.47
C PRO E 20 -7.81 -5.59 45.87
N SER E 21 -8.52 -6.50 46.52
CA SER E 21 -7.89 -7.68 47.15
C SER E 21 -7.42 -8.79 46.15
N TYR E 22 -6.50 -8.43 45.25
CA TYR E 22 -5.92 -9.30 44.22
C TYR E 22 -4.95 -8.50 43.32
N PRO E 23 -4.01 -9.18 42.64
CA PRO E 23 -3.20 -8.50 41.63
C PRO E 23 -4.05 -7.73 40.63
N HIS E 24 -3.63 -6.50 40.34
CA HIS E 24 -4.38 -5.62 39.45
C HIS E 24 -3.44 -4.71 38.67
N ILE E 25 -4.02 -4.01 37.71
CA ILE E 25 -3.41 -2.82 37.11
C ILE E 25 -4.31 -1.59 37.29
N GLY E 26 -3.68 -0.45 37.61
CA GLY E 26 -4.39 0.79 37.88
C GLY E 26 -3.77 2.07 37.32
N ILE E 27 -4.65 3.05 37.07
CA ILE E 27 -4.24 4.40 36.72
C ILE E 27 -4.23 5.21 38.00
N ASP E 28 -3.05 5.76 38.32
CA ASP E 28 -2.80 6.52 39.54
C ASP E 28 -2.61 7.98 39.18
N ILE E 29 -3.43 8.85 39.72
CA ILE E 29 -3.13 10.28 39.55
C ILE E 29 -2.73 10.88 40.88
N LYS E 30 -1.48 11.32 40.95
CA LYS E 30 -0.93 12.02 42.12
C LYS E 30 -1.28 11.31 43.42
N SER E 31 -1.68 10.05 43.33
CA SER E 31 -1.96 9.25 44.53
C SER E 31 -1.79 7.77 44.24
N VAL E 32 -1.17 7.05 45.19
CA VAL E 32 -1.06 5.59 45.14
C VAL E 32 -2.42 4.86 45.06
N ARG E 33 -3.51 5.51 45.49
CA ARG E 33 -4.91 5.01 45.29
C ARG E 33 -5.38 5.26 43.84
N SER E 34 -5.49 4.18 43.09
CA SER E 34 -5.80 4.24 41.66
C SER E 34 -7.23 4.73 41.47
N LYS E 35 -7.39 5.78 40.67
CA LYS E 35 -8.73 6.33 40.41
C LYS E 35 -9.55 5.37 39.54
N LYS E 36 -8.93 4.23 39.22
CA LYS E 36 -9.47 3.27 38.27
C LYS E 36 -8.60 2.02 38.59
N THR E 37 -9.17 0.81 38.47
CA THR E 37 -8.43 -0.49 38.66
C THR E 37 -9.09 -1.59 37.79
N ALA E 38 -8.38 -2.69 37.58
CA ALA E 38 -8.90 -3.83 36.81
C ALA E 38 -8.11 -5.11 37.09
N LYS E 39 -8.82 -6.21 37.33
CA LYS E 39 -8.18 -7.50 37.71
C LYS E 39 -7.26 -8.13 36.64
N TRP E 40 -6.08 -8.50 37.10
CA TRP E 40 -5.03 -9.01 36.25
C TRP E 40 -4.56 -10.28 36.86
N ASN E 41 -4.46 -11.31 36.03
CA ASN E 41 -3.91 -12.57 36.47
C ASN E 41 -2.40 -12.64 36.19
N MET E 42 -1.66 -12.07 37.13
CA MET E 42 -0.19 -12.13 37.20
C MET E 42 0.21 -13.54 36.71
N GLN E 43 1.01 -13.63 35.64
CA GLN E 43 1.45 -14.93 35.09
C GLN E 43 2.94 -15.12 35.35
N ASN E 44 3.23 -15.89 36.39
CA ASN E 44 4.55 -15.91 37.01
C ASN E 44 5.69 -16.43 36.11
N GLY E 45 6.71 -15.60 35.92
CA GLY E 45 7.87 -16.01 35.15
C GLY E 45 7.69 -15.89 33.66
N LYS E 46 6.47 -15.57 33.23
CA LYS E 46 6.19 -15.37 31.82
C LYS E 46 6.41 -13.90 31.44
N VAL E 47 6.75 -13.68 30.16
CA VAL E 47 7.06 -12.34 29.63
C VAL E 47 5.79 -11.69 29.09
N GLY E 48 5.46 -10.52 29.65
CA GLY E 48 4.25 -9.79 29.29
C GLY E 48 4.52 -8.40 28.75
N THR E 49 3.59 -7.90 27.94
CA THR E 49 3.72 -6.55 27.38
C THR E 49 2.65 -5.61 27.88
N ALA E 50 3.05 -4.40 28.21
CA ALA E 50 2.10 -3.37 28.51
C ALA E 50 2.22 -2.23 27.51
N HIS E 51 1.06 -1.81 27.02
CA HIS E 51 0.93 -0.63 26.19
C HIS E 51 0.15 0.36 26.98
N ILE E 52 0.50 1.64 26.84
CA ILE E 52 -0.25 2.75 27.43
C ILE E 52 -0.49 3.74 26.31
N ILE E 53 -1.58 4.51 26.39
CA ILE E 53 -1.94 5.48 25.34
C ILE E 53 -2.75 6.62 25.92
N TYR E 54 -2.52 7.82 25.38
CA TYR E 54 -3.38 8.97 25.65
C TYR E 54 -3.29 9.92 24.47
N ASN E 55 -4.46 10.42 24.04
CA ASN E 55 -4.52 11.55 23.09
C ASN E 55 -5.27 12.70 23.72
N SER E 56 -4.77 13.92 23.54
CA SER E 56 -5.36 15.06 24.22
C SER E 56 -6.72 15.43 23.62
N VAL E 57 -7.02 14.87 22.46
CA VAL E 57 -8.29 15.14 21.84
C VAL E 57 -9.40 14.43 22.63
N GLY E 58 -9.46 13.10 22.49
CA GLY E 58 -10.44 12.24 23.18
C GLY E 58 -10.26 12.15 24.68
N LYS E 59 -9.13 12.66 25.20
CA LYS E 59 -8.82 12.76 26.64
C LYS E 59 -9.11 11.50 27.46
N ARG E 60 -8.72 10.35 26.92
CA ARG E 60 -8.91 9.11 27.63
C ARG E 60 -7.57 8.39 27.75
N LEU E 61 -7.10 8.13 28.98
CA LEU E 61 -5.87 7.37 29.19
C LEU E 61 -6.17 5.87 29.17
N SER E 62 -5.34 5.09 28.48
CA SER E 62 -5.58 3.65 28.30
C SER E 62 -4.37 2.77 28.64
N ALA E 63 -4.66 1.60 29.21
CA ALA E 63 -3.64 0.57 29.48
C ALA E 63 -4.10 -0.87 29.13
N VAL E 64 -3.21 -1.60 28.47
CA VAL E 64 -3.36 -3.05 28.26
C VAL E 64 -2.17 -3.80 28.87
N VAL E 65 -2.42 -4.81 29.70
CA VAL E 65 -1.36 -5.71 30.15
C VAL E 65 -1.76 -7.10 29.73
N SER E 66 -0.88 -7.74 28.96
CA SER E 66 -1.19 -9.05 28.37
C SER E 66 0.02 -9.98 28.29
N TYR E 67 -0.29 -11.28 28.34
CA TYR E 67 0.69 -12.32 28.16
C TYR E 67 0.44 -12.98 26.81
N PRO E 68 1.39 -13.83 26.34
CA PRO E 68 1.35 -14.29 24.94
C PRO E 68 0.24 -15.30 24.62
N ASN E 69 -0.24 -16.04 25.62
CA ASN E 69 -1.37 -16.98 25.43
C ASN E 69 -2.77 -16.34 25.35
N GLY E 70 -2.83 -15.02 25.17
CA GLY E 70 -4.10 -14.34 24.92
C GLY E 70 -4.69 -13.52 26.06
N ASP E 71 -4.33 -13.85 27.31
CA ASP E 71 -4.96 -13.22 28.49
C ASP E 71 -4.63 -11.74 28.59
N SER E 72 -5.66 -10.89 28.58
CA SER E 72 -5.50 -9.43 28.71
C SER E 72 -5.93 -8.83 30.06
N ALA E 73 -5.82 -7.52 30.15
CA ALA E 73 -6.39 -6.74 31.26
C ALA E 73 -6.50 -5.29 30.80
N THR E 74 -7.64 -4.65 31.10
CA THR E 74 -7.90 -3.30 30.59
C THR E 74 -8.54 -2.39 31.63
N VAL E 75 -8.17 -1.11 31.58
CA VAL E 75 -8.70 -0.08 32.46
C VAL E 75 -8.50 1.29 31.79
N SER E 76 -9.53 2.14 31.83
CA SER E 76 -9.44 3.42 31.12
C SER E 76 -9.83 4.57 32.01
N TYR E 77 -9.17 5.72 31.82
CA TYR E 77 -9.49 6.94 32.60
C TYR E 77 -9.53 8.20 31.75
N ASP E 78 -10.73 8.81 31.62
CA ASP E 78 -10.91 10.10 30.96
C ASP E 78 -10.24 11.15 31.83
N VAL E 79 -9.30 11.91 31.27
CA VAL E 79 -8.61 13.00 32.01
C VAL E 79 -7.90 14.02 31.12
N ASP E 80 -7.94 15.29 31.53
CA ASP E 80 -7.22 16.37 30.81
C ASP E 80 -5.87 16.59 31.48
N LEU E 81 -4.87 15.81 31.06
CA LEU E 81 -3.51 15.94 31.58
C LEU E 81 -2.95 17.41 31.50
N ASP E 82 -3.75 18.52 30.88
CA ASP E 82 -3.70 20.02 31.00
C ASP E 82 -3.33 20.43 32.39
N ASN E 83 -4.03 19.47 33.00
CA ASN E 83 -4.35 19.84 34.36
C ASN E 83 -3.50 19.18 35.40
N VAL E 84 -2.87 18.07 35.06
CA VAL E 84 -2.16 17.37 36.12
C VAL E 84 -0.63 17.45 35.98
N LEU E 85 -0.13 17.38 34.75
CA LEU E 85 1.31 17.49 34.46
C LEU E 85 1.65 18.86 33.93
N PRO E 86 2.94 19.21 33.85
CA PRO E 86 3.33 20.51 33.27
C PRO E 86 3.82 20.39 31.83
N GLU E 87 3.84 21.51 31.12
CA GLU E 87 4.47 21.61 29.80
C GLU E 87 5.71 20.65 29.66
N TRP E 88 6.61 20.63 30.65
CA TRP E 88 7.82 19.76 30.61
C TRP E 88 7.88 18.68 31.66
N VAL E 89 8.22 17.48 31.21
CA VAL E 89 8.32 16.30 32.07
C VAL E 89 9.51 15.40 31.75
N ARG E 90 9.75 14.43 32.62
CA ARG E 90 10.60 13.31 32.27
C ARG E 90 9.78 12.02 32.24
N VAL E 91 10.15 11.12 31.32
CA VAL E 91 9.53 9.80 31.23
C VAL E 91 10.49 8.73 31.78
N GLY E 92 9.97 7.80 32.57
CA GLY E 92 10.80 6.80 33.25
C GLY E 92 10.06 5.56 33.71
N LEU E 93 10.81 4.60 34.23
CA LEU E 93 10.22 3.35 34.71
C LEU E 93 10.57 3.05 36.18
N SER E 94 9.63 2.45 36.92
CA SER E 94 9.83 2.14 38.33
C SER E 94 9.28 0.79 38.74
N ALA E 95 9.99 0.15 39.67
CA ALA E 95 9.52 -1.06 40.35
C ALA E 95 10.12 -1.14 41.76
N SER E 96 9.52 -1.98 42.61
CA SER E 96 9.99 -2.15 43.99
C SER E 96 9.65 -3.52 44.58
N THR E 97 10.37 -3.88 45.64
CA THR E 97 10.00 -5.01 46.49
C THR E 97 10.06 -4.57 47.96
N GLY E 98 9.60 -5.45 48.85
CA GLY E 98 9.47 -5.14 50.29
C GLY E 98 9.69 -6.34 51.17
N LEU E 99 8.66 -6.70 51.95
CA LEU E 99 8.63 -7.98 52.68
C LEU E 99 8.67 -9.15 51.72
N TYR E 100 7.99 -9.01 50.60
CA TYR E 100 8.06 -10.01 49.54
C TYR E 100 8.85 -9.49 48.34
N LYS E 101 9.22 -10.39 47.44
CA LYS E 101 10.23 -10.10 46.41
C LYS E 101 9.88 -10.65 45.01
N GLU E 102 10.42 -10.02 43.98
CA GLU E 102 10.21 -10.46 42.58
C GLU E 102 11.29 -9.95 41.64
N THR E 103 11.33 -10.53 40.44
CA THR E 103 12.24 -10.05 39.41
C THR E 103 11.57 -8.92 38.69
N ASN E 104 12.25 -7.78 38.60
CA ASN E 104 11.71 -6.65 37.87
C ASN E 104 12.54 -6.38 36.62
N THR E 105 12.32 -7.26 35.63
CA THR E 105 13.11 -7.34 34.40
C THR E 105 12.37 -6.81 33.17
N ILE E 106 12.80 -5.65 32.69
CA ILE E 106 12.29 -5.02 31.48
C ILE E 106 13.14 -5.44 30.29
N LEU E 107 12.53 -6.04 29.28
CA LEU E 107 13.29 -6.51 28.11
C LEU E 107 13.24 -5.56 26.88
N SER E 108 12.39 -4.54 26.94
CA SER E 108 12.35 -3.51 25.90
C SER E 108 11.44 -2.38 26.39
N TRP E 109 11.69 -1.15 25.94
CA TRP E 109 10.93 0.00 26.35
C TRP E 109 10.99 1.00 25.26
N SER E 110 9.81 1.40 24.78
CA SER E 110 9.71 2.47 23.78
C SER E 110 8.57 3.46 24.06
N PHE E 111 8.83 4.73 23.74
CA PHE E 111 7.90 5.83 23.98
C PHE E 111 7.92 6.80 22.78
N THR E 112 6.76 7.37 22.46
CA THR E 112 6.65 8.45 21.47
C THR E 112 5.71 9.60 21.95
N SER E 113 6.09 10.85 21.70
CA SER E 113 5.19 12.01 21.89
C SER E 113 5.25 13.03 20.74
N LYS E 114 4.10 13.62 20.42
CA LYS E 114 4.01 14.64 19.36
C LYS E 114 3.16 15.84 19.79
N LEU E 115 3.48 16.99 19.17
CA LEU E 115 2.62 18.17 19.19
C LEU E 115 2.18 18.55 17.77
N LYS E 116 1.04 17.99 17.33
CA LYS E 116 0.47 18.22 15.99
C LYS E 116 -0.18 19.63 15.91
N SER E 117 0.62 20.67 15.60
CA SER E 117 0.16 22.10 15.63
C SER E 117 -1.01 22.44 14.68
N THR E 123 5.01 19.87 13.22
CA THR E 123 4.97 18.87 14.28
C THR E 123 6.29 18.80 15.06
N ASN E 124 6.21 18.78 16.39
CA ASN E 124 7.34 18.44 17.26
C ASN E 124 7.17 17.00 17.77
N ALA E 125 8.17 16.13 17.58
CA ALA E 125 8.04 14.72 17.96
C ALA E 125 9.30 14.08 18.56
N LEU E 126 9.12 13.21 19.55
CA LEU E 126 10.24 12.41 20.07
C LEU E 126 9.88 10.93 20.14
N HIS E 127 10.80 10.00 19.65
CA HIS E 127 10.52 8.59 19.42
C HIS E 127 11.74 7.81 19.82
N PHE E 128 11.74 7.19 20.92
CA PHE E 128 12.91 6.43 21.35
C PHE E 128 12.50 5.01 21.68
N VAL E 129 13.47 4.09 21.61
CA VAL E 129 13.23 2.67 21.85
C VAL E 129 14.49 1.90 22.23
N PHE E 130 14.41 1.18 23.34
CA PHE E 130 15.47 0.29 23.79
C PHE E 130 15.04 -1.16 23.58
N ASN E 131 15.69 -1.85 22.63
CA ASN E 131 15.46 -3.29 22.40
C ASN E 131 16.53 -4.18 23.05
N GLN E 132 17.70 -3.59 23.30
CA GLN E 132 18.70 -4.16 24.22
C GLN E 132 19.34 -3.07 25.08
N PHE E 133 19.37 -3.30 26.39
CA PHE E 133 20.01 -2.42 27.36
C PHE E 133 21.47 -2.82 27.58
N SER E 134 22.39 -1.98 27.09
CA SER E 134 23.83 -2.20 27.28
C SER E 134 24.23 -1.92 28.73
N LYS E 135 25.42 -2.41 29.09
CA LYS E 135 25.94 -2.29 30.46
C LYS E 135 26.11 -0.87 30.98
N ASP E 136 26.92 -0.05 30.33
CA ASP E 136 27.05 1.34 30.71
C ASP E 136 26.23 2.05 29.64
N GLN E 137 25.13 2.66 30.08
CA GLN E 137 24.19 3.31 29.17
C GLN E 137 24.00 4.81 29.47
N LYS E 138 24.52 5.64 28.57
CA LYS E 138 24.60 7.08 28.80
C LYS E 138 23.31 7.86 28.54
N ASP E 139 22.29 7.22 27.96
CA ASP E 139 21.00 7.87 27.73
C ASP E 139 19.94 7.49 28.80
N LEU E 140 20.36 6.69 29.76
CA LEU E 140 19.49 6.41 30.91
C LEU E 140 19.99 7.08 32.19
N ILE E 141 19.04 7.67 32.92
CA ILE E 141 19.25 8.10 34.29
C ILE E 141 18.80 6.91 35.17
N LEU E 142 19.72 6.29 35.89
CA LEU E 142 19.35 5.21 36.78
C LEU E 142 19.23 5.71 38.19
N GLN E 143 18.19 5.25 38.89
CA GLN E 143 17.99 5.63 40.29
C GLN E 143 17.78 4.42 41.17
N GLY E 144 18.30 4.51 42.39
CA GLY E 144 18.08 3.50 43.42
C GLY E 144 18.91 2.26 43.20
N ASP E 145 18.24 1.14 42.91
CA ASP E 145 18.88 -0.16 42.82
C ASP E 145 18.84 -0.69 41.38
N ALA E 146 18.48 0.19 40.44
CA ALA E 146 18.34 -0.22 39.03
C ALA E 146 19.69 -0.32 38.34
N THR E 147 19.84 -1.34 37.49
CA THR E 147 21.13 -1.63 36.84
C THR E 147 20.87 -2.35 35.52
N THR E 148 21.82 -2.25 34.59
CA THR E 148 21.65 -2.83 33.26
C THR E 148 22.83 -3.72 32.87
N GLY E 149 22.72 -4.38 31.72
CA GLY E 149 23.89 -4.90 31.00
C GLY E 149 24.27 -6.36 31.10
N THR E 150 25.08 -6.74 30.14
CA THR E 150 25.60 -8.10 29.88
C THR E 150 24.57 -9.16 29.43
N ASP E 151 23.53 -9.41 30.23
CA ASP E 151 22.33 -10.17 29.81
C ASP E 151 21.41 -9.46 28.79
N GLY E 152 21.43 -8.13 28.81
CA GLY E 152 20.74 -7.30 27.80
C GLY E 152 19.54 -6.53 28.35
N ASN E 153 19.27 -6.70 29.64
CA ASN E 153 18.01 -6.24 30.24
C ASN E 153 18.19 -5.27 31.42
N LEU E 154 17.26 -4.32 31.53
CA LEU E 154 17.25 -3.39 32.63
C LEU E 154 16.67 -4.08 33.89
N GLU E 155 17.48 -4.18 34.94
CA GLU E 155 17.05 -4.84 36.17
C GLU E 155 16.64 -3.81 37.19
N LEU E 156 15.32 -3.63 37.32
CA LEU E 156 14.75 -2.54 38.12
C LEU E 156 14.92 -2.70 39.61
N THR E 157 14.70 -3.91 40.13
CA THR E 157 15.02 -4.20 41.53
C THR E 157 16.24 -5.10 41.58
N ARG E 158 16.89 -5.04 42.75
CA ARG E 158 18.12 -5.74 42.97
C ARG E 158 17.84 -7.23 42.91
N VAL E 159 18.57 -7.91 42.04
CA VAL E 159 18.65 -9.36 41.99
C VAL E 159 20.13 -9.68 42.20
N SER E 160 20.43 -10.65 43.07
CA SER E 160 21.81 -11.02 43.31
C SER E 160 22.35 -11.96 42.21
N SER E 161 23.50 -12.56 42.48
CA SER E 161 24.24 -13.39 41.52
C SER E 161 23.47 -14.60 40.98
N ASN E 162 23.03 -15.47 41.90
CA ASN E 162 22.35 -16.72 41.54
C ASN E 162 20.98 -16.52 40.88
N GLY E 163 20.65 -15.26 40.62
CA GLY E 163 19.38 -14.91 40.01
C GLY E 163 18.26 -14.81 41.04
N SER E 164 18.66 -14.83 42.31
CA SER E 164 17.70 -14.70 43.40
C SER E 164 17.37 -13.24 43.68
N PRO E 165 16.08 -12.88 43.50
CA PRO E 165 15.62 -11.50 43.60
C PRO E 165 15.50 -11.06 45.06
N GLN E 166 16.10 -9.91 45.38
CA GLN E 166 16.17 -9.39 46.76
C GLN E 166 14.83 -8.86 47.26
N GLY E 167 14.58 -9.03 48.56
CA GLY E 167 13.44 -8.38 49.21
C GLY E 167 13.83 -6.98 49.64
N SER E 168 12.88 -6.05 49.56
CA SER E 168 13.13 -4.66 49.98
C SER E 168 14.16 -3.93 49.10
N SER E 169 13.77 -3.73 47.84
CA SER E 169 14.61 -3.07 46.85
C SER E 169 13.75 -2.04 46.07
N VAL E 170 14.29 -0.83 45.84
CA VAL E 170 13.60 0.17 45.01
C VAL E 170 14.47 0.64 43.81
N GLY E 171 13.88 0.67 42.61
CA GLY E 171 14.64 1.05 41.41
C GLY E 171 13.87 1.84 40.34
N ARG E 172 14.62 2.69 39.62
CA ARG E 172 14.08 3.59 38.59
C ARG E 172 15.07 3.83 37.44
N ALA E 173 14.52 3.91 36.23
CA ALA E 173 15.24 4.25 35.00
C ALA E 173 14.48 5.32 34.21
N LEU E 174 15.13 6.45 33.97
CA LEU E 174 14.52 7.62 33.37
C LEU E 174 15.29 7.98 32.12
N PHE E 175 14.59 8.16 31.01
CA PHE E 175 15.21 8.55 29.74
C PHE E 175 15.75 9.96 29.82
N TYR E 176 16.99 10.13 29.36
CA TYR E 176 17.80 11.32 29.66
C TYR E 176 17.13 12.64 29.36
N ALA E 177 16.81 12.86 28.09
CA ALA E 177 16.24 14.13 27.68
C ALA E 177 14.79 14.27 28.14
N PRO E 178 14.35 15.50 28.50
CA PRO E 178 12.96 15.80 28.82
C PRO E 178 12.03 15.68 27.60
N VAL E 179 10.73 15.69 27.88
CA VAL E 179 9.72 15.57 26.86
C VAL E 179 8.70 16.69 26.99
N HIS E 180 8.55 17.48 25.94
CA HIS E 180 7.39 18.37 25.77
C HIS E 180 6.13 17.53 25.70
N ILE E 181 5.45 17.38 26.81
CA ILE E 181 4.25 16.56 26.81
C ILE E 181 3.07 17.33 26.25
N TRP E 182 2.92 18.60 26.66
CA TRP E 182 1.86 19.49 26.14
C TRP E 182 2.24 20.96 26.06
N GLU E 183 1.63 21.70 25.12
CA GLU E 183 1.81 23.16 25.02
C GLU E 183 0.47 23.82 24.71
N SER E 184 0.46 25.15 24.67
CA SER E 184 -0.73 25.93 24.27
C SER E 184 -0.98 25.97 22.75
N SER E 185 0.11 25.99 21.98
CA SER E 185 0.10 25.90 20.51
C SER E 185 -0.42 24.55 19.98
N ALA E 186 -0.20 23.50 20.76
CA ALA E 186 -0.61 22.13 20.47
C ALA E 186 -2.10 21.99 20.21
N VAL E 187 -2.45 21.68 18.95
CA VAL E 187 -3.84 21.40 18.57
C VAL E 187 -4.15 19.94 18.95
N VAL E 188 -3.20 19.05 18.68
CA VAL E 188 -3.16 17.71 19.31
C VAL E 188 -1.81 17.52 20.02
N ALA E 189 -1.86 16.87 21.18
CA ALA E 189 -0.69 16.50 21.94
C ALA E 189 -1.01 15.11 22.48
N SER E 190 -0.28 14.11 22.02
CA SER E 190 -0.63 12.73 22.38
C SER E 190 0.60 11.87 22.54
N PHE E 191 0.51 10.84 23.38
CA PHE E 191 1.63 9.93 23.55
C PHE E 191 1.24 8.46 23.60
N ASP E 192 2.25 7.60 23.51
CA ASP E 192 2.14 6.18 23.85
C ASP E 192 3.49 5.58 24.29
N ALA E 193 3.41 4.63 25.22
CA ALA E 193 4.55 3.88 25.75
C ALA E 193 4.35 2.38 25.53
N THR E 194 5.45 1.64 25.57
CA THR E 194 5.43 0.17 25.47
C THR E 194 6.59 -0.44 26.23
N PHE E 195 6.32 -1.55 26.93
CA PHE E 195 7.40 -2.32 27.57
C PHE E 195 7.13 -3.81 27.73
N THR E 196 8.16 -4.61 27.60
CA THR E 196 8.06 -6.05 27.81
C THR E 196 8.78 -6.40 29.13
N PHE E 197 8.21 -7.34 29.90
CA PHE E 197 8.68 -7.63 31.27
C PHE E 197 8.57 -9.10 31.69
N LEU E 198 9.51 -9.50 32.56
CA LEU E 198 9.54 -10.83 33.21
C LEU E 198 9.49 -10.76 34.75
N ILE E 199 8.28 -10.86 35.29
CA ILE E 199 8.13 -11.00 36.73
C ILE E 199 8.11 -12.49 37.12
N LYS E 200 9.16 -12.93 37.81
CA LYS E 200 9.24 -14.30 38.35
C LYS E 200 9.49 -14.28 39.85
N SER E 201 8.78 -15.18 40.55
CA SER E 201 8.94 -15.40 41.99
C SER E 201 8.18 -16.64 42.43
N SER E 202 8.70 -17.31 43.46
CA SER E 202 7.90 -18.29 44.21
C SER E 202 7.84 -17.88 45.68
N ASP E 203 7.24 -16.72 45.91
CA ASP E 203 6.93 -16.24 47.26
C ASP E 203 5.56 -16.79 47.66
N SER E 204 4.93 -16.19 48.66
CA SER E 204 3.50 -16.38 48.95
C SER E 204 2.52 -15.72 48.00
N HIS E 205 2.58 -14.40 47.94
CA HIS E 205 2.11 -13.67 46.78
C HIS E 205 3.44 -12.95 46.58
N PRO E 206 3.75 -12.52 45.34
CA PRO E 206 4.95 -11.71 45.15
C PRO E 206 4.63 -10.25 45.40
N ALA E 207 5.62 -9.38 45.18
CA ALA E 207 5.50 -7.95 45.46
C ALA E 207 6.75 -7.20 44.96
N ASP E 208 6.61 -5.92 44.62
CA ASP E 208 5.35 -5.18 44.74
C ASP E 208 4.68 -4.87 43.39
N GLY E 209 5.49 -4.72 42.35
CA GLY E 209 4.98 -4.50 41.01
C GLY E 209 5.81 -3.52 40.22
N ILE E 210 5.41 -3.31 38.97
CA ILE E 210 6.11 -2.41 38.06
C ILE E 210 5.19 -1.28 37.64
N ALA E 211 5.78 -0.09 37.49
CA ALA E 211 5.03 1.07 37.04
C ALA E 211 5.77 1.89 35.97
N PHE E 212 5.03 2.30 34.94
CA PHE E 212 5.49 3.34 34.01
C PHE E 212 5.02 4.69 34.56
N PHE E 213 5.93 5.68 34.64
CA PHE E 213 5.56 7.03 35.17
C PHE E 213 5.83 8.26 34.28
N ILE E 214 5.06 9.34 34.50
CA ILE E 214 5.40 10.69 34.02
C ILE E 214 5.48 11.62 35.24
N SER E 215 6.46 12.51 35.21
CA SER E 215 6.74 13.43 36.31
C SER E 215 7.70 14.51 35.83
N ASN E 216 7.96 15.50 36.70
CA ASN E 216 8.85 16.65 36.39
C ASN E 216 10.33 16.31 36.19
N ILE E 217 11.02 17.11 35.37
CA ILE E 217 12.41 16.83 34.93
C ILE E 217 13.40 16.47 36.04
N ASP E 218 13.24 17.09 37.21
CA ASP E 218 14.15 16.92 38.36
C ASP E 218 13.76 15.82 39.36
N SER E 219 12.75 15.00 39.03
CA SER E 219 12.22 13.96 39.92
C SER E 219 13.21 12.87 40.35
N SER E 220 13.08 12.42 41.58
CA SER E 220 13.92 11.35 42.08
C SER E 220 13.15 10.49 43.10
N ILE E 221 13.74 9.35 43.48
CA ILE E 221 13.10 8.43 44.40
C ILE E 221 12.81 9.13 45.71
N PRO E 222 11.53 9.15 46.14
CA PRO E 222 11.20 9.58 47.50
C PRO E 222 11.75 8.62 48.57
N SER E 223 12.09 9.17 49.73
CA SER E 223 12.63 8.39 50.83
C SER E 223 11.56 7.48 51.43
N GLY E 224 11.99 6.27 51.75
CA GLY E 224 11.08 5.20 52.11
C GLY E 224 9.91 5.12 51.13
N SER E 225 10.22 5.03 49.84
CA SER E 225 9.19 4.74 48.84
C SER E 225 9.31 3.30 48.34
N THR E 226 9.96 2.46 49.16
CA THR E 226 10.26 1.08 48.82
C THR E 226 8.98 0.29 49.05
N GLY E 227 8.90 -0.91 48.47
CA GLY E 227 7.73 -1.78 48.68
C GLY E 227 6.45 -1.29 48.03
N ARG E 228 5.39 -1.17 48.83
CA ARG E 228 4.01 -0.91 48.34
C ARG E 228 3.76 0.46 47.68
N LEU E 229 4.75 1.35 47.73
CA LEU E 229 4.63 2.70 47.16
C LEU E 229 5.21 2.79 45.74
N LEU E 230 5.84 1.70 45.32
CA LEU E 230 6.34 1.52 43.95
C LEU E 230 7.45 2.49 43.51
N GLY E 231 8.09 3.14 44.49
CA GLY E 231 9.18 4.05 44.20
C GLY E 231 8.67 5.26 43.45
N LEU E 232 7.47 5.70 43.84
CA LEU E 232 6.79 6.83 43.20
C LEU E 232 6.38 7.91 44.21
N PHE E 233 5.68 7.49 45.28
CA PHE E 233 4.97 8.38 46.21
C PHE E 233 5.62 8.51 47.57
N PRO E 234 5.69 9.75 48.10
CA PRO E 234 6.25 10.02 49.43
C PRO E 234 5.37 9.59 50.60
N ASP E 235 4.04 9.61 50.43
CA ASP E 235 3.14 9.10 51.47
C ASP E 235 2.06 8.20 50.85
N ALA E 236 1.25 7.58 51.72
CA ALA E 236 0.21 6.63 51.33
C ALA E 236 -1.16 7.30 51.22
N ASN E 237 -1.18 8.63 51.19
CA ASN E 237 -2.43 9.39 51.14
C ASN E 237 -3.33 9.11 49.92
N ALA F 1 11.22 -11.38 -28.11
CA ALA F 1 11.09 -12.32 -29.27
C ALA F 1 11.50 -13.77 -28.93
N ASP F 2 11.39 -14.62 -29.93
CA ASP F 2 11.66 -16.04 -29.82
C ASP F 2 13.17 -16.30 -29.84
N THR F 3 13.66 -17.05 -28.85
CA THR F 3 15.08 -17.45 -28.76
C THR F 3 15.48 -18.62 -29.68
N ILE F 4 16.50 -18.38 -30.51
CA ILE F 4 16.84 -19.30 -31.59
C ILE F 4 18.28 -19.77 -31.52
N VAL F 5 18.45 -21.10 -31.61
CA VAL F 5 19.72 -21.73 -32.00
C VAL F 5 19.49 -22.50 -33.32
N ALA F 6 20.25 -22.15 -34.36
CA ALA F 6 19.98 -22.68 -35.73
C ALA F 6 21.22 -22.97 -36.59
N VAL F 7 21.00 -23.70 -37.69
CA VAL F 7 22.06 -23.99 -38.69
C VAL F 7 21.61 -23.56 -40.08
N GLU F 8 22.29 -22.54 -40.64
CA GLU F 8 21.89 -21.93 -41.93
C GLU F 8 22.52 -22.56 -43.16
N LEU F 9 21.69 -22.81 -44.18
CA LEU F 9 22.18 -23.05 -45.55
C LEU F 9 21.94 -21.81 -46.42
N ASP F 10 22.90 -20.89 -46.37
CA ASP F 10 22.77 -19.47 -46.80
C ASP F 10 23.12 -19.41 -48.27
N THR F 11 22.11 -19.57 -49.13
CA THR F 11 22.35 -19.63 -50.57
C THR F 11 22.52 -18.23 -51.14
N TYR F 12 21.87 -17.25 -50.52
CA TYR F 12 22.04 -15.87 -50.95
C TYR F 12 22.99 -15.10 -50.08
N PRO F 13 24.08 -14.57 -50.70
CA PRO F 13 25.05 -13.66 -50.06
C PRO F 13 24.49 -12.25 -49.70
N ASN F 14 23.65 -12.23 -48.67
CA ASN F 14 23.11 -11.00 -48.06
C ASN F 14 24.21 -10.26 -47.28
N THR F 15 25.06 -9.49 -47.97
CA THR F 15 26.33 -9.06 -47.35
C THR F 15 26.41 -7.65 -46.75
N ASP F 16 25.30 -6.91 -46.77
CA ASP F 16 25.25 -5.65 -46.04
C ASP F 16 24.70 -5.91 -44.64
N ILE F 17 24.48 -7.21 -44.33
CA ILE F 17 24.21 -7.66 -42.95
C ILE F 17 25.24 -8.68 -42.46
N GLY F 18 26.20 -9.03 -43.30
CA GLY F 18 27.29 -9.89 -42.86
C GLY F 18 27.09 -11.38 -43.08
N ASP F 19 26.78 -11.75 -44.33
CA ASP F 19 27.13 -13.05 -44.89
C ASP F 19 28.50 -12.72 -45.54
N PRO F 20 29.35 -13.73 -45.82
CA PRO F 20 30.46 -13.39 -46.74
C PRO F 20 29.98 -13.48 -48.21
N SER F 21 30.74 -12.91 -49.14
CA SER F 21 30.27 -12.81 -50.54
C SER F 21 30.28 -14.15 -51.32
N TYR F 22 29.75 -15.20 -50.70
CA TYR F 22 29.57 -16.51 -51.34
C TYR F 22 28.57 -17.36 -50.56
N PRO F 23 27.82 -18.24 -51.25
CA PRO F 23 26.96 -19.21 -50.57
C PRO F 23 27.72 -20.02 -49.52
N HIS F 24 27.11 -20.16 -48.35
CA HIS F 24 27.79 -20.74 -47.19
C HIS F 24 26.85 -21.51 -46.32
N ILE F 25 27.43 -22.20 -45.33
CA ILE F 25 26.68 -22.81 -44.22
C ILE F 25 27.27 -22.36 -42.90
N GLY F 26 26.40 -22.10 -41.91
CA GLY F 26 26.78 -21.41 -40.65
C GLY F 26 25.99 -21.73 -39.39
N ILE F 27 26.57 -21.39 -38.24
CA ILE F 27 25.96 -21.57 -36.92
C ILE F 27 25.45 -20.20 -36.46
N ASP F 28 24.14 -20.12 -36.24
CA ASP F 28 23.48 -18.87 -35.87
C ASP F 28 22.95 -18.98 -34.45
N ILE F 29 23.72 -18.53 -33.46
CA ILE F 29 23.18 -18.50 -32.10
C ILE F 29 22.52 -17.16 -31.86
N LYS F 30 21.21 -17.19 -31.64
CA LYS F 30 20.47 -15.98 -31.26
C LYS F 30 20.62 -14.82 -32.24
N SER F 31 21.06 -15.08 -33.47
CA SER F 31 21.26 -14.01 -34.46
C SER F 31 21.23 -14.54 -35.90
N VAL F 32 20.84 -13.69 -36.86
CA VAL F 32 21.03 -13.97 -38.30
C VAL F 32 22.50 -13.86 -38.73
N ARG F 33 23.33 -13.18 -37.92
CA ARG F 33 24.79 -13.12 -38.06
C ARG F 33 25.47 -14.35 -37.45
N SER F 34 26.09 -15.18 -38.29
CA SER F 34 26.65 -16.44 -37.85
C SER F 34 27.89 -16.18 -37.00
N LYS F 35 28.16 -17.06 -36.03
CA LYS F 35 29.38 -16.94 -35.22
C LYS F 35 30.52 -17.73 -35.89
N LYS F 36 30.16 -18.38 -37.00
CA LYS F 36 31.03 -19.28 -37.73
C LYS F 36 30.34 -19.69 -39.04
N THR F 37 31.00 -19.46 -40.17
CA THR F 37 30.53 -19.94 -41.49
C THR F 37 31.63 -20.66 -42.26
N ALA F 38 31.25 -21.43 -43.27
CA ALA F 38 32.24 -22.06 -44.12
C ALA F 38 31.74 -22.02 -45.54
N LYS F 39 32.67 -22.10 -46.48
CA LYS F 39 32.34 -21.99 -47.90
C LYS F 39 31.58 -23.23 -48.37
N TRP F 40 30.42 -23.01 -48.98
CA TRP F 40 29.63 -24.12 -49.49
C TRP F 40 29.36 -23.96 -50.94
N ASN F 41 29.85 -24.95 -51.68
CA ASN F 41 29.66 -25.07 -53.10
C ASN F 41 28.24 -25.61 -53.37
N MET F 42 27.28 -24.69 -53.50
CA MET F 42 25.87 -25.01 -53.73
C MET F 42 25.64 -25.70 -55.08
N GLN F 43 25.51 -27.03 -55.07
CA GLN F 43 25.28 -27.82 -56.29
C GLN F 43 23.81 -27.81 -56.71
N ASN F 44 23.50 -27.00 -57.72
CA ASN F 44 22.12 -26.66 -58.02
C ASN F 44 21.28 -27.78 -58.64
N GLY F 45 20.13 -28.04 -58.03
CA GLY F 45 19.21 -29.02 -58.55
C GLY F 45 19.52 -30.43 -58.09
N LYS F 46 20.38 -30.54 -57.07
CA LYS F 46 20.78 -31.85 -56.54
C LYS F 46 20.32 -32.15 -55.11
N VAL F 47 20.31 -33.45 -54.78
CA VAL F 47 19.87 -33.93 -53.48
C VAL F 47 21.04 -34.00 -52.50
N GLY F 48 21.12 -32.95 -51.67
CA GLY F 48 22.15 -32.86 -50.64
C GLY F 48 21.68 -33.43 -49.31
N THR F 49 22.61 -33.63 -48.39
CA THR F 49 22.29 -34.21 -47.09
C THR F 49 23.01 -33.43 -46.01
N ALA F 50 22.31 -33.15 -44.91
CA ALA F 50 22.94 -32.42 -43.82
C ALA F 50 22.80 -33.15 -42.51
N HIS F 51 23.90 -33.16 -41.75
CA HIS F 51 23.95 -33.72 -40.42
C HIS F 51 24.40 -32.64 -39.47
N ILE F 52 23.69 -32.52 -38.36
CA ILE F 52 24.08 -31.65 -37.25
C ILE F 52 24.30 -32.55 -36.02
N ILE F 53 25.39 -32.30 -35.29
CA ILE F 53 25.75 -33.17 -34.18
C ILE F 53 26.17 -32.29 -33.00
N TYR F 54 25.62 -32.58 -31.82
CA TYR F 54 26.07 -31.94 -30.56
C TYR F 54 25.92 -32.86 -29.37
N ASN F 55 27.03 -33.08 -28.66
CA ASN F 55 27.04 -33.72 -27.36
C ASN F 55 27.38 -32.69 -26.28
N SER F 56 26.68 -32.75 -25.15
CA SER F 56 26.87 -31.78 -24.08
C SER F 56 28.23 -31.91 -23.39
N VAL F 57 29.01 -32.92 -23.76
CA VAL F 57 30.26 -33.18 -23.06
C VAL F 57 31.47 -32.54 -23.72
N GLY F 58 31.61 -32.73 -25.02
CA GLY F 58 32.63 -32.01 -25.80
C GLY F 58 32.27 -30.54 -26.03
N LYS F 59 31.00 -30.20 -25.79
CA LYS F 59 30.45 -28.85 -25.95
C LYS F 59 30.73 -28.21 -27.31
N ARG F 60 30.68 -29.00 -28.37
CA ARG F 60 30.95 -28.43 -29.66
C ARG F 60 29.91 -28.85 -30.65
N LEU F 61 29.03 -27.93 -31.01
CA LEU F 61 28.04 -28.15 -32.05
C LEU F 61 28.73 -28.25 -33.43
N SER F 62 28.45 -29.33 -34.16
CA SER F 62 29.03 -29.57 -35.49
C SER F 62 27.98 -29.79 -36.60
N ALA F 63 28.36 -29.45 -37.85
CA ALA F 63 27.45 -29.52 -39.01
C ALA F 63 28.10 -29.88 -40.37
N VAL F 64 27.44 -30.74 -41.15
CA VAL F 64 27.95 -31.14 -42.46
C VAL F 64 26.91 -31.06 -43.60
N VAL F 65 27.28 -30.48 -44.74
CA VAL F 65 26.45 -30.54 -45.95
C VAL F 65 27.32 -31.07 -47.07
N SER F 66 26.93 -32.21 -47.63
CA SER F 66 27.67 -32.83 -48.70
C SER F 66 26.73 -33.34 -49.77
N TYR F 67 27.28 -33.50 -50.96
CA TYR F 67 26.52 -33.91 -52.14
C TYR F 67 26.82 -35.40 -52.48
N PRO F 68 26.18 -35.95 -53.56
CA PRO F 68 26.41 -37.37 -53.86
C PRO F 68 27.80 -37.70 -54.43
N ASN F 69 28.27 -36.98 -55.45
CA ASN F 69 29.71 -36.96 -55.73
C ASN F 69 30.34 -36.36 -54.46
N GLY F 70 31.65 -36.48 -54.30
CA GLY F 70 32.24 -36.28 -52.99
C GLY F 70 32.36 -34.89 -52.37
N ASP F 71 31.63 -33.89 -52.87
CA ASP F 71 31.83 -32.50 -52.40
C ASP F 71 31.18 -32.16 -51.04
N SER F 72 32.02 -31.77 -50.07
CA SER F 72 31.61 -31.50 -48.68
C SER F 72 31.59 -30.02 -48.25
N ALA F 73 31.22 -29.77 -46.99
CA ALA F 73 31.41 -28.50 -46.27
C ALA F 73 31.14 -28.67 -44.77
N THR F 74 32.01 -28.10 -43.93
CA THR F 74 32.05 -28.36 -42.48
C THR F 74 32.32 -27.12 -41.63
N VAL F 75 31.69 -27.04 -40.46
CA VAL F 75 31.90 -25.89 -39.57
C VAL F 75 31.61 -26.28 -38.12
N SER F 76 32.41 -25.77 -37.20
CA SER F 76 32.26 -26.12 -35.79
C SER F 76 32.26 -24.86 -34.94
N TYR F 77 31.52 -24.91 -33.82
CA TYR F 77 31.55 -23.78 -32.88
C TYR F 77 31.37 -24.28 -31.46
N ASP F 78 32.42 -24.07 -30.65
CA ASP F 78 32.45 -24.48 -29.22
C ASP F 78 31.36 -23.73 -28.40
N VAL F 79 30.38 -24.47 -27.83
CA VAL F 79 29.31 -23.84 -26.99
C VAL F 79 28.55 -24.73 -25.96
N ASP F 80 28.20 -24.12 -24.82
CA ASP F 80 27.36 -24.74 -23.76
C ASP F 80 25.93 -24.28 -23.85
N LEU F 81 25.12 -25.02 -24.58
CA LEU F 81 23.70 -24.69 -24.73
C LEU F 81 22.99 -24.58 -23.38
N ASP F 82 23.86 -25.08 -22.35
CA ASP F 82 23.56 -24.68 -20.95
C ASP F 82 23.21 -23.21 -20.88
N ASN F 83 23.56 -22.47 -21.90
CA ASN F 83 23.50 -21.04 -21.82
C ASN F 83 22.72 -20.35 -22.91
N VAL F 84 21.92 -21.09 -23.63
CA VAL F 84 21.28 -20.42 -24.72
C VAL F 84 19.84 -20.90 -24.95
N LEU F 85 19.58 -22.18 -24.68
CA LEU F 85 18.24 -22.76 -24.79
C LEU F 85 17.57 -22.96 -23.43
N PRO F 86 16.22 -23.00 -23.40
CA PRO F 86 15.46 -23.41 -22.21
C PRO F 86 15.49 -24.93 -22.00
N GLU F 87 15.31 -25.39 -20.76
CA GLU F 87 15.20 -26.83 -20.47
C GLU F 87 14.31 -27.54 -21.54
N TRP F 88 13.18 -26.92 -21.94
CA TRP F 88 12.27 -27.43 -23.00
C TRP F 88 12.24 -26.63 -24.28
N VAL F 89 12.50 -27.28 -25.41
CA VAL F 89 12.40 -26.56 -26.69
C VAL F 89 11.42 -27.19 -27.67
N ARG F 90 11.29 -26.57 -28.83
CA ARG F 90 10.80 -27.31 -29.96
C ARG F 90 11.93 -27.47 -30.96
N VAL F 91 11.80 -28.45 -31.86
CA VAL F 91 12.73 -28.62 -32.97
C VAL F 91 11.94 -28.61 -34.29
N GLY F 92 12.58 -28.16 -35.37
CA GLY F 92 11.87 -27.99 -36.63
C GLY F 92 12.74 -27.55 -37.78
N LEU F 93 12.11 -27.30 -38.92
CA LEU F 93 12.81 -26.85 -40.12
C LEU F 93 12.15 -25.61 -40.71
N SER F 94 12.94 -24.74 -41.31
CA SER F 94 12.47 -23.45 -41.81
C SER F 94 13.12 -23.19 -43.14
N ALA F 95 12.41 -22.45 -44.01
CA ALA F 95 12.99 -21.90 -45.25
C ALA F 95 12.25 -20.67 -45.71
N SER F 96 12.93 -19.85 -46.50
CA SER F 96 12.31 -18.66 -47.07
C SER F 96 12.82 -18.34 -48.48
N THR F 97 12.10 -17.45 -49.15
CA THR F 97 12.57 -16.79 -50.38
C THR F 97 12.20 -15.31 -50.35
N GLY F 98 12.61 -14.59 -51.39
CA GLY F 98 12.41 -13.13 -51.51
C GLY F 98 12.36 -12.69 -52.96
N LEU F 99 13.21 -11.73 -53.29
CA LEU F 99 13.39 -11.29 -54.69
C LEU F 99 14.02 -12.38 -55.57
N TYR F 100 14.66 -13.35 -54.92
CA TYR F 100 15.08 -14.57 -55.59
C TYR F 100 14.48 -15.81 -54.93
N LYS F 101 14.35 -16.87 -55.71
CA LYS F 101 13.48 -17.99 -55.37
C LYS F 101 14.15 -19.35 -55.58
N GLU F 102 13.73 -20.35 -54.80
CA GLU F 102 14.18 -21.73 -54.99
C GLU F 102 13.20 -22.72 -54.40
N THR F 103 13.30 -23.97 -54.83
CA THR F 103 12.57 -25.07 -54.22
C THR F 103 13.22 -25.33 -52.88
N ASN F 104 12.42 -25.42 -51.83
CA ASN F 104 12.95 -25.79 -50.56
C ASN F 104 12.33 -27.12 -50.15
N THR F 105 12.76 -28.18 -50.84
CA THR F 105 12.12 -29.50 -50.80
C THR F 105 12.85 -30.54 -49.92
N ILE F 106 12.33 -30.71 -48.71
CA ILE F 106 12.87 -31.67 -47.75
C ILE F 106 12.34 -33.05 -48.10
N LEU F 107 13.24 -33.95 -48.47
CA LEU F 107 12.85 -35.31 -48.84
C LEU F 107 12.66 -36.24 -47.63
N SER F 108 13.29 -35.92 -46.51
CA SER F 108 13.19 -36.72 -45.28
C SER F 108 13.81 -35.93 -44.12
N TRP F 109 13.55 -36.37 -42.88
CA TRP F 109 14.05 -35.66 -41.71
C TRP F 109 14.09 -36.53 -40.49
N SER F 110 15.29 -36.68 -39.94
CA SER F 110 15.50 -37.44 -38.70
C SER F 110 16.20 -36.60 -37.63
N PHE F 111 15.93 -36.94 -36.37
CA PHE F 111 16.42 -36.21 -35.20
C PHE F 111 16.34 -37.12 -33.96
N THR F 112 17.41 -37.11 -33.17
CA THR F 112 17.45 -37.85 -31.92
C THR F 112 17.95 -36.95 -30.77
N SER F 113 17.42 -37.19 -29.57
CA SER F 113 18.02 -36.66 -28.35
C SER F 113 18.02 -37.69 -27.22
N LYS F 114 19.05 -37.61 -26.35
CA LYS F 114 19.23 -38.46 -25.17
C LYS F 114 19.71 -37.67 -23.94
N LEU F 115 19.27 -38.12 -22.76
CA LEU F 115 19.68 -37.57 -21.46
C LEU F 115 20.22 -38.69 -20.54
N LYS F 116 21.52 -38.98 -20.65
CA LYS F 116 22.22 -40.03 -19.85
C LYS F 116 22.54 -39.53 -18.41
N SER F 117 21.62 -39.79 -17.46
CA SER F 117 21.78 -39.38 -16.05
C SER F 117 22.93 -40.04 -15.32
N THR F 123 18.39 -43.59 -18.85
CA THR F 123 18.41 -42.55 -19.87
C THR F 123 17.00 -42.04 -20.20
N ASN F 124 16.92 -41.00 -21.03
CA ASN F 124 15.67 -40.44 -21.56
C ASN F 124 15.85 -40.05 -23.03
N ALA F 125 15.16 -40.74 -23.93
CA ALA F 125 15.41 -40.56 -25.35
C ALA F 125 14.18 -40.22 -26.18
N LEU F 126 14.38 -39.41 -27.21
CA LEU F 126 13.40 -39.24 -28.28
C LEU F 126 14.09 -39.37 -29.64
N HIS F 127 13.46 -40.13 -30.55
CA HIS F 127 13.95 -40.43 -31.92
C HIS F 127 12.76 -40.41 -32.84
N PHE F 128 12.85 -39.62 -33.90
CA PHE F 128 11.85 -39.69 -34.95
C PHE F 128 12.51 -39.51 -36.29
N VAL F 129 11.91 -40.14 -37.30
CA VAL F 129 12.43 -40.12 -38.66
C VAL F 129 11.26 -40.14 -39.66
N PHE F 130 11.20 -39.10 -40.48
CA PHE F 130 10.22 -39.01 -41.56
C PHE F 130 10.95 -39.24 -42.85
N ASN F 131 10.73 -40.41 -43.47
CA ASN F 131 11.25 -40.69 -44.82
C ASN F 131 10.24 -40.29 -45.89
N GLN F 132 8.94 -40.31 -45.51
CA GLN F 132 7.86 -39.75 -46.32
C GLN F 132 6.92 -38.83 -45.50
N PHE F 133 6.49 -37.75 -46.13
CA PHE F 133 5.53 -36.84 -45.55
C PHE F 133 4.16 -37.05 -46.18
N SER F 134 3.20 -37.48 -45.36
CA SER F 134 1.81 -37.67 -45.79
C SER F 134 1.15 -36.33 -46.01
N LYS F 135 0.03 -36.32 -46.72
CA LYS F 135 -0.78 -35.10 -46.86
C LYS F 135 -1.31 -34.41 -45.60
N ASP F 136 -2.05 -35.15 -44.75
CA ASP F 136 -2.51 -34.58 -43.50
C ASP F 136 -1.56 -35.21 -42.50
N GLN F 137 -0.56 -34.42 -42.12
CA GLN F 137 0.51 -34.89 -41.20
C GLN F 137 0.23 -34.42 -39.76
N LYS F 138 -0.38 -35.28 -38.96
CA LYS F 138 -0.88 -34.85 -37.66
C LYS F 138 0.21 -34.55 -36.62
N ASP F 139 1.42 -35.02 -36.86
CA ASP F 139 2.52 -34.82 -35.90
C ASP F 139 3.51 -33.71 -36.30
N LEU F 140 3.15 -32.97 -37.34
CA LEU F 140 3.87 -31.76 -37.69
C LEU F 140 3.05 -30.47 -37.49
N ILE F 141 3.60 -29.52 -36.73
CA ILE F 141 3.10 -28.16 -36.80
C ILE F 141 3.69 -27.60 -38.09
N LEU F 142 2.82 -27.15 -38.99
CA LEU F 142 3.25 -26.50 -40.22
C LEU F 142 3.01 -25.03 -40.07
N GLN F 143 3.92 -24.21 -40.55
CA GLN F 143 3.79 -22.76 -40.46
C GLN F 143 4.19 -22.08 -41.76
N GLY F 144 3.56 -20.93 -42.02
CA GLY F 144 3.91 -20.06 -43.15
C GLY F 144 3.28 -20.52 -44.44
N ASP F 145 4.14 -20.82 -45.43
CA ASP F 145 3.73 -21.36 -46.73
C ASP F 145 4.08 -22.85 -46.81
N ALA F 146 4.59 -23.41 -45.71
CA ALA F 146 5.02 -24.80 -45.71
C ALA F 146 3.84 -25.74 -45.81
N THR F 147 4.04 -26.83 -46.55
CA THR F 147 2.98 -27.80 -46.84
C THR F 147 3.62 -29.10 -47.34
N THR F 148 2.97 -30.23 -47.04
CA THR F 148 3.45 -31.58 -47.38
C THR F 148 2.62 -32.24 -48.49
N GLY F 149 2.95 -33.49 -48.81
CA GLY F 149 1.99 -34.40 -49.41
C GLY F 149 1.89 -34.58 -50.92
N THR F 150 1.08 -35.57 -51.29
CA THR F 150 0.88 -36.12 -52.66
C THR F 150 2.13 -36.84 -53.23
N ASP F 151 3.27 -36.15 -53.28
CA ASP F 151 4.60 -36.72 -53.51
C ASP F 151 5.50 -37.34 -52.40
N GLY F 152 5.14 -37.13 -51.14
CA GLY F 152 5.86 -37.67 -49.99
C GLY F 152 6.88 -36.66 -49.49
N ASN F 153 6.86 -35.48 -50.12
CA ASN F 153 7.86 -34.45 -49.88
C ASN F 153 7.30 -33.24 -49.12
N LEU F 154 8.09 -32.71 -48.20
CA LEU F 154 7.75 -31.49 -47.49
C LEU F 154 8.24 -30.29 -48.29
N GLU F 155 7.31 -29.43 -48.71
CA GLU F 155 7.65 -28.21 -49.42
C GLU F 155 7.55 -27.06 -48.46
N LEU F 156 8.72 -26.60 -47.97
CA LEU F 156 8.83 -25.53 -46.96
C LEU F 156 8.45 -24.16 -47.51
N THR F 157 8.77 -23.91 -48.78
CA THR F 157 8.31 -22.70 -49.47
C THR F 157 7.30 -23.04 -50.56
N ARG F 158 6.68 -21.99 -51.08
CA ARG F 158 5.61 -22.11 -52.03
C ARG F 158 6.19 -22.51 -53.37
N VAL F 159 5.51 -23.47 -53.98
CA VAL F 159 5.78 -23.89 -55.34
C VAL F 159 4.43 -24.04 -56.01
N SER F 160 4.29 -23.46 -57.20
CA SER F 160 3.06 -23.59 -57.97
C SER F 160 2.99 -24.94 -58.67
N SER F 161 1.94 -25.12 -59.47
CA SER F 161 1.59 -26.41 -60.07
C SER F 161 2.62 -27.07 -61.03
N ASN F 162 3.21 -26.23 -61.91
CA ASN F 162 4.22 -26.66 -62.88
C ASN F 162 5.56 -27.05 -62.24
N GLY F 163 5.88 -26.43 -61.10
CA GLY F 163 7.13 -26.68 -60.40
C GLY F 163 7.94 -25.42 -60.10
N SER F 164 7.47 -24.27 -60.61
CA SER F 164 8.15 -23.00 -60.40
C SER F 164 7.91 -22.52 -58.96
N PRO F 165 9.01 -22.35 -58.22
CA PRO F 165 8.89 -21.87 -56.86
C PRO F 165 8.45 -20.41 -56.88
N GLN F 166 7.68 -20.00 -55.87
CA GLN F 166 7.28 -18.60 -55.70
C GLN F 166 8.35 -17.82 -54.98
N GLY F 167 8.47 -16.55 -55.33
CA GLY F 167 9.38 -15.65 -54.63
C GLY F 167 8.69 -15.16 -53.40
N SER F 168 9.45 -14.48 -52.54
CA SER F 168 8.88 -13.87 -51.34
C SER F 168 7.97 -14.83 -50.58
N SER F 169 8.56 -15.93 -50.11
CA SER F 169 7.86 -17.03 -49.46
C SER F 169 8.53 -17.37 -48.14
N VAL F 170 7.73 -17.65 -47.11
CA VAL F 170 8.30 -18.16 -45.88
C VAL F 170 7.57 -19.44 -45.41
N GLY F 171 8.32 -20.42 -44.91
CA GLY F 171 7.73 -21.67 -44.42
C GLY F 171 8.46 -22.31 -43.25
N ARG F 172 7.73 -23.08 -42.46
CA ARG F 172 8.25 -23.73 -41.26
C ARG F 172 7.52 -25.04 -40.96
N ALA F 173 8.28 -26.03 -40.49
CA ALA F 173 7.72 -27.27 -39.97
C ALA F 173 8.42 -27.68 -38.66
N LEU F 174 7.63 -27.89 -37.61
CA LEU F 174 8.14 -28.25 -36.31
C LEU F 174 7.47 -29.53 -35.86
N PHE F 175 8.26 -30.46 -35.35
CA PHE F 175 7.74 -31.63 -34.67
C PHE F 175 6.81 -31.17 -33.54
N TYR F 176 5.80 -31.97 -33.26
CA TYR F 176 4.67 -31.56 -32.43
C TYR F 176 5.01 -31.36 -30.95
N ALA F 177 5.72 -32.33 -30.36
CA ALA F 177 5.96 -32.34 -28.93
C ALA F 177 7.08 -31.39 -28.56
N PRO F 178 7.06 -30.91 -27.31
CA PRO F 178 8.27 -30.34 -26.72
C PRO F 178 9.32 -31.44 -26.56
N VAL F 179 10.58 -31.08 -26.68
CA VAL F 179 11.66 -32.03 -26.55
C VAL F 179 12.49 -31.56 -25.37
N HIS F 180 12.69 -32.42 -24.38
CA HIS F 180 13.66 -32.10 -23.33
C HIS F 180 14.98 -31.96 -24.06
N ILE F 181 15.59 -30.79 -23.94
CA ILE F 181 16.87 -30.60 -24.57
C ILE F 181 17.96 -30.84 -23.52
N TRP F 182 17.78 -30.28 -22.31
CA TRP F 182 18.70 -30.51 -21.18
C TRP F 182 18.06 -30.59 -19.79
N GLU F 183 18.87 -31.02 -18.81
CA GLU F 183 18.44 -31.19 -17.42
C GLU F 183 19.63 -31.02 -16.46
N SER F 184 19.33 -30.75 -15.19
CA SER F 184 20.35 -30.72 -14.15
C SER F 184 20.83 -32.14 -13.79
N SER F 185 20.03 -33.14 -14.15
CA SER F 185 20.21 -34.54 -13.69
C SER F 185 21.05 -35.47 -14.59
N ALA F 186 20.99 -35.23 -15.90
CA ALA F 186 21.67 -36.07 -16.86
C ALA F 186 23.11 -35.63 -17.09
N VAL F 187 24.05 -36.56 -16.89
CA VAL F 187 25.49 -36.29 -17.07
C VAL F 187 25.86 -36.01 -18.54
N VAL F 188 24.94 -36.37 -19.43
CA VAL F 188 25.03 -36.07 -20.87
C VAL F 188 23.66 -35.53 -21.38
N ALA F 189 23.73 -34.60 -22.35
CA ALA F 189 22.55 -33.95 -22.93
C ALA F 189 22.90 -33.70 -24.39
N SER F 190 22.57 -34.67 -25.24
CA SER F 190 23.10 -34.67 -26.61
C SER F 190 22.04 -34.83 -27.69
N PHE F 191 22.32 -34.27 -28.86
CA PHE F 191 21.38 -34.37 -29.96
C PHE F 191 22.04 -34.57 -31.31
N ASP F 192 21.25 -35.07 -32.26
CA ASP F 192 21.63 -35.12 -33.66
C ASP F 192 20.41 -35.09 -34.60
N ALA F 193 20.65 -34.66 -35.85
CA ALA F 193 19.60 -34.47 -36.87
C ALA F 193 20.14 -34.51 -38.32
N THR F 194 19.34 -35.10 -39.20
CA THR F 194 19.69 -35.28 -40.60
C THR F 194 18.48 -35.02 -41.47
N PHE F 195 18.71 -34.26 -42.54
CA PHE F 195 17.69 -34.04 -43.57
C PHE F 195 18.30 -34.02 -44.97
N THR F 196 17.49 -34.44 -45.93
CA THR F 196 17.89 -34.47 -47.32
C THR F 196 16.94 -33.57 -48.11
N PHE F 197 17.53 -32.77 -49.00
CA PHE F 197 16.86 -31.63 -49.64
C PHE F 197 17.09 -31.49 -51.17
N LEU F 198 16.13 -30.85 -51.84
CA LEU F 198 16.25 -30.44 -53.24
C LEU F 198 16.13 -28.92 -53.47
N ILE F 199 17.28 -28.26 -53.64
CA ILE F 199 17.35 -26.86 -54.02
C ILE F 199 17.67 -26.75 -55.52
N LYS F 200 16.67 -26.31 -56.27
CA LYS F 200 16.80 -26.03 -57.70
C LYS F 200 16.22 -24.65 -57.94
N SER F 201 16.86 -23.88 -58.83
CA SER F 201 16.37 -22.59 -59.28
C SER F 201 16.87 -22.37 -60.70
N SER F 202 16.61 -21.16 -61.25
CA SER F 202 17.34 -20.65 -62.41
C SER F 202 17.01 -19.16 -62.38
N ASP F 203 17.66 -18.47 -61.42
CA ASP F 203 17.61 -17.01 -61.34
C ASP F 203 19.08 -16.63 -61.51
N SER F 204 19.51 -15.55 -60.84
CA SER F 204 20.95 -15.15 -60.83
C SER F 204 21.80 -16.02 -59.90
N HIS F 205 21.68 -15.76 -58.61
CA HIS F 205 21.95 -16.79 -57.62
C HIS F 205 20.51 -16.98 -57.16
N PRO F 206 20.14 -18.21 -56.74
CA PRO F 206 18.92 -18.43 -55.97
C PRO F 206 18.99 -17.72 -54.62
N ALA F 207 18.02 -18.01 -53.73
CA ALA F 207 17.88 -17.37 -52.43
C ALA F 207 16.72 -18.18 -51.83
N ASP F 208 16.59 -18.22 -50.50
CA ASP F 208 17.47 -17.48 -49.56
C ASP F 208 18.07 -18.62 -48.73
N GLY F 209 17.39 -19.76 -48.66
CA GLY F 209 17.99 -20.98 -48.05
C GLY F 209 17.23 -21.68 -46.93
N ILE F 210 17.77 -22.81 -46.48
CA ILE F 210 17.11 -23.68 -45.53
C ILE F 210 17.88 -23.76 -44.22
N ALA F 211 17.13 -23.98 -43.13
CA ALA F 211 17.71 -24.10 -41.79
C ALA F 211 17.11 -25.22 -40.90
N PHE F 212 17.95 -25.81 -40.04
CA PHE F 212 17.47 -26.61 -38.89
C PHE F 212 17.60 -25.71 -37.66
N PHE F 213 16.56 -25.64 -36.83
CA PHE F 213 16.60 -24.74 -35.66
C PHE F 213 16.15 -25.35 -34.31
N ILE F 214 16.55 -24.68 -33.22
CA ILE F 214 16.06 -25.00 -31.88
C ILE F 214 15.58 -23.74 -31.16
N SER F 215 14.36 -23.79 -30.60
CA SER F 215 13.74 -22.62 -30.00
C SER F 215 12.63 -23.01 -29.02
N ASN F 216 12.26 -22.07 -28.14
CA ASN F 216 11.20 -22.27 -27.11
C ASN F 216 9.82 -22.77 -27.63
N ILE F 217 9.12 -23.57 -26.80
CA ILE F 217 7.93 -24.35 -27.25
C ILE F 217 6.91 -23.56 -28.04
N ASP F 218 6.75 -22.28 -27.71
CA ASP F 218 5.76 -21.40 -28.34
C ASP F 218 6.32 -20.48 -29.46
N SER F 219 7.40 -20.89 -30.13
CA SER F 219 7.95 -20.11 -31.25
C SER F 219 7.05 -20.13 -32.47
N SER F 220 7.00 -18.99 -33.15
CA SER F 220 6.32 -18.91 -34.45
C SER F 220 7.01 -17.85 -35.30
N ILE F 221 6.59 -17.75 -36.57
CA ILE F 221 7.29 -16.92 -37.53
C ILE F 221 7.24 -15.44 -37.13
N PRO F 222 8.41 -14.84 -36.83
CA PRO F 222 8.51 -13.38 -36.81
C PRO F 222 8.17 -12.81 -38.16
N SER F 223 7.23 -11.88 -38.17
CA SER F 223 6.76 -11.19 -39.36
C SER F 223 7.89 -10.50 -40.13
N GLY F 224 7.79 -10.57 -41.45
CA GLY F 224 8.83 -10.03 -42.34
C GLY F 224 10.02 -10.94 -42.63
N SER F 225 10.32 -11.86 -41.71
CA SER F 225 11.48 -12.74 -41.84
C SER F 225 11.58 -13.57 -43.15
N THR F 226 10.65 -13.39 -44.09
CA THR F 226 10.77 -13.98 -45.41
C THR F 226 12.06 -13.46 -45.97
N GLY F 227 12.59 -14.11 -47.01
CA GLY F 227 13.81 -13.63 -47.67
C GLY F 227 15.03 -13.91 -46.81
N ARG F 228 15.91 -12.91 -46.66
CA ARG F 228 17.24 -13.08 -46.05
C ARG F 228 17.30 -13.42 -44.56
N LEU F 229 16.13 -13.54 -43.92
CA LEU F 229 16.03 -13.82 -42.47
C LEU F 229 15.48 -15.22 -42.13
N LEU F 230 15.38 -16.04 -43.19
CA LEU F 230 15.14 -17.50 -43.11
C LEU F 230 13.88 -17.94 -42.33
N GLY F 231 13.06 -16.97 -41.94
CA GLY F 231 11.87 -17.24 -41.15
C GLY F 231 12.29 -17.65 -39.76
N LEU F 232 13.36 -17.01 -39.27
CA LEU F 232 13.96 -17.32 -37.96
C LEU F 232 14.08 -16.11 -37.01
N PHE F 233 14.43 -14.95 -37.57
CA PHE F 233 14.70 -13.74 -36.77
C PHE F 233 13.85 -12.53 -37.19
N PRO F 234 13.39 -11.72 -36.19
CA PRO F 234 12.62 -10.50 -36.44
C PRO F 234 13.44 -9.29 -36.90
N ASP F 235 14.75 -9.28 -36.59
CA ASP F 235 15.69 -8.26 -37.10
C ASP F 235 17.12 -8.77 -37.36
N ALA F 236 17.92 -7.97 -38.06
CA ALA F 236 19.29 -8.34 -38.43
C ALA F 236 20.33 -7.73 -37.46
N ASN F 237 19.89 -7.44 -36.23
CA ASN F 237 20.77 -7.02 -35.14
C ASN F 237 21.85 -8.07 -34.93
N1 3XZ G . 5.00 11.04 9.24
N3 3XZ G . 5.07 9.85 11.32
C4 3XZ G . 6.10 9.06 10.89
C5 3XZ G . 6.64 9.26 9.54
C6 3XZ G . 6.02 10.31 8.71
C8 3XZ G . 7.72 7.66 10.52
C15 3XZ G . 11.39 1.69 16.29
O3P 3XZ G . 3.60 1.69 11.85
P 3XZ G . 4.98 2.27 12.12
O1P 3XZ G . 5.68 1.97 13.44
O2P 3XZ G . 5.79 2.67 10.93
O5' 3XZ G . 4.37 3.31 12.91
C5' 3XZ G . 4.12 4.70 13.05
C4' 3XZ G . 5.46 5.32 13.37
C3' 3XZ G . 5.36 6.44 14.41
O3' 3XZ G . 6.36 6.23 15.41
C2' 3XZ G . 5.72 7.74 13.70
C1' 3XZ G . 6.49 7.22 12.49
O4' 3XZ G . 6.01 5.90 12.19
N9 3XZ G . 6.81 8.08 11.42
N7 3XZ G . 7.62 8.36 9.37
C2 3XZ G . 4.55 10.80 10.51
N6 3XZ G . 6.47 10.52 7.46
C5A 3XZ G . 6.81 2.78 14.12
C4A 3XZ G . 7.92 3.39 13.28
C3A 3XZ G . 8.59 2.32 12.41
O3A 3XZ G . 8.46 2.67 11.03
C2A 3XZ G . 10.06 2.32 12.82
C1A 3XZ G . 10.20 3.38 13.91
O4A 3XZ G . 8.92 3.95 14.12
N19 3XZ G . 10.89 3.30 14.81
C14 3XZ G . 10.36 2.63 15.83
N17 3XZ G . 12.46 1.87 15.50
C18 3XZ G . 12.15 2.84 14.61
N13 3XZ G . 9.16 2.65 16.47
C12 3XZ G . 8.92 1.82 17.50
N11 3XZ G . 9.82 0.93 17.97
C16 3XZ G . 11.04 0.81 17.43
N16 3XZ G . 11.94 -0.09 17.92
#